data_2OS1
# 
_entry.id   2OS1 
# 
_audit_conform.dict_name       mmcif_pdbx.dic 
_audit_conform.dict_version    5.380 
_audit_conform.dict_location   http://mmcif.pdb.org/dictionaries/ascii/mmcif_pdbx.dic 
# 
loop_
_database_2.database_id 
_database_2.database_code 
_database_2.pdbx_database_accession 
_database_2.pdbx_DOI 
PDB   2OS1         pdb_00002os1 10.2210/pdb2os1/pdb 
RCSB  RCSB041514   ?            ?                   
WWPDB D_1000041514 ?            ?                   
# 
loop_
_pdbx_database_related.db_name 
_pdbx_database_related.db_id 
_pdbx_database_related.details 
_pdbx_database_related.content_type 
PDB 2OS0 . unspecified 
PDB 2OS3 . unspecified 
# 
_pdbx_database_status.status_code                     REL 
_pdbx_database_status.entry_id                        2OS1 
_pdbx_database_status.recvd_initial_deposition_date   2007-02-05 
_pdbx_database_status.deposit_site                    RCSB 
_pdbx_database_status.process_site                    PDBJ 
_pdbx_database_status.status_code_sf                  REL 
_pdbx_database_status.status_code_mr                  ? 
_pdbx_database_status.SG_entry                        ? 
_pdbx_database_status.pdb_format_compatible           Y 
_pdbx_database_status.status_code_cs                  ? 
_pdbx_database_status.status_code_nmr_data            ? 
_pdbx_database_status.methods_development_category    ? 
# 
loop_
_audit_author.name 
_audit_author.pdbx_ordinal 
'Kim, E.E.'  1 
'Kim, K.-H.' 2 
'Moon, J.H.' 3 
'Choi, K.'   4 
'Lee, H.K.'  5 
'Park, H.S.' 6 
# 
_citation.id                        primary 
_citation.title                     'Structures of actinonin bound peptide deformylases from E. faecalis and S. pyogenes' 
_citation.journal_abbrev            'To be Published' 
_citation.journal_volume            ? 
_citation.page_first                ? 
_citation.page_last                 ? 
_citation.year                      ? 
_citation.journal_id_ASTM           ? 
_citation.country                   ? 
_citation.journal_id_ISSN           ? 
_citation.journal_id_CSD            0353 
_citation.book_publisher            ? 
_citation.pdbx_database_id_PubMed   ? 
_citation.pdbx_database_id_DOI      ? 
# 
loop_
_citation_author.citation_id 
_citation_author.name 
_citation_author.ordinal 
_citation_author.identifier_ORCID 
primary 'Kim, E.E.'  1 ? 
primary 'Kim, K.-H.' 2 ? 
primary 'Moon, J.H.' 3 ? 
primary 'Choi, K.'   4 ? 
primary 'Lee, H.K.'  5 ? 
primary 'Park, H.S.' 6 ? 
# 
_cell.entry_id           2OS1 
_cell.length_a           67.999 
_cell.length_b           67.999 
_cell.length_c           41.127 
_cell.angle_alpha        90.00 
_cell.angle_beta         90.00 
_cell.angle_gamma        90.00 
_cell.Z_PDB              4 
_cell.pdbx_unique_axis   ? 
_cell.length_a_esd       ? 
_cell.length_b_esd       ? 
_cell.length_c_esd       ? 
_cell.angle_alpha_esd    ? 
_cell.angle_beta_esd     ? 
_cell.angle_gamma_esd    ? 
# 
_symmetry.entry_id                         2OS1 
_symmetry.space_group_name_H-M             'P 43' 
_symmetry.pdbx_full_space_group_name_H-M   ? 
_symmetry.cell_setting                     ? 
_symmetry.Int_Tables_number                78 
_symmetry.space_group_name_Hall            ? 
# 
loop_
_entity.id 
_entity.type 
_entity.src_method 
_entity.pdbx_description 
_entity.formula_weight 
_entity.pdbx_number_of_molecules 
_entity.pdbx_ec 
_entity.pdbx_mutation 
_entity.pdbx_fragment 
_entity.details 
1 polymer     man 'Peptide deformylase' 21051.033 1   3.5.1.88 ? ? ? 
2 non-polymer syn 'NICKEL (II) ION'     58.693    1   ?        ? ? ? 
3 non-polymer syn 'SULFATE ION'         96.063    3   ?        ? ? ? 
4 non-polymer syn ACTINONIN             385.498   1   ?        ? ? ? 
5 water       nat water                 18.015    210 ?        ? ? ? 
# 
_entity_name_com.entity_id   1 
_entity_name_com.name        'PDF, Polypeptide deformylase' 
# 
_entity_poly.entity_id                      1 
_entity_poly.type                           'polypeptide(L)' 
_entity_poly.nstd_linkage                   no 
_entity_poly.nstd_monomer                   no 
_entity_poly.pdbx_seq_one_letter_code       
;MITMKDIIREGNPTLRAVAEEVPVPITEEDRQLGEDMLTFLKNSQDPVKAEELQLRGGVGLAAPQLDISKRIIAVHVPSN
DPENETPSLSTVMYNPKILSHSVQDVCLGEGEGCLSVDRDVPGYVVRHNKITVSYFDMAGEKHKVRLKNYEAIVVQHEID
HINGIMFYDHINKENPFALKEGVLVIEL
;
_entity_poly.pdbx_seq_one_letter_code_can   
;MITMKDIIREGNPTLRAVAEEVPVPITEEDRQLGEDMLTFLKNSQDPVKAEELQLRGGVGLAAPQLDISKRIIAVHVPSN
DPENETPSLSTVMYNPKILSHSVQDVCLGEGEGCLSVDRDVPGYVVRHNKITVSYFDMAGEKHKVRLKNYEAIVVQHEID
HINGIMFYDHINKENPFALKEGVLVIEL
;
_entity_poly.pdbx_strand_id                 A 
_entity_poly.pdbx_target_identifier         ? 
# 
loop_
_entity_poly_seq.entity_id 
_entity_poly_seq.num 
_entity_poly_seq.mon_id 
_entity_poly_seq.hetero 
1 1   MET n 
1 2   ILE n 
1 3   THR n 
1 4   MET n 
1 5   LYS n 
1 6   ASP n 
1 7   ILE n 
1 8   ILE n 
1 9   ARG n 
1 10  GLU n 
1 11  GLY n 
1 12  ASN n 
1 13  PRO n 
1 14  THR n 
1 15  LEU n 
1 16  ARG n 
1 17  ALA n 
1 18  VAL n 
1 19  ALA n 
1 20  GLU n 
1 21  GLU n 
1 22  VAL n 
1 23  PRO n 
1 24  VAL n 
1 25  PRO n 
1 26  ILE n 
1 27  THR n 
1 28  GLU n 
1 29  GLU n 
1 30  ASP n 
1 31  ARG n 
1 32  GLN n 
1 33  LEU n 
1 34  GLY n 
1 35  GLU n 
1 36  ASP n 
1 37  MET n 
1 38  LEU n 
1 39  THR n 
1 40  PHE n 
1 41  LEU n 
1 42  LYS n 
1 43  ASN n 
1 44  SER n 
1 45  GLN n 
1 46  ASP n 
1 47  PRO n 
1 48  VAL n 
1 49  LYS n 
1 50  ALA n 
1 51  GLU n 
1 52  GLU n 
1 53  LEU n 
1 54  GLN n 
1 55  LEU n 
1 56  ARG n 
1 57  GLY n 
1 58  GLY n 
1 59  VAL n 
1 60  GLY n 
1 61  LEU n 
1 62  ALA n 
1 63  ALA n 
1 64  PRO n 
1 65  GLN n 
1 66  LEU n 
1 67  ASP n 
1 68  ILE n 
1 69  SER n 
1 70  LYS n 
1 71  ARG n 
1 72  ILE n 
1 73  ILE n 
1 74  ALA n 
1 75  VAL n 
1 76  HIS n 
1 77  VAL n 
1 78  PRO n 
1 79  SER n 
1 80  ASN n 
1 81  ASP n 
1 82  PRO n 
1 83  GLU n 
1 84  ASN n 
1 85  GLU n 
1 86  THR n 
1 87  PRO n 
1 88  SER n 
1 89  LEU n 
1 90  SER n 
1 91  THR n 
1 92  VAL n 
1 93  MET n 
1 94  TYR n 
1 95  ASN n 
1 96  PRO n 
1 97  LYS n 
1 98  ILE n 
1 99  LEU n 
1 100 SER n 
1 101 HIS n 
1 102 SER n 
1 103 VAL n 
1 104 GLN n 
1 105 ASP n 
1 106 VAL n 
1 107 CYS n 
1 108 LEU n 
1 109 GLY n 
1 110 GLU n 
1 111 GLY n 
1 112 GLU n 
1 113 GLY n 
1 114 CYS n 
1 115 LEU n 
1 116 SER n 
1 117 VAL n 
1 118 ASP n 
1 119 ARG n 
1 120 ASP n 
1 121 VAL n 
1 122 PRO n 
1 123 GLY n 
1 124 TYR n 
1 125 VAL n 
1 126 VAL n 
1 127 ARG n 
1 128 HIS n 
1 129 ASN n 
1 130 LYS n 
1 131 ILE n 
1 132 THR n 
1 133 VAL n 
1 134 SER n 
1 135 TYR n 
1 136 PHE n 
1 137 ASP n 
1 138 MET n 
1 139 ALA n 
1 140 GLY n 
1 141 GLU n 
1 142 LYS n 
1 143 HIS n 
1 144 LYS n 
1 145 VAL n 
1 146 ARG n 
1 147 LEU n 
1 148 LYS n 
1 149 ASN n 
1 150 TYR n 
1 151 GLU n 
1 152 ALA n 
1 153 ILE n 
1 154 VAL n 
1 155 VAL n 
1 156 GLN n 
1 157 HIS n 
1 158 GLU n 
1 159 ILE n 
1 160 ASP n 
1 161 HIS n 
1 162 ILE n 
1 163 ASN n 
1 164 GLY n 
1 165 ILE n 
1 166 MET n 
1 167 PHE n 
1 168 TYR n 
1 169 ASP n 
1 170 HIS n 
1 171 ILE n 
1 172 ASN n 
1 173 LYS n 
1 174 GLU n 
1 175 ASN n 
1 176 PRO n 
1 177 PHE n 
1 178 ALA n 
1 179 LEU n 
1 180 LYS n 
1 181 GLU n 
1 182 GLY n 
1 183 VAL n 
1 184 LEU n 
1 185 VAL n 
1 186 ILE n 
1 187 GLU n 
1 188 LEU n 
# 
_entity_src_gen.entity_id                          1 
_entity_src_gen.pdbx_src_id                        1 
_entity_src_gen.pdbx_alt_source_flag               sample 
_entity_src_gen.pdbx_seq_type                      ? 
_entity_src_gen.pdbx_beg_seq_num                   ? 
_entity_src_gen.pdbx_end_seq_num                   ? 
_entity_src_gen.gene_src_common_name               ? 
_entity_src_gen.gene_src_genus                     Enterococcus 
_entity_src_gen.pdbx_gene_src_gene                 def 
_entity_src_gen.gene_src_species                   ? 
_entity_src_gen.gene_src_strain                    'ATCC 700802' 
_entity_src_gen.gene_src_tissue                    ? 
_entity_src_gen.gene_src_tissue_fraction           ? 
_entity_src_gen.gene_src_details                   ? 
_entity_src_gen.pdbx_gene_src_fragment             ? 
_entity_src_gen.pdbx_gene_src_scientific_name      'Enterococcus faecalis' 
_entity_src_gen.pdbx_gene_src_ncbi_taxonomy_id     1351 
_entity_src_gen.pdbx_gene_src_variant              ? 
_entity_src_gen.pdbx_gene_src_cell_line            ? 
_entity_src_gen.pdbx_gene_src_atcc                 ? 
_entity_src_gen.pdbx_gene_src_organ                ? 
_entity_src_gen.pdbx_gene_src_organelle            ? 
_entity_src_gen.pdbx_gene_src_cell                 ? 
_entity_src_gen.pdbx_gene_src_cellular_location    ? 
_entity_src_gen.host_org_common_name               ? 
_entity_src_gen.pdbx_host_org_scientific_name      'Escherichia coli BL21(DE3)' 
_entity_src_gen.pdbx_host_org_ncbi_taxonomy_id     469008 
_entity_src_gen.host_org_genus                     Escherichia 
_entity_src_gen.pdbx_host_org_gene                 ? 
_entity_src_gen.pdbx_host_org_organ                ? 
_entity_src_gen.host_org_species                   'Escherichia coli' 
_entity_src_gen.pdbx_host_org_tissue               ? 
_entity_src_gen.pdbx_host_org_tissue_fraction      ? 
_entity_src_gen.pdbx_host_org_strain               'BL21(DE3)' 
_entity_src_gen.pdbx_host_org_variant              ? 
_entity_src_gen.pdbx_host_org_cell_line            ? 
_entity_src_gen.pdbx_host_org_atcc                 ? 
_entity_src_gen.pdbx_host_org_culture_collection   ? 
_entity_src_gen.pdbx_host_org_cell                 ? 
_entity_src_gen.pdbx_host_org_organelle            ? 
_entity_src_gen.pdbx_host_org_cellular_location    ? 
_entity_src_gen.pdbx_host_org_vector_type          PLASMID 
_entity_src_gen.pdbx_host_org_vector               ? 
_entity_src_gen.host_org_details                   ? 
_entity_src_gen.expression_system_id               ? 
_entity_src_gen.plasmid_name                       pET22b 
_entity_src_gen.plasmid_details                    ? 
_entity_src_gen.pdbx_description                   ? 
# 
_struct_ref.id                         1 
_struct_ref.db_name                    UNP 
_struct_ref.db_code                    DEF_ENTFA 
_struct_ref.pdbx_db_accession          Q82ZJ0 
_struct_ref.entity_id                  1 
_struct_ref.pdbx_seq_one_letter_code   
;MITMKDIIREGNPTLRAVAEEVPVPITEEDRQLGEDMLTFLKNSQDPVKAEELQLRGGVGLAAPQLDISKRIIAVHVPSN
DPENETPSLSTVMYNPKILSHSVQDVCLGEGEGCLSVDRDVPGYVVRHNKITVSYFDMAGEKHKVRLKNYEAIVVQHEID
HINGIMFYDHINKENPFALKEGVLVIE
;
_struct_ref.pdbx_align_begin           1 
_struct_ref.pdbx_db_isoform            ? 
# 
_struct_ref_seq.align_id                      1 
_struct_ref_seq.ref_id                        1 
_struct_ref_seq.pdbx_PDB_id_code              2OS1 
_struct_ref_seq.pdbx_strand_id                A 
_struct_ref_seq.seq_align_beg                 1 
_struct_ref_seq.pdbx_seq_align_beg_ins_code   ? 
_struct_ref_seq.seq_align_end                 187 
_struct_ref_seq.pdbx_seq_align_end_ins_code   ? 
_struct_ref_seq.pdbx_db_accession             Q82ZJ0 
_struct_ref_seq.db_align_beg                  1 
_struct_ref_seq.pdbx_db_align_beg_ins_code    ? 
_struct_ref_seq.db_align_end                  187 
_struct_ref_seq.pdbx_db_align_end_ins_code    ? 
_struct_ref_seq.pdbx_auth_seq_align_beg       1 
_struct_ref_seq.pdbx_auth_seq_align_end       187 
# 
_struct_ref_seq_dif.align_id                     1 
_struct_ref_seq_dif.pdbx_pdb_id_code             2OS1 
_struct_ref_seq_dif.mon_id                       LEU 
_struct_ref_seq_dif.pdbx_pdb_strand_id           A 
_struct_ref_seq_dif.seq_num                      188 
_struct_ref_seq_dif.pdbx_pdb_ins_code            ? 
_struct_ref_seq_dif.pdbx_seq_db_name             UNP 
_struct_ref_seq_dif.pdbx_seq_db_accession_code   Q82ZJ0 
_struct_ref_seq_dif.db_mon_id                    ? 
_struct_ref_seq_dif.pdbx_seq_db_seq_num          ? 
_struct_ref_seq_dif.details                      'expression tag' 
_struct_ref_seq_dif.pdbx_auth_seq_num            188 
_struct_ref_seq_dif.pdbx_ordinal                 1 
# 
loop_
_chem_comp.id 
_chem_comp.type 
_chem_comp.mon_nstd_flag 
_chem_comp.name 
_chem_comp.pdbx_synonyms 
_chem_comp.formula 
_chem_comp.formula_weight 
ALA 'L-peptide linking' y ALANINE           ? 'C3 H7 N O2'     89.093  
ARG 'L-peptide linking' y ARGININE          ? 'C6 H15 N4 O2 1' 175.209 
ASN 'L-peptide linking' y ASPARAGINE        ? 'C4 H8 N2 O3'    132.118 
ASP 'L-peptide linking' y 'ASPARTIC ACID'   ? 'C4 H7 N O4'     133.103 
BB2 non-polymer         . ACTINONIN         
'2-[(FORMYL-HYDROXY-AMINO)-METHYL]-HEPTANOIC ACID [1-(2-HYDROXYMETHYL-PYRROLIDINE-1-CARBONYL)-2-METHYL-PROPYL]-AMIDE' 
'C19 H35 N3 O5'  385.498 
CYS 'L-peptide linking' y CYSTEINE          ? 'C3 H7 N O2 S'   121.158 
GLN 'L-peptide linking' y GLUTAMINE         ? 'C5 H10 N2 O3'   146.144 
GLU 'L-peptide linking' y 'GLUTAMIC ACID'   ? 'C5 H9 N O4'     147.129 
GLY 'peptide linking'   y GLYCINE           ? 'C2 H5 N O2'     75.067  
HIS 'L-peptide linking' y HISTIDINE         ? 'C6 H10 N3 O2 1' 156.162 
HOH non-polymer         . WATER             ? 'H2 O'           18.015  
ILE 'L-peptide linking' y ISOLEUCINE        ? 'C6 H13 N O2'    131.173 
LEU 'L-peptide linking' y LEUCINE           ? 'C6 H13 N O2'    131.173 
LYS 'L-peptide linking' y LYSINE            ? 'C6 H15 N2 O2 1' 147.195 
MET 'L-peptide linking' y METHIONINE        ? 'C5 H11 N O2 S'  149.211 
NI  non-polymer         . 'NICKEL (II) ION' ? 'Ni 2'           58.693  
PHE 'L-peptide linking' y PHENYLALANINE     ? 'C9 H11 N O2'    165.189 
PRO 'L-peptide linking' y PROLINE           ? 'C5 H9 N O2'     115.130 
SER 'L-peptide linking' y SERINE            ? 'C3 H7 N O3'     105.093 
SO4 non-polymer         . 'SULFATE ION'     ? 'O4 S -2'        96.063  
THR 'L-peptide linking' y THREONINE         ? 'C4 H9 N O3'     119.119 
TYR 'L-peptide linking' y TYROSINE          ? 'C9 H11 N O3'    181.189 
VAL 'L-peptide linking' y VALINE            ? 'C5 H11 N O2'    117.146 
# 
_exptl.entry_id          2OS1 
_exptl.method            'X-RAY DIFFRACTION' 
_exptl.crystals_number   1 
# 
_exptl_crystal.id                    1 
_exptl_crystal.density_meas          ? 
_exptl_crystal.density_Matthews      2.26 
_exptl_crystal.density_percent_sol   45.51 
_exptl_crystal.description           ? 
_exptl_crystal.F_000                 ? 
_exptl_crystal.preparation           ? 
# 
_exptl_crystal_grow.crystal_id      1 
_exptl_crystal_grow.method          'VAPOR DIFFUSION, HANGING DROP' 
_exptl_crystal_grow.temp            294 
_exptl_crystal_grow.temp_details    ? 
_exptl_crystal_grow.pH              7.4 
_exptl_crystal_grow.pdbx_details    '16% PEG 8000, 0.2M Ammonium sulfate, pH 7.4, VAPOR DIFFUSION, HANGING DROP, temperature 294K' 
_exptl_crystal_grow.pdbx_pH_range   . 
# 
_diffrn.id                     1 
_diffrn.ambient_temp           100 
_diffrn.ambient_temp_details   ? 
_diffrn.crystal_id             1 
# 
_diffrn_detector.diffrn_id              1 
_diffrn_detector.detector               CCD 
_diffrn_detector.type                   'BRUKER PROTEUM 300' 
_diffrn_detector.pdbx_collection_date   2004-11-26 
_diffrn_detector.details                mirrors 
# 
_diffrn_radiation.diffrn_id                        1 
_diffrn_radiation.wavelength_id                    1 
_diffrn_radiation.pdbx_monochromatic_or_laue_m_l   M 
_diffrn_radiation.monochromator                    'DOUBLE CRYSTAL' 
_diffrn_radiation.pdbx_diffrn_protocol             'SINGLE WAVELENGTH' 
_diffrn_radiation.pdbx_scattering_type             x-ray 
# 
_diffrn_radiation_wavelength.id           1 
_diffrn_radiation_wavelength.wavelength   1.12714 
_diffrn_radiation_wavelength.wt           1.0 
# 
_diffrn_source.diffrn_id                   1 
_diffrn_source.source                      SYNCHROTRON 
_diffrn_source.type                        'PAL/PLS BEAMLINE 6B' 
_diffrn_source.pdbx_synchrotron_site       PAL/PLS 
_diffrn_source.pdbx_synchrotron_beamline   6B 
_diffrn_source.pdbx_wavelength             ? 
_diffrn_source.pdbx_wavelength_list        1.12714 
# 
_reflns.entry_id                     2OS1 
_reflns.observed_criterion_sigma_I   0.0 
_reflns.observed_criterion_sigma_F   0.0 
_reflns.d_resolution_low             50 
_reflns.d_resolution_high            1.4 
_reflns.number_obs                   37104 
_reflns.number_all                   ? 
_reflns.percent_possible_obs         86.4 
_reflns.pdbx_Rmerge_I_obs            0.052 
_reflns.pdbx_Rsym_value              ? 
_reflns.pdbx_netI_over_sigmaI        28.3 
_reflns.B_iso_Wilson_estimate        11.9 
_reflns.pdbx_redundancy              ? 
_reflns.R_free_details               ? 
_reflns.limit_h_max                  ? 
_reflns.limit_h_min                  ? 
_reflns.limit_k_max                  ? 
_reflns.limit_k_min                  ? 
_reflns.limit_l_max                  ? 
_reflns.limit_l_min                  ? 
_reflns.observed_criterion_F_max     ? 
_reflns.observed_criterion_F_min     ? 
_reflns.pdbx_chi_squared             ? 
_reflns.pdbx_scaling_rejects         ? 
_reflns.pdbx_diffrn_id               1 
_reflns.pdbx_ordinal                 1 
# 
_reflns_shell.d_res_high             1.40 
_reflns_shell.d_res_low              1.45 
_reflns_shell.percent_possible_all   19.6 
_reflns_shell.Rmerge_I_obs           0.283 
_reflns_shell.pdbx_Rsym_value        ? 
_reflns_shell.meanI_over_sigI_obs    4.5 
_reflns_shell.pdbx_redundancy        ? 
_reflns_shell.percent_possible_obs   ? 
_reflns_shell.number_unique_all      ? 
_reflns_shell.number_measured_all    ? 
_reflns_shell.number_measured_obs    ? 
_reflns_shell.number_unique_obs      ? 
_reflns_shell.pdbx_chi_squared       ? 
_reflns_shell.pdbx_diffrn_id         ? 
_reflns_shell.pdbx_ordinal           1 
# 
_refine.entry_id                                 2OS1 
_refine.ls_number_reflns_obs                     28932 
_refine.ls_number_reflns_all                     ? 
_refine.pdbx_ls_sigma_I                          ? 
_refine.pdbx_ls_sigma_F                          0.0 
_refine.pdbx_data_cutoff_high_absF               336726.92 
_refine.pdbx_data_cutoff_low_absF                0.000000 
_refine.pdbx_data_cutoff_high_rms_absF           ? 
_refine.ls_d_res_low                             24.04 
_refine.ls_d_res_high                            1.50 
_refine.ls_percent_reflns_obs                    95.5 
_refine.ls_R_factor_obs                          0.186 
_refine.ls_R_factor_all                          ? 
_refine.ls_R_factor_R_work                       0.186 
_refine.ls_R_factor_R_free                       0.198 
_refine.ls_R_factor_R_free_error                 0.005 
_refine.ls_R_factor_R_free_error_details         ? 
_refine.ls_percent_reflns_R_free                 5.0 
_refine.ls_number_reflns_R_free                  1443 
_refine.ls_number_parameters                     ? 
_refine.ls_number_restraints                     ? 
_refine.occupancy_min                            ? 
_refine.occupancy_max                            ? 
_refine.correlation_coeff_Fo_to_Fc               ? 
_refine.correlation_coeff_Fo_to_Fc_free          ? 
_refine.B_iso_mean                               13.2 
_refine.aniso_B[1][1]                            1.45 
_refine.aniso_B[2][2]                            1.45 
_refine.aniso_B[3][3]                            -2.90 
_refine.aniso_B[1][2]                            0.00 
_refine.aniso_B[1][3]                            0.00 
_refine.aniso_B[2][3]                            0.00 
_refine.solvent_model_details                    'FLAT MODEL' 
_refine.solvent_model_param_ksol                 0.377374 
_refine.solvent_model_param_bsol                 45.0861 
_refine.pdbx_solvent_vdw_probe_radii             ? 
_refine.pdbx_solvent_ion_probe_radii             ? 
_refine.pdbx_solvent_shrinkage_radii             ? 
_refine.pdbx_ls_cross_valid_method               THROUGHOUT 
_refine.details                                  ? 
_refine.pdbx_starting_model                      'PDB ENTRY 1LQY' 
_refine.pdbx_method_to_determine_struct          'MOLECULAR REPLACEMENT' 
_refine.pdbx_isotropic_thermal_model             RESTRAINED 
_refine.pdbx_stereochemistry_target_values       ? 
_refine.pdbx_stereochem_target_val_spec_case     ? 
_refine.pdbx_R_Free_selection_details            RANDOM 
_refine.pdbx_overall_ESU_R                       ? 
_refine.pdbx_overall_ESU_R_Free                  ? 
_refine.overall_SU_ML                            ? 
_refine.overall_SU_B                             ? 
_refine.ls_redundancy_reflns_obs                 ? 
_refine.B_iso_min                                ? 
_refine.B_iso_max                                ? 
_refine.overall_SU_R_Cruickshank_DPI             ? 
_refine.overall_SU_R_free                        ? 
_refine.ls_wR_factor_R_free                      ? 
_refine.ls_wR_factor_R_work                      ? 
_refine.overall_FOM_free_R_set                   ? 
_refine.overall_FOM_work_R_set                   ? 
_refine.pdbx_overall_phase_error                 ? 
_refine.pdbx_refine_id                           'X-RAY DIFFRACTION' 
_refine.pdbx_diffrn_id                           1 
_refine.pdbx_TLS_residual_ADP_flag               ? 
_refine.pdbx_overall_SU_R_free_Cruickshank_DPI   ? 
_refine.pdbx_overall_SU_R_Blow_DPI               ? 
_refine.pdbx_overall_SU_R_free_Blow_DPI          ? 
# 
_refine_analyze.entry_id                        2OS1 
_refine_analyze.Luzzati_coordinate_error_obs    0.15 
_refine_analyze.Luzzati_sigma_a_obs             0.08 
_refine_analyze.Luzzati_d_res_low_obs           5.00 
_refine_analyze.Luzzati_coordinate_error_free   0.17 
_refine_analyze.Luzzati_sigma_a_free            0.12 
_refine_analyze.Luzzati_d_res_low_free          ? 
_refine_analyze.number_disordered_residues      ? 
_refine_analyze.occupancy_sum_hydrogen          ? 
_refine_analyze.occupancy_sum_non_hydrogen      ? 
_refine_analyze.pdbx_Luzzati_d_res_high_obs     ? 
_refine_analyze.pdbx_refine_id                  'X-RAY DIFFRACTION' 
# 
_refine_hist.pdbx_refine_id                   'X-RAY DIFFRACTION' 
_refine_hist.cycle_id                         LAST 
_refine_hist.pdbx_number_atoms_protein        1405 
_refine_hist.pdbx_number_atoms_nucleic_acid   0 
_refine_hist.pdbx_number_atoms_ligand         43 
_refine_hist.number_atoms_solvent             210 
_refine_hist.number_atoms_total               1658 
_refine_hist.d_res_high                       1.50 
_refine_hist.d_res_low                        24.04 
# 
loop_
_refine_ls_restr.type 
_refine_ls_restr.dev_ideal 
_refine_ls_restr.dev_ideal_target 
_refine_ls_restr.weight 
_refine_ls_restr.number 
_refine_ls_restr.pdbx_refine_id 
_refine_ls_restr.pdbx_restraint_function 
c_bond_d           0.014 ?    ? ? 'X-RAY DIFFRACTION' ? 
c_angle_deg        1.4   ?    ? ? 'X-RAY DIFFRACTION' ? 
c_dihedral_angle_d 24.0  ?    ? ? 'X-RAY DIFFRACTION' ? 
c_improper_angle_d 1.00  ?    ? ? 'X-RAY DIFFRACTION' ? 
c_mcbond_it        1.59  1.50 ? ? 'X-RAY DIFFRACTION' ? 
c_mcangle_it       2.63  2.00 ? ? 'X-RAY DIFFRACTION' ? 
c_scbond_it        2.50  2.00 ? ? 'X-RAY DIFFRACTION' ? 
c_scangle_it       3.82  2.50 ? ? 'X-RAY DIFFRACTION' ? 
# 
_refine_ls_shell.pdbx_total_number_of_bins_used   6 
_refine_ls_shell.d_res_high                       1.50 
_refine_ls_shell.d_res_low                        1.59 
_refine_ls_shell.number_reflns_R_work             4130 
_refine_ls_shell.R_factor_R_work                  0.221 
_refine_ls_shell.percent_reflns_obs               87.5 
_refine_ls_shell.R_factor_R_free                  0.24 
_refine_ls_shell.R_factor_R_free_error            0.015 
_refine_ls_shell.percent_reflns_R_free            5.5 
_refine_ls_shell.number_reflns_R_free             241 
_refine_ls_shell.number_reflns_all                ? 
_refine_ls_shell.R_factor_all                     ? 
_refine_ls_shell.number_reflns_obs                ? 
_refine_ls_shell.redundancy_reflns_obs            ? 
_refine_ls_shell.pdbx_refine_id                   'X-RAY DIFFRACTION' 
# 
loop_
_pdbx_xplor_file.serial_no 
_pdbx_xplor_file.param_file 
_pdbx_xplor_file.topol_file 
_pdbx_xplor_file.pdbx_refine_id 
1 protein_rep.param protein.top 'X-RAY DIFFRACTION' 
2 ion.param         ion.top     'X-RAY DIFFRACTION' 
3 water.param       water.top   'X-RAY DIFFRACTION' 
4 bb2.param         bb2.top     'X-RAY DIFFRACTION' 
# 
_struct.entry_id                  2OS1 
_struct.title                     'Structures of actinonin bound peptide deformylases from E. faecalis and S. pyogenes' 
_struct.pdbx_model_details        ? 
_struct.pdbx_CASP_flag            ? 
_struct.pdbx_model_type_details   ? 
# 
_struct_keywords.entry_id        2OS1 
_struct_keywords.pdbx_keywords   HYDROLASE 
_struct_keywords.text            'PDF, peptide deformylase, HYDROLASE' 
# 
loop_
_struct_asym.id 
_struct_asym.pdbx_blank_PDB_chainid_flag 
_struct_asym.pdbx_modified 
_struct_asym.entity_id 
_struct_asym.details 
A N N 1 ? 
B N N 2 ? 
C N N 3 ? 
D N N 3 ? 
E N N 3 ? 
F N N 4 ? 
G N N 5 ? 
# 
_struct_biol.id        1 
_struct_biol.details   ? 
# 
loop_
_struct_conf.conf_type_id 
_struct_conf.id 
_struct_conf.pdbx_PDB_helix_id 
_struct_conf.beg_label_comp_id 
_struct_conf.beg_label_asym_id 
_struct_conf.beg_label_seq_id 
_struct_conf.pdbx_beg_PDB_ins_code 
_struct_conf.end_label_comp_id 
_struct_conf.end_label_asym_id 
_struct_conf.end_label_seq_id 
_struct_conf.pdbx_end_PDB_ins_code 
_struct_conf.beg_auth_comp_id 
_struct_conf.beg_auth_asym_id 
_struct_conf.beg_auth_seq_id 
_struct_conf.end_auth_comp_id 
_struct_conf.end_auth_asym_id 
_struct_conf.end_auth_seq_id 
_struct_conf.pdbx_PDB_helix_class 
_struct_conf.details 
_struct_conf.pdbx_PDB_helix_length 
HELX_P HELX_P1 1 THR A 3   ? ILE A 7   ? THR A 3   ILE A 7   5 ? 5  
HELX_P HELX_P2 2 ASN A 12  ? ALA A 17  ? ASN A 12  ALA A 17  5 ? 6  
HELX_P HELX_P3 3 THR A 27  ? ASP A 46  ? THR A 27  ASP A 46  1 ? 20 
HELX_P HELX_P4 4 ASP A 46  ? GLN A 54  ? ASP A 46  GLN A 54  1 ? 9  
HELX_P HELX_P5 5 PRO A 64  ? ASP A 67  ? PRO A 64  ASP A 67  5 ? 4  
HELX_P HELX_P6 6 ASN A 149 ? ASN A 163 ? ASN A 149 ASN A 163 1 ? 15 
HELX_P HELX_P7 7 MET A 166 ? ILE A 171 ? MET A 166 ILE A 171 5 ? 6  
# 
_struct_conf_type.id          HELX_P 
_struct_conf_type.criteria    ? 
_struct_conf_type.reference   ? 
# 
loop_
_struct_conn.id 
_struct_conn.conn_type_id 
_struct_conn.pdbx_leaving_atom_flag 
_struct_conn.pdbx_PDB_id 
_struct_conn.ptnr1_label_asym_id 
_struct_conn.ptnr1_label_comp_id 
_struct_conn.ptnr1_label_seq_id 
_struct_conn.ptnr1_label_atom_id 
_struct_conn.pdbx_ptnr1_label_alt_id 
_struct_conn.pdbx_ptnr1_PDB_ins_code 
_struct_conn.pdbx_ptnr1_standard_comp_id 
_struct_conn.ptnr1_symmetry 
_struct_conn.ptnr2_label_asym_id 
_struct_conn.ptnr2_label_comp_id 
_struct_conn.ptnr2_label_seq_id 
_struct_conn.ptnr2_label_atom_id 
_struct_conn.pdbx_ptnr2_label_alt_id 
_struct_conn.pdbx_ptnr2_PDB_ins_code 
_struct_conn.ptnr1_auth_asym_id 
_struct_conn.ptnr1_auth_comp_id 
_struct_conn.ptnr1_auth_seq_id 
_struct_conn.ptnr2_auth_asym_id 
_struct_conn.ptnr2_auth_comp_id 
_struct_conn.ptnr2_auth_seq_id 
_struct_conn.ptnr2_symmetry 
_struct_conn.pdbx_ptnr3_label_atom_id 
_struct_conn.pdbx_ptnr3_label_seq_id 
_struct_conn.pdbx_ptnr3_label_comp_id 
_struct_conn.pdbx_ptnr3_label_asym_id 
_struct_conn.pdbx_ptnr3_label_alt_id 
_struct_conn.pdbx_ptnr3_PDB_ins_code 
_struct_conn.details 
_struct_conn.pdbx_dist_value 
_struct_conn.pdbx_value_order 
_struct_conn.pdbx_role 
metalc1 metalc ? ? A HIS 157 NE2 ? ? ? 1_555 B NI  . NI ? ? A HIS 157 A NI  300 1_555 ? ? ? ? ? ? ? 2.354 ? ? 
metalc2 metalc ? ? A HIS 161 NE2 ? ? ? 1_555 B NI  . NI ? ? A HIS 161 A NI  300 1_555 ? ? ? ? ? ? ? 2.298 ? ? 
metalc3 metalc ? ? B NI  .   NI  ? ? ? 1_555 F BB2 . O2 ? ? A NI  300 A BB2 400 1_555 ? ? ? ? ? ? ? 2.247 ? ? 
# 
_struct_conn_type.id          metalc 
_struct_conn_type.criteria    ? 
_struct_conn_type.reference   ? 
# 
_struct_mon_prot_cis.pdbx_id                1 
_struct_mon_prot_cis.label_comp_id          VAL 
_struct_mon_prot_cis.label_seq_id           24 
_struct_mon_prot_cis.label_asym_id          A 
_struct_mon_prot_cis.label_alt_id           . 
_struct_mon_prot_cis.pdbx_PDB_ins_code      ? 
_struct_mon_prot_cis.auth_comp_id           VAL 
_struct_mon_prot_cis.auth_seq_id            24 
_struct_mon_prot_cis.auth_asym_id           A 
_struct_mon_prot_cis.pdbx_label_comp_id_2   PRO 
_struct_mon_prot_cis.pdbx_label_seq_id_2    25 
_struct_mon_prot_cis.pdbx_label_asym_id_2   A 
_struct_mon_prot_cis.pdbx_PDB_ins_code_2    ? 
_struct_mon_prot_cis.pdbx_auth_comp_id_2    PRO 
_struct_mon_prot_cis.pdbx_auth_seq_id_2     25 
_struct_mon_prot_cis.pdbx_auth_asym_id_2    A 
_struct_mon_prot_cis.pdbx_PDB_model_num     1 
_struct_mon_prot_cis.pdbx_omega_angle       0.32 
# 
loop_
_struct_sheet.id 
_struct_sheet.type 
_struct_sheet.number_strands 
_struct_sheet.details 
A ? 5 ? 
B ? 3 ? 
# 
loop_
_struct_sheet_order.sheet_id 
_struct_sheet_order.range_id_1 
_struct_sheet_order.range_id_2 
_struct_sheet_order.offset 
_struct_sheet_order.sense 
A 1 2 ? anti-parallel 
A 2 3 ? anti-parallel 
A 3 4 ? anti-parallel 
A 4 5 ? anti-parallel 
B 1 2 ? anti-parallel 
B 2 3 ? parallel      
# 
loop_
_struct_sheet_range.sheet_id 
_struct_sheet_range.id 
_struct_sheet_range.beg_label_comp_id 
_struct_sheet_range.beg_label_asym_id 
_struct_sheet_range.beg_label_seq_id 
_struct_sheet_range.pdbx_beg_PDB_ins_code 
_struct_sheet_range.end_label_comp_id 
_struct_sheet_range.end_label_asym_id 
_struct_sheet_range.end_label_seq_id 
_struct_sheet_range.pdbx_end_PDB_ins_code 
_struct_sheet_range.beg_auth_comp_id 
_struct_sheet_range.beg_auth_asym_id 
_struct_sheet_range.beg_auth_seq_id 
_struct_sheet_range.end_auth_comp_id 
_struct_sheet_range.end_auth_asym_id 
_struct_sheet_range.end_auth_seq_id 
A 1 GLY A 60  ? ALA A 62  ? GLY A 60  ALA A 62  
A 2 ILE A 72  ? VAL A 77  ? ILE A 72  VAL A 77  
A 3 LEU A 89  ? HIS A 101 ? LEU A 89  HIS A 101 
A 4 LYS A 130 ? PHE A 136 ? LYS A 130 PHE A 136 
A 5 LYS A 142 ? LYS A 148 ? LYS A 142 LYS A 148 
B 1 ARG A 127 ? HIS A 128 ? ARG A 127 HIS A 128 
B 2 ASP A 105 ? LEU A 108 ? ASP A 105 LEU A 108 
B 3 LEU A 184 ? ILE A 186 ? LEU A 184 ILE A 186 
# 
loop_
_pdbx_struct_sheet_hbond.sheet_id 
_pdbx_struct_sheet_hbond.range_id_1 
_pdbx_struct_sheet_hbond.range_id_2 
_pdbx_struct_sheet_hbond.range_1_label_atom_id 
_pdbx_struct_sheet_hbond.range_1_label_comp_id 
_pdbx_struct_sheet_hbond.range_1_label_asym_id 
_pdbx_struct_sheet_hbond.range_1_label_seq_id 
_pdbx_struct_sheet_hbond.range_1_PDB_ins_code 
_pdbx_struct_sheet_hbond.range_1_auth_atom_id 
_pdbx_struct_sheet_hbond.range_1_auth_comp_id 
_pdbx_struct_sheet_hbond.range_1_auth_asym_id 
_pdbx_struct_sheet_hbond.range_1_auth_seq_id 
_pdbx_struct_sheet_hbond.range_2_label_atom_id 
_pdbx_struct_sheet_hbond.range_2_label_comp_id 
_pdbx_struct_sheet_hbond.range_2_label_asym_id 
_pdbx_struct_sheet_hbond.range_2_label_seq_id 
_pdbx_struct_sheet_hbond.range_2_PDB_ins_code 
_pdbx_struct_sheet_hbond.range_2_auth_atom_id 
_pdbx_struct_sheet_hbond.range_2_auth_comp_id 
_pdbx_struct_sheet_hbond.range_2_auth_asym_id 
_pdbx_struct_sheet_hbond.range_2_auth_seq_id 
A 1 2 N LEU A 61  ? N LEU A 61  O ALA A 74  ? O ALA A 74  
A 2 3 N ILE A 73  ? N ILE A 73  O MET A 93  ? O MET A 93  
A 3 4 N TYR A 94  ? N TYR A 94  O PHE A 136 ? O PHE A 136 
A 4 5 N VAL A 133 ? N VAL A 133 O VAL A 145 ? O VAL A 145 
B 1 2 O ARG A 127 ? O ARG A 127 N VAL A 106 ? N VAL A 106 
B 2 3 N ASP A 105 ? N ASP A 105 O LEU A 184 ? O LEU A 184 
# 
loop_
_struct_site.id 
_struct_site.pdbx_evidence_code 
_struct_site.pdbx_auth_asym_id 
_struct_site.pdbx_auth_comp_id 
_struct_site.pdbx_auth_seq_id 
_struct_site.pdbx_auth_ins_code 
_struct_site.pdbx_num_residues 
_struct_site.details 
AC1 Software A NI  300 ? 4  'BINDING SITE FOR RESIDUE NI A 300'  
AC2 Software A SO4 501 ? 5  'BINDING SITE FOR RESIDUE SO4 A 501' 
AC3 Software A SO4 502 ? 4  'BINDING SITE FOR RESIDUE SO4 A 502' 
AC4 Software A SO4 503 ? 7  'BINDING SITE FOR RESIDUE SO4 A 503' 
AC5 Software A BB2 400 ? 17 'BINDING SITE FOR RESIDUE BB2 A 400' 
# 
loop_
_struct_site_gen.id 
_struct_site_gen.site_id 
_struct_site_gen.pdbx_num_res 
_struct_site_gen.label_comp_id 
_struct_site_gen.label_asym_id 
_struct_site_gen.label_seq_id 
_struct_site_gen.pdbx_auth_ins_code 
_struct_site_gen.auth_comp_id 
_struct_site_gen.auth_asym_id 
_struct_site_gen.auth_seq_id 
_struct_site_gen.label_atom_id 
_struct_site_gen.label_alt_id 
_struct_site_gen.symmetry 
_struct_site_gen.details 
1  AC1 4  GLN A 65  ? GLN A 65  . ? 1_555 ? 
2  AC1 4  CYS A 114 ? CYS A 114 . ? 1_555 ? 
3  AC1 4  HIS A 157 ? HIS A 157 . ? 1_555 ? 
4  AC1 4  HIS A 161 ? HIS A 161 . ? 1_555 ? 
5  AC2 5  SER A 100 ? SER A 100 . ? 1_555 ? 
6  AC2 5  THR A 132 ? THR A 132 . ? 1_555 ? 
7  AC2 5  LYS A 144 ? LYS A 144 . ? 1_555 ? 
8  AC2 5  ARG A 146 ? ARG A 146 . ? 1_555 ? 
9  AC2 5  HOH G .   ? HOH A 647 . ? 1_555 ? 
10 AC3 4  SER A 102 ? SER A 102 . ? 1_555 ? 
11 AC3 4  GLN A 104 ? GLN A 104 . ? 1_555 ? 
12 AC3 4  HOH G .   ? HOH A 664 . ? 1_555 ? 
13 AC3 4  HOH G .   ? HOH A 711 . ? 1_555 ? 
14 AC4 7  THR A 3   ? THR A 3   . ? 1_555 ? 
15 AC4 7  MET A 4   ? MET A 4   . ? 1_555 ? 
16 AC4 7  LYS A 5   ? LYS A 5   . ? 1_555 ? 
17 AC4 7  HOH G .   ? HOH A 547 . ? 1_555 ? 
18 AC4 7  HOH G .   ? HOH A 590 . ? 4_565 ? 
19 AC4 7  HOH G .   ? HOH A 600 . ? 1_555 ? 
20 AC4 7  HOH G .   ? HOH A 712 . ? 1_555 ? 
21 AC5 17 ARG A 56  ? ARG A 56  . ? 1_555 ? 
22 AC5 17 GLY A 57  ? GLY A 57  . ? 1_555 ? 
23 AC5 17 GLY A 58  ? GLY A 58  . ? 1_555 ? 
24 AC5 17 GLY A 60  ? GLY A 60  . ? 1_555 ? 
25 AC5 17 GLN A 65  ? GLN A 65  . ? 1_555 ? 
26 AC5 17 LEU A 108 ? LEU A 108 . ? 1_555 ? 
27 AC5 17 GLU A 110 ? GLU A 110 . ? 1_555 ? 
28 AC5 17 GLY A 111 ? GLY A 111 . ? 1_555 ? 
29 AC5 17 GLY A 113 ? GLY A 113 . ? 1_555 ? 
30 AC5 17 CYS A 114 ? CYS A 114 . ? 1_555 ? 
31 AC5 17 LEU A 115 ? LEU A 115 . ? 1_555 ? 
32 AC5 17 TYR A 150 ? TYR A 150 . ? 1_555 ? 
33 AC5 17 ILE A 153 ? ILE A 153 . ? 1_555 ? 
34 AC5 17 HIS A 157 ? HIS A 157 . ? 1_555 ? 
35 AC5 17 GLU A 158 ? GLU A 158 . ? 1_555 ? 
36 AC5 17 HIS A 161 ? HIS A 161 . ? 1_555 ? 
37 AC5 17 LEU A 188 ? LEU A 188 . ? 1_555 ? 
# 
_atom_sites.entry_id                    2OS1 
_atom_sites.fract_transf_matrix[1][1]   0.00642483 
_atom_sites.fract_transf_matrix[1][2]   0.00803515 
_atom_sites.fract_transf_matrix[1][3]   -0.01050830 
_atom_sites.fract_transf_matrix[2][1]   -0.01148041 
_atom_sites.fract_transf_matrix[2][2]   0.00919057 
_atom_sites.fract_transf_matrix[2][3]   0.00000837 
_atom_sites.fract_transf_matrix[3][1]   0.01086582 
_atom_sites.fract_transf_matrix[3][2]   0.01355755 
_atom_sites.fract_transf_matrix[3][3]   0.01701018 
_atom_sites.fract_transf_vector[1]      0.230048 
_atom_sites.fract_transf_vector[2]      0.725306 
_atom_sites.fract_transf_vector[3]      0.486830 
# 
loop_
_atom_type.symbol 
C  
N  
NI 
O  
S  
# 
loop_
_atom_site.group_PDB 
_atom_site.id 
_atom_site.type_symbol 
_atom_site.label_atom_id 
_atom_site.label_alt_id 
_atom_site.label_comp_id 
_atom_site.label_asym_id 
_atom_site.label_entity_id 
_atom_site.label_seq_id 
_atom_site.pdbx_PDB_ins_code 
_atom_site.Cartn_x 
_atom_site.Cartn_y 
_atom_site.Cartn_z 
_atom_site.occupancy 
_atom_site.B_iso_or_equiv 
_atom_site.pdbx_formal_charge 
_atom_site.auth_seq_id 
_atom_site.auth_comp_id 
_atom_site.auth_asym_id 
_atom_site.auth_atom_id 
_atom_site.pdbx_PDB_model_num 
ATOM   1    N  N   . MET A 1 1   ? 16.156  9.868   -7.085  1.00 26.62 ? 1   MET A N   1 
ATOM   2    C  CA  . MET A 1 1   ? 15.692  9.025   -5.994  1.00 26.33 ? 1   MET A CA  1 
ATOM   3    C  C   . MET A 1 1   ? 14.379  9.587   -5.535  1.00 24.19 ? 1   MET A C   1 
ATOM   4    O  O   . MET A 1 1   ? 14.181  10.763  -5.572  1.00 26.20 ? 1   MET A O   1 
ATOM   5    C  CB  . MET A 1 1   ? 16.706  9.067   -4.887  1.00 29.70 ? 1   MET A CB  1 
ATOM   6    C  CG  . MET A 1 1   ? 16.899  10.401  -4.463  1.00 33.50 ? 1   MET A CG  1 
ATOM   7    S  SD  . MET A 1 1   ? 18.216  10.417  -3.322  1.00 38.60 ? 1   MET A SD  1 
ATOM   8    C  CE  . MET A 1 1   ? 17.680  9.259   -2.184  1.00 35.23 ? 1   MET A CE  1 
ATOM   9    N  N   . ILE A 1 2   ? 13.472  8.731   -5.116  1.00 14.01 ? 2   ILE A N   1 
ATOM   10   C  CA  . ILE A 1 2   ? 12.221  9.201   -4.610  1.00 11.94 ? 2   ILE A CA  1 
ATOM   11   C  C   . ILE A 1 2   ? 12.394  9.865   -3.244  1.00 11.42 ? 2   ILE A C   1 
ATOM   12   O  O   . ILE A 1 2   ? 12.910  9.264   -2.330  1.00 12.81 ? 2   ILE A O   1 
ATOM   13   C  CB  . ILE A 1 2   ? 11.241  8.046   -4.522  1.00 10.19 ? 2   ILE A CB  1 
ATOM   14   C  CG1 . ILE A 1 2   ? 10.991  7.526   -5.912  1.00 11.02 ? 2   ILE A CG1 1 
ATOM   15   C  CG2 . ILE A 1 2   ? 9.969   8.508   -3.841  1.00 9.38  ? 2   ILE A CG2 1 
ATOM   16   C  CD1 . ILE A 1 2   ? 10.202  6.249   -5.921  1.00 12.61 ? 2   ILE A CD1 1 
ATOM   17   N  N   . THR A 1 3   ? 11.897  11.077  -3.115  1.00 11.15 ? 3   THR A N   1 
ATOM   18   C  CA  . THR A 1 3   ? 11.762  11.629  -1.794  1.00 12.21 ? 3   THR A CA  1 
ATOM   19   C  C   . THR A 1 3   ? 10.369  12.213  -1.617  1.00 10.77 ? 3   THR A C   1 
ATOM   20   O  O   . THR A 1 3   ? 9.559   12.033  -2.454  1.00 10.09 ? 3   THR A O   1 
ATOM   21   C  CB  . THR A 1 3   ? 12.830  12.653  -1.485  1.00 16.37 ? 3   THR A CB  1 
ATOM   22   O  OG1 . THR A 1 3   ? 12.774  13.646  -2.496  1.00 16.44 ? 3   THR A OG1 1 
ATOM   23   C  CG2 . THR A 1 3   ? 14.216  12.078  -1.633  1.00 17.61 ? 3   THR A CG2 1 
ATOM   24   N  N   . MET A 1 4   ? 10.093  12.835  -0.479  1.00 11.09 ? 4   MET A N   1 
ATOM   25   C  CA  . MET A 1 4   ? 8.745   13.348  -0.253  1.00 10.17 ? 4   MET A CA  1 
ATOM   26   C  C   . MET A 1 4   ? 8.259   14.286  -1.356  1.00 11.23 ? 4   MET A C   1 
ATOM   27   O  O   . MET A 1 4   ? 7.055   14.415  -1.582  1.00 10.80 ? 4   MET A O   1 
ATOM   28   C  CB  . MET A 1 4   ? 8.661   14.039  1.111   1.00 11.18 ? 4   MET A CB  1 
ATOM   29   C  CG  . MET A 1 4   ? 8.994   13.128  2.299   1.00 10.76 ? 4   MET A CG  1 
ATOM   30   S  SD  . MET A 1 4   ? 8.190   11.500  2.261   1.00 10.42 ? 4   MET A SD  1 
ATOM   31   C  CE  . MET A 1 4   ? 6.476   11.947  2.564   1.00 11.03 ? 4   MET A CE  1 
ATOM   32   N  N   . LYS A 1 5   ? 9.199   14.920  -2.051  1.00 16.72 ? 5   LYS A N   1 
ATOM   33   C  CA  . LYS A 1 5   ? 8.878   15.843  -3.137  1.00 18.00 ? 5   LYS A CA  1 
ATOM   34   C  C   . LYS A 1 5   ? 8.113   15.150  -4.265  1.00 16.64 ? 5   LYS A C   1 
ATOM   35   O  O   . LYS A 1 5   ? 7.316   15.777  -4.963  1.00 18.29 ? 5   LYS A O   1 
ATOM   36   C  CB  . LYS A 1 5   ? 10.168  16.434  -3.715  1.00 19.70 ? 5   LYS A CB  1 
ATOM   37   C  CG  . LYS A 1 5   ? 10.994  15.428  -4.516  1.00 21.41 ? 5   LYS A CG  1 
ATOM   38   C  CD  . LYS A 1 5   ? 12.315  16.017  -4.996  1.00 21.78 ? 5   LYS A CD  1 
ATOM   39   C  CE  . LYS A 1 5   ? 13.028  15.072  -5.957  1.00 22.25 ? 5   LYS A CE  1 
ATOM   40   N  NZ  . LYS A 1 5   ? 13.328  13.742  -5.353  1.00 23.96 ? 5   LYS A NZ  1 
ATOM   41   N  N   . ASP A 1 6   ? 8.364   13.856  -4.433  1.00 9.66  ? 6   ASP A N   1 
ATOM   42   C  CA  . ASP A 1 6   ? 7.740   13.068  -5.493  1.00 10.13 ? 6   ASP A CA  1 
ATOM   43   C  C   . ASP A 1 6   ? 6.384   12.475  -5.134  1.00 9.03  ? 6   ASP A C   1 
ATOM   44   O  O   . ASP A 1 6   ? 5.656   12.001  -6.008  1.00 10.15 ? 6   ASP A O   1 
ATOM   45   C  CB  . ASP A 1 6   ? 8.677   11.931  -5.900  1.00 9.63  ? 6   ASP A CB  1 
ATOM   46   C  CG  . ASP A 1 6   ? 10.019  12.431  -6.388  1.00 12.24 ? 6   ASP A CG  1 
ATOM   47   O  OD1 . ASP A 1 6   ? 10.048  13.091  -7.445  1.00 14.37 ? 6   ASP A OD1 1 
ATOM   48   O  OD2 . ASP A 1 6   ? 11.038  12.169  -5.716  1.00 10.95 ? 6   ASP A OD2 1 
ATOM   49   N  N   . ILE A 1 7   ? 6.049   12.492  -3.851  1.00 8.54  ? 7   ILE A N   1 
ATOM   50   C  CA  . ILE A 1 7   ? 4.785   11.927  -3.401  1.00 8.32  ? 7   ILE A CA  1 
ATOM   51   C  C   . ILE A 1 7   ? 3.672   12.968  -3.419  1.00 8.41  ? 7   ILE A C   1 
ATOM   52   O  O   . ILE A 1 7   ? 3.714   13.950  -2.677  1.00 8.96  ? 7   ILE A O   1 
ATOM   53   C  CB  . ILE A 1 7   ? 4.952   11.322  -1.988  1.00 9.48  ? 7   ILE A CB  1 
ATOM   54   C  CG1 . ILE A 1 7   ? 6.015   10.217  -2.043  1.00 9.27  ? 7   ILE A CG1 1 
ATOM   55   C  CG2 . ILE A 1 7   ? 3.623   10.773  -1.482  1.00 9.57  ? 7   ILE A CG2 1 
ATOM   56   C  CD1 . ILE A 1 7   ? 6.340   9.583   -0.707  1.00 12.23 ? 7   ILE A CD1 1 
ATOM   57   N  N   . ILE A 1 8   ? 2.683   12.757  -4.283  1.00 6.45  ? 8   ILE A N   1 
ATOM   58   C  CA  . ILE A 1 8   ? 1.569   13.693  -4.387  1.00 6.20  ? 8   ILE A CA  1 
ATOM   59   C  C   . ILE A 1 8   ? 0.654   13.549  -3.177  1.00 7.35  ? 8   ILE A C   1 
ATOM   60   O  O   . ILE A 1 8   ? 0.640   12.509  -2.510  1.00 7.26  ? 8   ILE A O   1 
ATOM   61   C  CB  . ILE A 1 8   ? 0.777   13.498  -5.706  1.00 7.30  ? 8   ILE A CB  1 
ATOM   62   C  CG1 . ILE A 1 8   ? 0.176   12.093  -5.781  1.00 7.80  ? 8   ILE A CG1 1 
ATOM   63   C  CG2 . ILE A 1 8   ? 1.703   13.739  -6.896  1.00 8.13  ? 8   ILE A CG2 1 
ATOM   64   C  CD1 . ILE A 1 8   ? -0.741  11.898  -6.980  1.00 7.39  ? 8   ILE A CD1 1 
ATOM   65   N  N   . ARG A 1 9   ? -0.111  14.594  -2.886  1.00 9.54  ? 9   ARG A N   1 
ATOM   66   C  CA  . ARG A 1 9   ? -0.974  14.570  -1.715  1.00 10.22 ? 9   ARG A CA  1 
ATOM   67   C  C   . ARG A 1 9   ? -2.459  14.649  -2.009  1.00 10.32 ? 9   ARG A C   1 
ATOM   68   O  O   . ARG A 1 9   ? -2.877  14.986  -3.116  1.00 10.59 ? 9   ARG A O   1 
ATOM   69   C  CB  . ARG A 1 9   ? -0.587  15.714  -0.771  1.00 12.79 ? 9   ARG A CB  1 
ATOM   70   C  CG  . ARG A 1 9   ? 0.917   15.848  -0.539  1.00 13.02 ? 9   ARG A CG  1 
ATOM   71   C  CD  . ARG A 1 9   ? 1.522   14.570  0.029   1.00 12.88 ? 9   ARG A CD  1 
ATOM   72   N  NE  . ARG A 1 9   ? 2.981   14.584  -0.041  1.00 13.79 ? 9   ARG A NE  1 
ATOM   73   C  CZ  . ARG A 1 9   ? 3.766   15.363  0.698   1.00 15.16 ? 9   ARG A CZ  1 
ATOM   74   N  NH1 . ARG A 1 9   ? 3.239   16.201  1.582   1.00 15.49 ? 9   ARG A NH1 1 
ATOM   75   N  NH2 . ARG A 1 9   ? 5.083   15.312  0.543   1.00 16.06 ? 9   ARG A NH2 1 
ATOM   76   N  N   . GLU A 1 10  ? -3.244  14.327  -0.987  1.00 9.89  ? 10  GLU A N   1 
ATOM   77   C  CA  . GLU A 1 10  ? -4.696  14.361  -1.056  1.00 9.37  ? 10  GLU A CA  1 
ATOM   78   C  C   . GLU A 1 10  ? -5.111  15.653  -1.746  1.00 9.49  ? 10  GLU A C   1 
ATOM   79   O  O   . GLU A 1 10  ? -4.644  16.736  -1.391  1.00 10.76 ? 10  GLU A O   1 
ATOM   80   C  CB  . GLU A 1 10  ? -5.265  14.291  0.366   1.00 11.27 ? 10  GLU A CB  1 
ATOM   81   C  CG  . GLU A 1 10  ? -6.775  14.394  0.466   1.00 11.54 ? 10  GLU A CG  1 
ATOM   82   C  CD  . GLU A 1 10  ? -7.265  14.213  1.889   1.00 12.15 ? 10  GLU A CD  1 
ATOM   83   O  OE1 . GLU A 1 10  ? -6.426  14.253  2.816   1.00 13.59 ? 10  GLU A OE1 1 
ATOM   84   O  OE2 . GLU A 1 10  ? -8.489  14.040  2.085   1.00 14.13 ? 10  GLU A OE2 1 
ATOM   85   N  N   . GLY A 1 11  ? -5.981  15.528  -2.742  1.00 12.45 ? 11  GLY A N   1 
ATOM   86   C  CA  . GLY A 1 11  ? -6.423  16.688  -3.493  1.00 13.68 ? 11  GLY A CA  1 
ATOM   87   C  C   . GLY A 1 11  ? -6.016  16.511  -4.942  1.00 14.80 ? 11  GLY A C   1 
ATOM   88   O  O   . GLY A 1 11  ? -6.684  17.000  -5.855  1.00 15.25 ? 11  GLY A O   1 
ATOM   89   N  N   . ASN A 1 12  ? -4.905  15.813  -5.156  1.00 9.68  ? 12  ASN A N   1 
ATOM   90   C  CA  . ASN A 1 12  ? -4.424  15.552  -6.505  1.00 8.36  ? 12  ASN A CA  1 
ATOM   91   C  C   . ASN A 1 12  ? -5.315  14.445  -7.066  1.00 9.29  ? 12  ASN A C   1 
ATOM   92   O  O   . ASN A 1 12  ? -5.347  13.334  -6.536  1.00 8.21  ? 12  ASN A O   1 
ATOM   93   C  CB  . ASN A 1 12  ? -2.964  15.097  -6.467  1.00 8.63  ? 12  ASN A CB  1 
ATOM   94   C  CG  . ASN A 1 12  ? -2.356  14.998  -7.846  1.00 8.91  ? 12  ASN A CG  1 
ATOM   95   O  OD1 . ASN A 1 12  ? -2.942  14.404  -8.749  1.00 9.67  ? 12  ASN A OD1 1 
ATOM   96   N  ND2 . ASN A 1 12  ? -1.170  15.574  -8.014  1.00 9.50  ? 12  ASN A ND2 1 
ATOM   97   N  N   . PRO A 1 13  ? -6.043  14.732  -8.156  1.00 9.31  ? 13  PRO A N   1 
ATOM   98   C  CA  . PRO A 1 13  ? -6.951  13.775  -8.799  1.00 9.65  ? 13  PRO A CA  1 
ATOM   99   C  C   . PRO A 1 13  ? -6.387  12.407  -9.182  1.00 8.01  ? 13  PRO A C   1 
ATOM   100  O  O   . PRO A 1 13  ? -7.137  11.440  -9.291  1.00 9.22  ? 13  PRO A O   1 
ATOM   101  C  CB  . PRO A 1 13  ? -7.469  14.552  -10.007 1.00 13.87 ? 13  PRO A CB  1 
ATOM   102  C  CG  . PRO A 1 13  ? -6.334  15.465  -10.337 1.00 16.83 ? 13  PRO A CG  1 
ATOM   103  C  CD  . PRO A 1 13  ? -5.909  15.951  -8.977  1.00 12.76 ? 13  PRO A CD  1 
ATOM   104  N  N   . THR A 1 14  ? -5.079  12.319  -9.392  1.00 7.87  ? 14  THR A N   1 
ATOM   105  C  CA  . THR A 1 14  ? -4.484  11.039  -9.762  1.00 7.08  ? 14  THR A CA  1 
ATOM   106  C  C   . THR A 1 14  ? -4.710  9.987   -8.674  1.00 7.25  ? 14  THR A C   1 
ATOM   107  O  O   . THR A 1 14  ? -4.816  8.796   -8.964  1.00 7.93  ? 14  THR A O   1 
ATOM   108  C  CB  . THR A 1 14  ? -2.976  11.196  -10.039 1.00 6.75  ? 14  THR A CB  1 
ATOM   109  O  OG1 . THR A 1 14  ? -2.792  12.133  -11.109 1.00 7.91  ? 14  THR A OG1 1 
ATOM   110  C  CG2 . THR A 1 14  ? -2.361  9.865   -10.442 1.00 7.88  ? 14  THR A CG2 1 
ATOM   111  N  N   . LEU A 1 15  ? -4.807  10.427  -7.422  1.00 6.15  ? 15  LEU A N   1 
ATOM   112  C  CA  . LEU A 1 15  ? -5.032  9.505   -6.310  1.00 5.80  ? 15  LEU A CA  1 
ATOM   113  C  C   . LEU A 1 15  ? -6.414  8.850   -6.330  1.00 6.19  ? 15  LEU A C   1 
ATOM   114  O  O   . LEU A 1 15  ? -6.632  7.835   -5.666  1.00 6.86  ? 15  LEU A O   1 
ATOM   115  C  CB  . LEU A 1 15  ? -4.844  10.227  -4.974  1.00 7.27  ? 15  LEU A CB  1 
ATOM   116  C  CG  . LEU A 1 15  ? -3.420  10.664  -4.628  1.00 6.97  ? 15  LEU A CG  1 
ATOM   117  C  CD1 . LEU A 1 15  ? -3.443  11.538  -3.381  1.00 9.44  ? 15  LEU A CD1 1 
ATOM   118  C  CD2 . LEU A 1 15  ? -2.539  9.441   -4.410  1.00 10.16 ? 15  LEU A CD2 1 
ATOM   119  N  N   . ARG A 1 16  ? -7.347  9.428   -7.083  1.00 8.11  ? 16  ARG A N   1 
ATOM   120  C  CA  . ARG A 1 16  ? -8.698  8.878   -7.157  1.00 8.76  ? 16  ARG A CA  1 
ATOM   121  C  C   . ARG A 1 16  ? -9.012  8.188   -8.477  1.00 8.92  ? 16  ARG A C   1 
ATOM   122  O  O   . ARG A 1 16  ? -10.123 7.699   -8.681  1.00 10.51 ? 16  ARG A O   1 
ATOM   123  C  CB  . ARG A 1 16  ? -9.736  9.974   -6.889  1.00 9.75  ? 16  ARG A CB  1 
ATOM   124  C  CG  . ARG A 1 16  ? -10.313 9.965   -5.472  1.00 11.75 ? 16  ARG A CG  1 
ATOM   125  C  CD  . ARG A 1 16  ? -9.237  10.058  -4.405  1.00 13.04 ? 16  ARG A CD  1 
ATOM   126  N  NE  . ARG A 1 16  ? -9.798  10.303  -3.078  1.00 8.73  ? 16  ARG A NE  1 
ATOM   127  C  CZ  . ARG A 1 16  ? -10.419 9.394   -2.327  1.00 7.09  ? 16  ARG A CZ  1 
ATOM   128  N  NH1 . ARG A 1 16  ? -10.573 8.148   -2.757  1.00 7.39  ? 16  ARG A NH1 1 
ATOM   129  N  NH2 . ARG A 1 16  ? -10.887 9.741   -1.135  1.00 7.28  ? 16  ARG A NH2 1 
ATOM   130  N  N   . ALA A 1 17  ? -8.038  8.145   -9.376  1.00 7.35  ? 17  ALA A N   1 
ATOM   131  C  CA  . ALA A 1 17  ? -8.241  7.489   -10.662 1.00 7.31  ? 17  ALA A CA  1 
ATOM   132  C  C   . ALA A 1 17  ? -7.943  6.004   -10.522 1.00 7.39  ? 17  ALA A C   1 
ATOM   133  O  O   . ALA A 1 17  ? -7.376  5.572   -9.521  1.00 7.41  ? 17  ALA A O   1 
ATOM   134  C  CB  . ALA A 1 17  ? -7.322  8.101   -11.713 1.00 11.20 ? 17  ALA A CB  1 
ATOM   135  N  N   . VAL A 1 18  ? -8.354  5.218   -11.513 1.00 7.32  ? 18  VAL A N   1 
ATOM   136  C  CA  . VAL A 1 18  ? -8.072  3.788   -11.506 1.00 7.33  ? 18  VAL A CA  1 
ATOM   137  C  C   . VAL A 1 18  ? -6.812  3.624   -12.351 1.00 6.80  ? 18  VAL A C   1 
ATOM   138  O  O   . VAL A 1 18  ? -6.794  3.980   -13.531 1.00 6.98  ? 18  VAL A O   1 
ATOM   139  C  CB  . VAL A 1 18  ? -9.227  2.968   -12.128 1.00 7.39  ? 18  VAL A CB  1 
ATOM   140  C  CG1 . VAL A 1 18  ? -8.836  1.497   -12.214 1.00 9.40  ? 18  VAL A CG1 1 
ATOM   141  C  CG2 . VAL A 1 18  ? -10.486 3.124   -11.281 1.00 8.24  ? 18  VAL A CG2 1 
ATOM   142  N  N   . ALA A 1 19  ? -5.756  3.102   -11.735 1.00 5.20  ? 19  ALA A N   1 
ATOM   143  C  CA  . ALA A 1 19  ? -4.477  2.922   -12.414 1.00 4.94  ? 19  ALA A CA  1 
ATOM   144  C  C   . ALA A 1 19  ? -4.537  1.942   -13.579 1.00 5.47  ? 19  ALA A C   1 
ATOM   145  O  O   . ALA A 1 19  ? -5.311  0.980   -13.567 1.00 5.58  ? 19  ALA A O   1 
ATOM   146  C  CB  . ALA A 1 19  ? -3.421  2.481   -11.406 1.00 6.06  ? 19  ALA A CB  1 
ATOM   147  N  N   . GLU A 1 20  ? -3.700  2.201   -14.579 1.00 4.29  ? 20  GLU A N   1 
ATOM   148  C  CA  . GLU A 1 20  ? -3.629  1.384   -15.783 1.00 5.82  ? 20  GLU A CA  1 
ATOM   149  C  C   . GLU A 1 20  ? -2.802  0.116   -15.626 1.00 5.31  ? 20  GLU A C   1 
ATOM   150  O  O   . GLU A 1 20  ? -1.774  0.108   -14.950 1.00 5.76  ? 20  GLU A O   1 
ATOM   151  C  CB  . GLU A 1 20  ? -3.030  2.196   -16.936 1.00 10.05 ? 20  GLU A CB  1 
ATOM   152  C  CG  . GLU A 1 20  ? -3.833  3.411   -17.352 1.00 16.71 ? 20  GLU A CG  1 
ATOM   153  C  CD  . GLU A 1 20  ? -5.211  3.042   -17.848 1.00 19.87 ? 20  GLU A CD  1 
ATOM   154  O  OE1 . GLU A 1 20  ? -5.312  2.108   -18.672 1.00 24.06 ? 20  GLU A OE1 1 
ATOM   155  O  OE2 . GLU A 1 20  ? -6.190  3.685   -17.417 1.00 26.65 ? 20  GLU A OE2 1 
ATOM   156  N  N   . GLU A 1 21  ? -3.263  -0.951  -16.270 1.00 6.40  ? 21  GLU A N   1 
ATOM   157  C  CA  . GLU A 1 21  ? -2.563  -2.228  -16.269 1.00 7.14  ? 21  GLU A CA  1 
ATOM   158  C  C   . GLU A 1 21  ? -1.204  -1.950  -16.914 1.00 6.47  ? 21  GLU A C   1 
ATOM   159  O  O   . GLU A 1 21  ? -1.111  -1.129  -17.828 1.00 7.87  ? 21  GLU A O   1 
ATOM   160  C  CB  . GLU A 1 21  ? -3.328  -3.232  -17.136 1.00 7.38  ? 21  GLU A CB  1 
ATOM   161  C  CG  . GLU A 1 21  ? -2.822  -4.659  -17.070 1.00 7.01  ? 21  GLU A CG  1 
ATOM   162  C  CD  . GLU A 1 21  ? -3.361  -5.415  -15.874 1.00 6.76  ? 21  GLU A CD  1 
ATOM   163  O  OE1 . GLU A 1 21  ? -4.040  -4.799  -15.027 1.00 7.33  ? 21  GLU A OE1 1 
ATOM   164  O  OE2 . GLU A 1 21  ? -3.099  -6.633  -15.780 1.00 7.25  ? 21  GLU A OE2 1 
ATOM   165  N  N   . VAL A 1 22  ? -0.152  -2.612  -16.447 1.00 4.78  ? 22  VAL A N   1 
ATOM   166  C  CA  . VAL A 1 22  ? 1.160   -2.400  -17.047 1.00 5.01  ? 22  VAL A CA  1 
ATOM   167  C  C   . VAL A 1 22  ? 1.468   -3.571  -17.965 1.00 5.41  ? 22  VAL A C   1 
ATOM   168  O  O   . VAL A 1 22  ? 0.962   -4.679  -17.771 1.00 5.47  ? 22  VAL A O   1 
ATOM   169  C  CB  . VAL A 1 22  ? 2.290   -2.278  -15.988 1.00 4.76  ? 22  VAL A CB  1 
ATOM   170  C  CG1 . VAL A 1 22  ? 1.964   -1.156  -15.016 1.00 6.42  ? 22  VAL A CG1 1 
ATOM   171  C  CG2 . VAL A 1 22  ? 2.483   -3.601  -15.252 1.00 7.01  ? 22  VAL A CG2 1 
ATOM   172  N  N   . PRO A 1 23  ? 2.292   -3.338  -18.990 1.00 4.77  ? 23  PRO A N   1 
ATOM   173  C  CA  . PRO A 1 23  ? 2.639   -4.412  -19.919 1.00 4.76  ? 23  PRO A CA  1 
ATOM   174  C  C   . PRO A 1 23  ? 3.398   -5.557  -19.264 1.00 5.05  ? 23  PRO A C   1 
ATOM   175  O  O   . PRO A 1 23  ? 4.043   -5.396  -18.225 1.00 5.25  ? 23  PRO A O   1 
ATOM   176  C  CB  . PRO A 1 23  ? 3.519   -3.711  -20.952 1.00 6.62  ? 23  PRO A CB  1 
ATOM   177  C  CG  . PRO A 1 23  ? 3.042   -2.299  -20.924 1.00 6.66  ? 23  PRO A CG  1 
ATOM   178  C  CD  . PRO A 1 23  ? 2.829   -2.046  -19.454 1.00 4.11  ? 23  PRO A CD  1 
ATOM   179  N  N   . VAL A 1 24  ? 3.283   -6.721  -19.885 1.00 6.08  ? 24  VAL A N   1 
ATOM   180  C  CA  . VAL A 1 24  ? 4.005   -7.916  -19.487 1.00 5.36  ? 24  VAL A CA  1 
ATOM   181  C  C   . VAL A 1 24  ? 4.412   -8.447  -20.860 1.00 4.49  ? 24  VAL A C   1 
ATOM   182  O  O   . VAL A 1 24  ? 3.562   -8.600  -21.740 1.00 6.30  ? 24  VAL A O   1 
ATOM   183  C  CB  . VAL A 1 24  ? 3.108   -8.947  -18.765 1.00 4.26  ? 24  VAL A CB  1 
ATOM   184  C  CG1 . VAL A 1 24  ? 3.914   -10.215 -18.482 1.00 6.54  ? 24  VAL A CG1 1 
ATOM   185  C  CG2 . VAL A 1 24  ? 2.593   -8.367  -17.451 1.00 4.58  ? 24  VAL A CG2 1 
ATOM   186  N  N   . PRO A 1 25  ? 5.713   -8.701  -21.082 1.00 4.59  ? 25  PRO A N   1 
ATOM   187  C  CA  . PRO A 1 25  ? 6.847   -8.543  -20.161 1.00 5.13  ? 25  PRO A CA  1 
ATOM   188  C  C   . PRO A 1 25  ? 6.974   -7.142  -19.563 1.00 4.43  ? 25  PRO A C   1 
ATOM   189  O  O   . PRO A 1 25  ? 6.599   -6.147  -20.185 1.00 5.98  ? 25  PRO A O   1 
ATOM   190  C  CB  . PRO A 1 25  ? 8.049   -8.931  -21.027 1.00 4.72  ? 25  PRO A CB  1 
ATOM   191  C  CG  . PRO A 1 25  ? 7.624   -8.499  -22.401 1.00 6.21  ? 25  PRO A CG  1 
ATOM   192  C  CD  . PRO A 1 25  ? 6.189   -8.980  -22.450 1.00 6.04  ? 25  PRO A CD  1 
ATOM   193  N  N   . ILE A 1 26  ? 7.500   -7.077  -18.346 1.00 4.62  ? 26  ILE A N   1 
ATOM   194  C  CA  . ILE A 1 26  ? 7.659   -5.805  -17.652 1.00 4.33  ? 26  ILE A CA  1 
ATOM   195  C  C   . ILE A 1 26  ? 8.656   -4.917  -18.387 1.00 5.19  ? 26  ILE A C   1 
ATOM   196  O  O   . ILE A 1 26  ? 9.749   -5.362  -18.745 1.00 5.62  ? 26  ILE A O   1 
ATOM   197  C  CB  . ILE A 1 26  ? 8.145   -6.027  -16.198 1.00 4.67  ? 26  ILE A CB  1 
ATOM   198  C  CG1 . ILE A 1 26  ? 7.284   -7.093  -15.506 1.00 5.15  ? 26  ILE A CG1 1 
ATOM   199  C  CG2 . ILE A 1 26  ? 8.084   -4.715  -15.425 1.00 3.97  ? 26  ILE A CG2 1 
ATOM   200  C  CD1 . ILE A 1 26  ? 5.800   -6.763  -15.433 1.00 5.93  ? 26  ILE A CD1 1 
ATOM   201  N  N   . THR A 1 27  ? 8.280   -3.662  -18.620 1.00 4.04  ? 27  THR A N   1 
ATOM   202  C  CA  . THR A 1 27  ? 9.171   -2.742  -19.320 1.00 4.25  ? 27  THR A CA  1 
ATOM   203  C  C   . THR A 1 27  ? 10.336  -2.398  -18.406 1.00 5.40  ? 27  THR A C   1 
ATOM   204  O  O   . THR A 1 27  ? 10.225  -2.495  -17.180 1.00 4.92  ? 27  THR A O   1 
ATOM   205  C  CB  . THR A 1 27  ? 8.462   -1.431  -19.715 1.00 5.12  ? 27  THR A CB  1 
ATOM   206  O  OG1 . THR A 1 27  ? 8.211   -0.650  -18.542 1.00 4.97  ? 27  THR A OG1 1 
ATOM   207  C  CG2 . THR A 1 27  ? 7.144   -1.724  -20.415 1.00 6.99  ? 27  THR A CG2 1 
ATOM   208  N  N   . GLU A 1 28  ? 11.457  -2.000  -18.999 1.00 5.42  ? 28  GLU A N   1 
ATOM   209  C  CA  . GLU A 1 28  ? 12.626  -1.652  -18.211 1.00 6.63  ? 28  GLU A CA  1 
ATOM   210  C  C   . GLU A 1 28  ? 12.352  -0.442  -17.335 1.00 6.13  ? 28  GLU A C   1 
ATOM   211  O  O   . GLU A 1 28  ? 12.919  -0.313  -16.253 1.00 5.47  ? 28  GLU A O   1 
ATOM   212  C  CB  . GLU A 1 28  ? 13.831  -1.384  -19.114 1.00 7.72  ? 28  GLU A CB  1 
ATOM   213  C  CG  . GLU A 1 28  ? 14.408  -2.637  -19.755 1.00 13.30 ? 28  GLU A CG  1 
ATOM   214  C  CD  . GLU A 1 28  ? 14.613  -3.759  -18.750 1.00 16.91 ? 28  GLU A CD  1 
ATOM   215  O  OE1 . GLU A 1 28  ? 15.138  -3.490  -17.645 1.00 14.16 ? 28  GLU A OE1 1 
ATOM   216  O  OE2 . GLU A 1 28  ? 14.251  -4.911  -19.072 1.00 20.46 ? 28  GLU A OE2 1 
ATOM   217  N  N   . GLU A 1 29  ? 11.471  0.441   -17.796 1.00 5.60  ? 29  GLU A N   1 
ATOM   218  C  CA  . GLU A 1 29  ? 11.137  1.626   -17.019 1.00 4.67  ? 29  GLU A CA  1 
ATOM   219  C  C   . GLU A 1 29  ? 10.314  1.230   -15.794 1.00 5.80  ? 29  GLU A C   1 
ATOM   220  O  O   . GLU A 1 29  ? 10.583  1.692   -14.684 1.00 5.26  ? 29  GLU A O   1 
ATOM   221  C  CB  . GLU A 1 29  ? 10.360  2.635   -17.876 1.00 5.38  ? 29  GLU A CB  1 
ATOM   222  C  CG  . GLU A 1 29  ? 11.105  3.139   -19.117 1.00 5.96  ? 29  GLU A CG  1 
ATOM   223  C  CD  . GLU A 1 29  ? 11.046  2.170   -20.286 1.00 5.18  ? 29  GLU A CD  1 
ATOM   224  O  OE1 . GLU A 1 29  ? 10.227  1.229   -20.245 1.00 6.36  ? 29  GLU A OE1 1 
ATOM   225  O  OE2 . GLU A 1 29  ? 11.807  2.362   -21.261 1.00 6.80  ? 29  GLU A OE2 1 
ATOM   226  N  N   . ASP A 1 30  ? 9.317   0.367   -15.990 1.00 4.97  ? 30  ASP A N   1 
ATOM   227  C  CA  . ASP A 1 30  ? 8.485   -0.084  -14.876 1.00 4.32  ? 30  ASP A CA  1 
ATOM   228  C  C   . ASP A 1 30  ? 9.336   -0.883  -13.882 1.00 4.16  ? 30  ASP A C   1 
ATOM   229  O  O   . ASP A 1 30  ? 9.080   -0.862  -12.678 1.00 4.42  ? 30  ASP A O   1 
ATOM   230  C  CB  . ASP A 1 30  ? 7.305   -0.921  -15.385 1.00 3.42  ? 30  ASP A CB  1 
ATOM   231  C  CG  . ASP A 1 30  ? 6.227   -0.077  -16.056 1.00 4.89  ? 30  ASP A CG  1 
ATOM   232  O  OD1 . ASP A 1 30  ? 6.378   1.165   -16.149 1.00 5.37  ? 30  ASP A OD1 1 
ATOM   233  O  OD2 . ASP A 1 30  ? 5.216   -0.663  -16.494 1.00 5.38  ? 30  ASP A OD2 1 
ATOM   234  N  N   . ARG A 1 31  ? 10.351  -1.577  -14.388 1.00 4.23  ? 31  ARG A N   1 
ATOM   235  C  CA  . ARG A 1 31  ? 11.257  -2.320  -13.519 1.00 4.78  ? 31  ARG A CA  1 
ATOM   236  C  C   . ARG A 1 31  ? 12.040  -1.308  -12.672 1.00 4.59  ? 31  ARG A C   1 
ATOM   237  O  O   . ARG A 1 31  ? 12.155  -1.456  -11.453 1.00 4.93  ? 31  ARG A O   1 
ATOM   238  C  CB  . ARG A 1 31  ? 12.237  -3.168  -14.350 1.00 4.65  ? 31  ARG A CB  1 
ATOM   239  C  CG  . ARG A 1 31  ? 11.678  -4.517  -14.815 1.00 5.11  ? 31  ARG A CG  1 
ATOM   240  C  CD  . ARG A 1 31  ? 12.522  -5.144  -15.924 1.00 5.33  ? 31  ARG A CD  1 
ATOM   241  N  NE  . ARG A 1 31  ? 13.934  -5.316  -15.577 1.00 5.47  ? 31  ARG A NE  1 
ATOM   242  C  CZ  . ARG A 1 31  ? 14.438  -6.337  -14.885 1.00 4.69  ? 31  ARG A CZ  1 
ATOM   243  N  NH1 . ARG A 1 31  ? 13.652  -7.309  -14.438 1.00 4.24  ? 31  ARG A NH1 1 
ATOM   244  N  NH2 . ARG A 1 31  ? 15.746  -6.392  -14.654 1.00 7.40  ? 31  ARG A NH2 1 
ATOM   245  N  N   . GLN A 1 32  ? 12.557  -0.273  -13.328 1.00 3.60  ? 32  GLN A N   1 
ATOM   246  C  CA  . GLN A 1 32  ? 13.334  0.763   -12.656 1.00 3.31  ? 32  GLN A CA  1 
ATOM   247  C  C   . GLN A 1 32  ? 12.492  1.486   -11.609 1.00 3.28  ? 32  GLN A C   1 
ATOM   248  O  O   . GLN A 1 32  ? 12.952  1.740   -10.496 1.00 4.76  ? 32  GLN A O   1 
ATOM   249  C  CB  . GLN A 1 32  ? 13.864  1.772   -13.678 1.00 4.80  ? 32  GLN A CB  1 
ATOM   250  C  CG  . GLN A 1 32  ? 14.765  2.836   -13.067 1.00 6.69  ? 32  GLN A CG  1 
ATOM   251  C  CD  . GLN A 1 32  ? 16.092  2.272   -12.593 1.00 8.90  ? 32  GLN A CD  1 
ATOM   252  O  OE1 . GLN A 1 32  ? 17.009  2.058   -13.390 1.00 9.99  ? 32  GLN A OE1 1 
ATOM   253  N  NE2 . GLN A 1 32  ? 16.196  2.015   -11.294 1.00 8.52  ? 32  GLN A NE2 1 
ATOM   254  N  N   . LEU A 1 33  ? 11.258  1.820   -11.970 1.00 4.46  ? 33  LEU A N   1 
ATOM   255  C  CA  . LEU A 1 33  ? 10.373  2.499   -11.033 1.00 4.62  ? 33  LEU A CA  1 
ATOM   256  C  C   . LEU A 1 33  ? 10.180  1.635   -9.788  1.00 5.06  ? 33  LEU A C   1 
ATOM   257  O  O   . LEU A 1 33  ? 10.249  2.129   -8.664  1.00 5.02  ? 33  LEU A O   1 
ATOM   258  C  CB  . LEU A 1 33  ? 9.014   2.779   -11.678 1.00 5.38  ? 33  LEU A CB  1 
ATOM   259  C  CG  . LEU A 1 33  ? 7.983   3.407   -10.738 1.00 5.93  ? 33  LEU A CG  1 
ATOM   260  C  CD1 . LEU A 1 33  ? 8.456   4.790   -10.304 1.00 7.25  ? 33  LEU A CD1 1 
ATOM   261  C  CD2 . LEU A 1 33  ? 6.631   3.493   -11.440 1.00 6.30  ? 33  LEU A CD2 1 
ATOM   262  N  N   . GLY A 1 34  ? 9.937   0.342   -9.996  1.00 5.44  ? 34  GLY A N   1 
ATOM   263  C  CA  . GLY A 1 34  ? 9.746   -0.558  -8.871  1.00 6.23  ? 34  GLY A CA  1 
ATOM   264  C  C   . GLY A 1 34  ? 10.950  -0.555  -7.947  1.00 7.33  ? 34  GLY A C   1 
ATOM   265  O  O   . GLY A 1 34  ? 10.807  -0.508  -6.721  1.00 5.81  ? 34  GLY A O   1 
ATOM   266  N  N   . GLU A 1 35  ? 12.140  -0.609  -8.537  1.00 5.62  ? 35  GLU A N   1 
ATOM   267  C  CA  . GLU A 1 35  ? 13.378  -0.600  -7.770  1.00 6.29  ? 35  GLU A CA  1 
ATOM   268  C  C   . GLU A 1 35  ? 13.454  0.672   -6.934  1.00 5.97  ? 35  GLU A C   1 
ATOM   269  O  O   . GLU A 1 35  ? 13.754  0.625   -5.743  1.00 6.69  ? 35  GLU A O   1 
ATOM   270  C  CB  . GLU A 1 35  ? 14.584  -0.659  -8.715  1.00 13.50 ? 35  GLU A CB  1 
ATOM   271  C  CG  . GLU A 1 35  ? 14.651  -1.919  -9.562  1.00 18.16 ? 35  GLU A CG  1 
ATOM   272  C  CD  . GLU A 1 35  ? 15.332  -3.070  -8.850  1.00 22.31 ? 35  GLU A CD  1 
ATOM   273  O  OE1 . GLU A 1 35  ? 15.064  -3.279  -7.647  1.00 24.55 ? 35  GLU A OE1 1 
ATOM   274  O  OE2 . GLU A 1 35  ? 16.133  -3.773  -9.504  1.00 26.87 ? 35  GLU A OE2 1 
ATOM   275  N  N   . ASP A 1 36  ? 13.180  1.810   -7.564  1.00 5.65  ? 36  ASP A N   1 
ATOM   276  C  CA  . ASP A 1 36  ? 13.235  3.087   -6.865  1.00 5.13  ? 36  ASP A CA  1 
ATOM   277  C  C   . ASP A 1 36  ? 12.201  3.169   -5.748  1.00 5.35  ? 36  ASP A C   1 
ATOM   278  O  O   . ASP A 1 36  ? 12.443  3.800   -4.717  1.00 6.70  ? 36  ASP A O   1 
ATOM   279  C  CB  . ASP A 1 36  ? 13.036  4.245   -7.848  1.00 5.41  ? 36  ASP A CB  1 
ATOM   280  C  CG  . ASP A 1 36  ? 14.161  4.353   -8.858  1.00 7.00  ? 36  ASP A CG  1 
ATOM   281  O  OD1 . ASP A 1 36  ? 15.217  3.722   -8.650  1.00 8.10  ? 36  ASP A OD1 1 
ATOM   282  O  OD2 . ASP A 1 36  ? 13.993  5.082   -9.858  1.00 8.17  ? 36  ASP A OD2 1 
ATOM   283  N  N   . MET A 1 37  ? 11.054  2.529   -5.952  1.00 4.87  ? 37  MET A N   1 
ATOM   284  C  CA  . MET A 1 37  ? 9.996   2.533   -4.949  1.00 4.39  ? 37  MET A CA  1 
ATOM   285  C  C   . MET A 1 37  ? 10.419  1.719   -3.733  1.00 6.22  ? 37  MET A C   1 
ATOM   286  O  O   . MET A 1 37  ? 10.206  2.135   -2.592  1.00 6.13  ? 37  MET A O   1 
ATOM   287  C  CB  . MET A 1 37  ? 8.701   1.962   -5.543  1.00 4.61  ? 37  MET A CB  1 
ATOM   288  C  CG  . MET A 1 37  ? 8.003   2.899   -6.516  1.00 5.29  ? 37  MET A CG  1 
ATOM   289  S  SD  . MET A 1 37  ? 6.642   2.119   -7.411  1.00 6.06  ? 37  MET A SD  1 
ATOM   290  C  CE  . MET A 1 37  ? 5.417   1.936   -6.097  1.00 6.73  ? 37  MET A CE  1 
ATOM   291  N  N   . LEU A 1 38  ? 11.025  0.561   -3.974  1.00 5.73  ? 38  LEU A N   1 
ATOM   292  C  CA  . LEU A 1 38  ? 11.463  -0.282  -2.867  1.00 7.27  ? 38  LEU A CA  1 
ATOM   293  C  C   . LEU A 1 38  ? 12.604  0.413   -2.127  1.00 7.51  ? 38  LEU A C   1 
ATOM   294  O  O   . LEU A 1 38  ? 12.685  0.352   -0.903  1.00 7.92  ? 38  LEU A O   1 
ATOM   295  C  CB  . LEU A 1 38  ? 11.912  -1.655  -3.381  1.00 10.00 ? 38  LEU A CB  1 
ATOM   296  C  CG  . LEU A 1 38  ? 12.113  -2.737  -2.312  1.00 12.01 ? 38  LEU A CG  1 
ATOM   297  C  CD1 . LEU A 1 38  ? 10.815  -2.948  -1.543  1.00 12.26 ? 38  LEU A CD1 1 
ATOM   298  C  CD2 . LEU A 1 38  ? 12.562  -4.034  -2.971  1.00 12.56 ? 38  LEU A CD2 1 
ATOM   299  N  N   . THR A 1 39  ? 13.476  1.082   -2.873  1.00 6.71  ? 39  THR A N   1 
ATOM   300  C  CA  . THR A 1 39  ? 14.587  1.799   -2.264  1.00 7.33  ? 39  THR A CA  1 
ATOM   301  C  C   . THR A 1 39  ? 14.049  2.899   -1.352  1.00 8.18  ? 39  THR A C   1 
ATOM   302  O  O   . THR A 1 39  ? 14.595  3.149   -0.276  1.00 8.02  ? 39  THR A O   1 
ATOM   303  C  CB  . THR A 1 39  ? 15.503  2.413   -3.340  1.00 9.06  ? 39  THR A CB  1 
ATOM   304  O  OG1 . THR A 1 39  ? 16.154  1.358   -4.056  1.00 10.97 ? 39  THR A OG1 1 
ATOM   305  C  CG2 . THR A 1 39  ? 16.551  3.315   -2.708  1.00 9.27  ? 39  THR A CG2 1 
ATOM   306  N  N   . PHE A 1 40  ? 12.972  3.552   -1.778  1.00 5.29  ? 40  PHE A N   1 
ATOM   307  C  CA  . PHE A 1 40  ? 12.376  4.604   -0.967  1.00 4.82  ? 40  PHE A CA  1 
ATOM   308  C  C   . PHE A 1 40  ? 11.885  4.025   0.355   1.00 5.23  ? 40  PHE A C   1 
ATOM   309  O  O   . PHE A 1 40  ? 12.133  4.590   1.416   1.00 5.27  ? 40  PHE A O   1 
ATOM   310  C  CB  . PHE A 1 40  ? 11.191  5.259   -1.680  1.00 6.12  ? 40  PHE A CB  1 
ATOM   311  C  CG  . PHE A 1 40  ? 10.340  6.095   -0.765  1.00 7.05  ? 40  PHE A CG  1 
ATOM   312  C  CD1 . PHE A 1 40  ? 10.749  7.369   -0.380  1.00 8.18  ? 40  PHE A CD1 1 
ATOM   313  C  CD2 . PHE A 1 40  ? 9.162   5.578   -0.228  1.00 7.29  ? 40  PHE A CD2 1 
ATOM   314  C  CE1 . PHE A 1 40  ? 9.999   8.116   0.530   1.00 8.95  ? 40  PHE A CE1 1 
ATOM   315  C  CE2 . PHE A 1 40  ? 8.409   6.315   0.681   1.00 8.90  ? 40  PHE A CE2 1 
ATOM   316  C  CZ  . PHE A 1 40  ? 8.829   7.587   1.062   1.00 8.86  ? 40  PHE A CZ  1 
ATOM   317  N  N   . LEU A 1 41  ? 11.176  2.903   0.289   1.00 4.20  ? 41  LEU A N   1 
ATOM   318  C  CA  . LEU A 1 41  ? 10.657  2.289   1.506   1.00 4.75  ? 41  LEU A CA  1 
ATOM   319  C  C   . LEU A 1 41  ? 11.779  1.921   2.465   1.00 5.63  ? 41  LEU A C   1 
ATOM   320  O  O   . LEU A 1 41  ? 11.680  2.176   3.663   1.00 5.58  ? 41  LEU A O   1 
ATOM   321  C  CB  . LEU A 1 41  ? 9.821   1.052   1.169   1.00 4.46  ? 41  LEU A CB  1 
ATOM   322  C  CG  . LEU A 1 41  ? 8.510   1.339   0.422   1.00 5.14  ? 41  LEU A CG  1 
ATOM   323  C  CD1 . LEU A 1 41  ? 7.818   0.024   0.090   1.00 6.92  ? 41  LEU A CD1 1 
ATOM   324  C  CD2 . LEU A 1 41  ? 7.600   2.217   1.268   1.00 5.32  ? 41  LEU A CD2 1 
ATOM   325  N  N   . LYS A 1 42  ? 12.849  1.334   1.938   1.00 5.57  ? 42  LYS A N   1 
ATOM   326  C  CA  . LYS A 1 42  ? 13.980  0.945   2.771   1.00 5.95  ? 42  LYS A CA  1 
ATOM   327  C  C   . LYS A 1 42  ? 14.626  2.180   3.383   1.00 5.85  ? 42  LYS A C   1 
ATOM   328  O  O   . LYS A 1 42  ? 14.944  2.197   4.573   1.00 6.92  ? 42  LYS A O   1 
ATOM   329  C  CB  . LYS A 1 42  ? 14.999  0.162   1.939   1.00 10.49 ? 42  LYS A CB  1 
ATOM   330  C  CG  . LYS A 1 42  ? 14.456  -1.160  1.411   1.00 13.14 ? 42  LYS A CG  1 
ATOM   331  C  CD  . LYS A 1 42  ? 15.460  -1.870  0.513   1.00 18.17 ? 42  LYS A CD  1 
ATOM   332  C  CE  . LYS A 1 42  ? 16.678  -2.338  1.289   1.00 22.36 ? 42  LYS A CE  1 
ATOM   333  N  NZ  . LYS A 1 42  ? 16.333  -3.379  2.300   1.00 26.10 ? 42  LYS A NZ  1 
ATOM   334  N  N   . ASN A 1 43  ? 14.817  3.217   2.573   1.00 6.01  ? 43  ASN A N   1 
ATOM   335  C  CA  . ASN A 1 43  ? 15.407  4.454   3.064   1.00 5.82  ? 43  ASN A CA  1 
ATOM   336  C  C   . ASN A 1 43  ? 14.536  5.071   4.153   1.00 6.56  ? 43  ASN A C   1 
ATOM   337  O  O   . ASN A 1 43  ? 15.046  5.570   5.157   1.00 6.74  ? 43  ASN A O   1 
ATOM   338  C  CB  . ASN A 1 43  ? 15.570  5.479   1.930   1.00 7.19  ? 43  ASN A CB  1 
ATOM   339  C  CG  . ASN A 1 43  ? 16.754  5.184   1.030   1.00 9.47  ? 43  ASN A CG  1 
ATOM   340  O  OD1 . ASN A 1 43  ? 17.712  4.532   1.440   1.00 14.10 ? 43  ASN A OD1 1 
ATOM   341  N  ND2 . ASN A 1 43  ? 16.702  5.688   -0.199  1.00 10.65 ? 43  ASN A ND2 1 
ATOM   342  N  N   . SER A 1 44  ? 13.222  5.031   3.958   1.00 6.65  ? 44  SER A N   1 
ATOM   343  C  CA  . SER A 1 44  ? 12.293  5.617   4.922   1.00 6.83  ? 44  SER A CA  1 
ATOM   344  C  C   . SER A 1 44  ? 12.271  4.881   6.256   1.00 6.93  ? 44  SER A C   1 
ATOM   345  O  O   . SER A 1 44  ? 11.848  5.442   7.269   1.00 7.52  ? 44  SER A O   1 
ATOM   346  C  CB  . SER A 1 44  ? 10.869  5.655   4.346   1.00 6.42  ? 44  SER A CB  1 
ATOM   347  O  OG  . SER A 1 44  ? 10.218  4.401   4.477   1.00 7.58  ? 44  SER A OG  1 
ATOM   348  N  N   . GLN A 1 45  ? 12.718  3.629   6.260   1.00 6.83  ? 45  GLN A N   1 
ATOM   349  C  CA  . GLN A 1 45  ? 12.733  2.833   7.484   1.00 8.34  ? 45  GLN A CA  1 
ATOM   350  C  C   . GLN A 1 45  ? 14.086  2.838   8.187   1.00 8.52  ? 45  GLN A C   1 
ATOM   351  O  O   . GLN A 1 45  ? 14.203  2.382   9.324   1.00 9.96  ? 45  GLN A O   1 
ATOM   352  C  CB  . GLN A 1 45  ? 12.292  1.400   7.181   1.00 7.22  ? 45  GLN A CB  1 
ATOM   353  C  CG  . GLN A 1 45  ? 10.793  1.279   6.934   1.00 8.42  ? 45  GLN A CG  1 
ATOM   354  C  CD  . GLN A 1 45  ? 10.374  -0.115  6.525   1.00 10.21 ? 45  GLN A CD  1 
ATOM   355  O  OE1 . GLN A 1 45  ? 10.857  -1.107  7.072   1.00 13.46 ? 45  GLN A OE1 1 
ATOM   356  N  NE2 . GLN A 1 45  ? 9.459   -0.201  5.565   1.00 9.09  ? 45  GLN A NE2 1 
ATOM   357  N  N   . ASP A 1 46  ? 15.104  3.348   7.501   1.00 6.71  ? 46  ASP A N   1 
ATOM   358  C  CA  . ASP A 1 46  ? 16.447  3.453   8.064   1.00 7.18  ? 46  ASP A CA  1 
ATOM   359  C  C   . ASP A 1 46  ? 16.446  4.758   8.858   1.00 7.38  ? 46  ASP A C   1 
ATOM   360  O  O   . ASP A 1 46  ? 16.303  5.836   8.288   1.00 7.49  ? 46  ASP A O   1 
ATOM   361  C  CB  . ASP A 1 46  ? 17.479  3.495   6.926   1.00 8.89  ? 46  ASP A CB  1 
ATOM   362  C  CG  . ASP A 1 46  ? 18.891  3.790   7.410   1.00 12.43 ? 46  ASP A CG  1 
ATOM   363  O  OD1 . ASP A 1 46  ? 19.836  3.584   6.620   1.00 16.64 ? 46  ASP A OD1 1 
ATOM   364  O  OD2 . ASP A 1 46  ? 19.061  4.235   8.562   1.00 15.55 ? 46  ASP A OD2 1 
ATOM   365  N  N   . PRO A 1 47  ? 16.586  4.674   10.190  1.00 8.76  ? 47  PRO A N   1 
ATOM   366  C  CA  . PRO A 1 47  ? 16.591  5.866   11.044  1.00 10.78 ? 47  PRO A CA  1 
ATOM   367  C  C   . PRO A 1 47  ? 17.512  6.984   10.568  1.00 10.23 ? 47  PRO A C   1 
ATOM   368  O  O   . PRO A 1 47  ? 17.143  8.159   10.599  1.00 12.38 ? 47  PRO A O   1 
ATOM   369  C  CB  . PRO A 1 47  ? 17.016  5.309   12.399  1.00 15.29 ? 47  PRO A CB  1 
ATOM   370  C  CG  . PRO A 1 47  ? 16.413  3.943   12.387  1.00 16.60 ? 47  PRO A CG  1 
ATOM   371  C  CD  . PRO A 1 47  ? 16.765  3.457   10.999  1.00 12.73 ? 47  PRO A CD  1 
ATOM   372  N  N   . VAL A 1 48  ? 18.710  6.618   10.125  1.00 8.45  ? 48  VAL A N   1 
ATOM   373  C  CA  . VAL A 1 48  ? 19.672  7.607   9.662   1.00 7.64  ? 48  VAL A CA  1 
ATOM   374  C  C   . VAL A 1 48  ? 19.278  8.206   8.315   1.00 7.53  ? 48  VAL A C   1 
ATOM   375  O  O   . VAL A 1 48  ? 19.209  9.426   8.175   1.00 6.74  ? 48  VAL A O   1 
ATOM   376  C  CB  . VAL A 1 48  ? 21.086  6.995   9.557   1.00 9.13  ? 48  VAL A CB  1 
ATOM   377  C  CG1 . VAL A 1 48  ? 22.089  8.066   9.161   1.00 10.43 ? 48  VAL A CG1 1 
ATOM   378  C  CG2 . VAL A 1 48  ? 21.478  6.359   10.886  1.00 11.99 ? 48  VAL A CG2 1 
ATOM   379  N  N   . LYS A 1 49  ? 19.011  7.363   7.336   1.00 7.39  ? 49  LYS A N   1 
ATOM   380  C  CA  . LYS A 1 49  ? 18.606  7.883   6.051   1.00 8.47  ? 49  LYS A CA  1 
ATOM   381  C  C   . LYS A 1 49  ? 17.309  8.654   6.069   1.00 7.13  ? 49  LYS A C   1 
ATOM   382  O  O   . LYS A 1 49  ? 17.152  9.595   5.366   1.00 6.42  ? 49  LYS A O   1 
ATOM   383  C  CB  . LYS A 1 49  ? 18.496  6.741   5.046   1.00 15.05 ? 49  LYS A CB  1 
ATOM   384  C  CG  . LYS A 1 49  ? 19.805  6.293   4.691   1.00 19.72 ? 49  LYS A CG  1 
ATOM   385  C  CD  . LYS A 1 49  ? 20.320  6.852   3.428   1.00 23.81 ? 49  LYS A CD  1 
ATOM   386  C  CE  . LYS A 1 49  ? 21.091  5.644   2.792   1.00 26.47 ? 49  LYS A CE  1 
ATOM   387  N  NZ  . LYS A 1 49  ? 21.731  6.191   1.676   1.00 28.56 ? 49  LYS A NZ  1 
ATOM   388  N  N   . ALA A 1 50  ? 16.387  8.188   6.873   1.00 7.19  ? 50  ALA A N   1 
ATOM   389  C  CA  . ALA A 1 50  ? 15.108  8.878   6.989   1.00 7.40  ? 50  ALA A CA  1 
ATOM   390  C  C   . ALA A 1 50  ? 15.336  10.305  7.480   1.00 7.48  ? 50  ALA A C   1 
ATOM   391  O  O   . ALA A 1 50  ? 14.658  11.234  7.041   1.00 7.54  ? 50  ALA A O   1 
ATOM   392  C  CB  . ALA A 1 50  ? 14.187  8.126   7.945   1.00 9.08  ? 50  ALA A CB  1 
ATOM   393  N  N   . GLU A 1 51  ? 16.297  10.481  8.385   1.00 6.54  ? 51  GLU A N   1 
ATOM   394  C  CA  . GLU A 1 51  ? 16.609  11.809  8.903   1.00 6.96  ? 51  GLU A CA  1 
ATOM   395  C  C   . GLU A 1 51  ? 17.354  12.626  7.843   1.00 7.18  ? 51  GLU A C   1 
ATOM   396  O  O   . GLU A 1 51  ? 17.022  13.786  7.596   1.00 7.58  ? 51  GLU A O   1 
ATOM   397  C  CB  . GLU A 1 51  ? 17.460  11.699  10.170  1.00 7.80  ? 51  GLU A CB  1 
ATOM   398  C  CG  . GLU A 1 51  ? 17.850  13.037  10.809  1.00 7.90  ? 51  GLU A CG  1 
ATOM   399  C  CD  . GLU A 1 51  ? 16.658  13.833  11.313  1.00 8.55  ? 51  GLU A CD  1 
ATOM   400  O  OE1 . GLU A 1 51  ? 15.734  13.226  11.894  1.00 11.72 ? 51  GLU A OE1 1 
ATOM   401  O  OE2 . GLU A 1 51  ? 16.647  15.071  11.143  1.00 8.66  ? 51  GLU A OE2 1 
ATOM   402  N  N   . GLU A 1 52  ? 18.356  12.021  7.211   1.00 6.49  ? 52  GLU A N   1 
ATOM   403  C  CA  . GLU A 1 52  ? 19.123  12.716  6.177   1.00 6.99  ? 52  GLU A CA  1 
ATOM   404  C  C   . GLU A 1 52  ? 18.218  13.277  5.086   1.00 7.75  ? 52  GLU A C   1 
ATOM   405  O  O   . GLU A 1 52  ? 18.317  14.447  4.712   1.00 9.05  ? 52  GLU A O   1 
ATOM   406  C  CB  . GLU A 1 52  ? 20.110  11.773  5.485   1.00 7.64  ? 52  GLU A CB  1 
ATOM   407  C  CG  . GLU A 1 52  ? 21.176  11.142  6.346   1.00 8.04  ? 52  GLU A CG  1 
ATOM   408  C  CD  . GLU A 1 52  ? 22.161  10.364  5.499   1.00 10.85 ? 52  GLU A CD  1 
ATOM   409  O  OE1 . GLU A 1 52  ? 21.789  9.975   4.372   1.00 13.67 ? 52  GLU A OE1 1 
ATOM   410  O  OE2 . GLU A 1 52  ? 23.301  10.135  5.949   1.00 9.81  ? 52  GLU A OE2 1 
ATOM   411  N  N   . LEU A 1 53  ? 17.339  12.419  4.579   1.00 7.86  ? 53  LEU A N   1 
ATOM   412  C  CA  . LEU A 1 53  ? 16.435  12.775  3.492   1.00 8.50  ? 53  LEU A CA  1 
ATOM   413  C  C   . LEU A 1 53  ? 15.090  13.346  3.915   1.00 9.11  ? 53  LEU A C   1 
ATOM   414  O  O   . LEU A 1 53  ? 14.273  13.698  3.062   1.00 10.69 ? 53  LEU A O   1 
ATOM   415  C  CB  . LEU A 1 53  ? 16.206  11.544  2.614   1.00 9.61  ? 53  LEU A CB  1 
ATOM   416  C  CG  . LEU A 1 53  ? 17.484  10.914  2.060   1.00 12.05 ? 53  LEU A CG  1 
ATOM   417  C  CD1 . LEU A 1 53  ? 17.150  9.616   1.347   1.00 12.07 ? 53  LEU A CD1 1 
ATOM   418  C  CD2 . LEU A 1 53  ? 18.173  11.893  1.119   1.00 14.29 ? 53  LEU A CD2 1 
ATOM   419  N  N   . GLN A 1 54  ? 14.860  13.441  5.222   1.00 7.46  ? 54  GLN A N   1 
ATOM   420  C  CA  . GLN A 1 54  ? 13.602  13.962  5.748   1.00 7.99  ? 54  GLN A CA  1 
ATOM   421  C  C   . GLN A 1 54  ? 12.414  13.205  5.161   1.00 8.51  ? 54  GLN A C   1 
ATOM   422  O  O   . GLN A 1 54  ? 11.503  13.792  4.570   1.00 10.18 ? 54  GLN A O   1 
ATOM   423  C  CB  . GLN A 1 54  ? 13.479  15.458  5.448   1.00 10.11 ? 54  GLN A CB  1 
ATOM   424  C  CG  . GLN A 1 54  ? 14.381  16.337  6.308   1.00 12.70 ? 54  GLN A CG  1 
ATOM   425  C  CD  . GLN A 1 54  ? 14.100  16.184  7.792   1.00 11.89 ? 54  GLN A CD  1 
ATOM   426  O  OE1 . GLN A 1 54  ? 14.766  15.414  8.494   1.00 12.27 ? 54  GLN A OE1 1 
ATOM   427  N  NE2 . GLN A 1 54  ? 13.096  16.906  8.277   1.00 11.52 ? 54  GLN A NE2 1 
ATOM   428  N  N   . LEU A 1 55  ? 12.435  11.889  5.338   1.00 9.05  ? 55  LEU A N   1 
ATOM   429  C  CA  . LEU A 1 55  ? 11.377  11.028  4.833   1.00 9.10  ? 55  LEU A CA  1 
ATOM   430  C  C   . LEU A 1 55  ? 10.465  10.561  5.951   1.00 9.39  ? 55  LEU A C   1 
ATOM   431  O  O   . LEU A 1 55  ? 10.904  10.385  7.087   1.00 10.86 ? 55  LEU A O   1 
ATOM   432  C  CB  . LEU A 1 55  ? 11.979  9.791   4.162   1.00 8.48  ? 55  LEU A CB  1 
ATOM   433  C  CG  . LEU A 1 55  ? 13.039  10.001  3.082   1.00 9.18  ? 55  LEU A CG  1 
ATOM   434  C  CD1 . LEU A 1 55  ? 13.547  8.644   2.612   1.00 10.29 ? 55  LEU A CD1 1 
ATOM   435  C  CD2 . LEU A 1 55  ? 12.454  10.792  1.920   1.00 9.87  ? 55  LEU A CD2 1 
ATOM   436  N  N   . ARG A 1 56  ? 9.189   10.375  5.624   1.00 10.26 ? 56  ARG A N   1 
ATOM   437  C  CA  . ARG A 1 56  ? 8.224   9.852   6.581   1.00 10.96 ? 56  ARG A CA  1 
ATOM   438  C  C   . ARG A 1 56  ? 8.346   8.347   6.383   1.00 10.38 ? 56  ARG A C   1 
ATOM   439  O  O   . ARG A 1 56  ? 8.475   7.885   5.249   1.00 11.29 ? 56  ARG A O   1 
ATOM   440  C  CB  . ARG A 1 56  ? 6.793   10.279  6.231   1.00 12.03 ? 56  ARG A CB  1 
ATOM   441  C  CG  . ARG A 1 56  ? 6.414   11.701  6.605   1.00 13.96 ? 56  ARG A CG  1 
ATOM   442  C  CD  . ARG A 1 56  ? 4.949   11.983  6.241   1.00 15.52 ? 56  ARG A CD  1 
ATOM   443  N  NE  . ARG A 1 56  ? 4.014   11.136  6.984   1.00 14.58 ? 56  ARG A NE  1 
ATOM   444  C  CZ  . ARG A 1 56  ? 2.709   11.053  6.732   1.00 14.36 ? 56  ARG A CZ  1 
ATOM   445  N  NH1 . ARG A 1 56  ? 2.167   11.759  5.749   1.00 13.21 ? 56  ARG A NH1 1 
ATOM   446  N  NH2 . ARG A 1 56  ? 1.937   10.265  7.470   1.00 14.37 ? 56  ARG A NH2 1 
ATOM   447  N  N   . GLY A 1 57  ? 8.316   7.584   7.469   1.00 10.18 ? 57  GLY A N   1 
ATOM   448  C  CA  . GLY A 1 57  ? 8.423   6.143   7.349   1.00 10.62 ? 57  GLY A CA  1 
ATOM   449  C  C   . GLY A 1 57  ? 7.219   5.520   6.664   1.00 11.39 ? 57  GLY A C   1 
ATOM   450  O  O   . GLY A 1 57  ? 6.082   5.947   6.878   1.00 12.77 ? 57  GLY A O   1 
ATOM   451  N  N   . GLY A 1 58  ? 7.468   4.515   5.833   1.00 10.26 ? 58  GLY A N   1 
ATOM   452  C  CA  . GLY A 1 58  ? 6.382   3.844   5.140   1.00 9.47  ? 58  GLY A CA  1 
ATOM   453  C  C   . GLY A 1 58  ? 6.712   2.383   4.909   1.00 8.35  ? 58  GLY A C   1 
ATOM   454  O  O   . GLY A 1 58  ? 7.885   2.034   4.771   1.00 8.68  ? 58  GLY A O   1 
ATOM   455  N  N   . VAL A 1 59  ? 5.690   1.528   4.876   1.00 7.02  ? 59  VAL A N   1 
ATOM   456  C  CA  . VAL A 1 59  ? 5.895   0.099   4.647   1.00 4.96  ? 59  VAL A CA  1 
ATOM   457  C  C   . VAL A 1 59  ? 5.307   -0.337  3.310   1.00 4.91  ? 59  VAL A C   1 
ATOM   458  O  O   . VAL A 1 59  ? 5.388   -1.507  2.936   1.00 6.13  ? 59  VAL A O   1 
ATOM   459  C  CB  . VAL A 1 59  ? 5.270   -0.761  5.773   1.00 6.21  ? 59  VAL A CB  1 
ATOM   460  C  CG1 . VAL A 1 59  ? 5.972   -0.475  7.096   1.00 7.46  ? 59  VAL A CG1 1 
ATOM   461  C  CG2 . VAL A 1 59  ? 3.780   -0.476  5.887   1.00 7.12  ? 59  VAL A CG2 1 
ATOM   462  N  N   . GLY A 1 60  ? 4.720   0.616   2.593   1.00 5.83  ? 60  GLY A N   1 
ATOM   463  C  CA  . GLY A 1 60  ? 4.133   0.327   1.296   1.00 5.12  ? 60  GLY A CA  1 
ATOM   464  C  C   . GLY A 1 60  ? 4.044   1.596   0.471   1.00 4.38  ? 60  GLY A C   1 
ATOM   465  O  O   . GLY A 1 60  ? 4.043   2.693   1.019   1.00 5.25  ? 60  GLY A O   1 
ATOM   466  N  N   . LEU A 1 61  ? 3.974   1.445   -0.847  1.00 4.38  ? 61  LEU A N   1 
ATOM   467  C  CA  . LEU A 1 61  ? 3.879   2.588   -1.748  1.00 4.23  ? 61  LEU A CA  1 
ATOM   468  C  C   . LEU A 1 61  ? 3.268   2.129   -3.068  1.00 5.68  ? 61  LEU A C   1 
ATOM   469  O  O   . LEU A 1 61  ? 3.552   1.025   -3.539  1.00 5.51  ? 61  LEU A O   1 
ATOM   470  C  CB  . LEU A 1 61  ? 5.268   3.179   -2.005  1.00 6.12  ? 61  LEU A CB  1 
ATOM   471  C  CG  . LEU A 1 61  ? 5.362   4.488   -2.794  1.00 6.82  ? 61  LEU A CG  1 
ATOM   472  C  CD1 . LEU A 1 61  ? 4.807   5.635   -1.962  1.00 8.96  ? 61  LEU A CD1 1 
ATOM   473  C  CD2 . LEU A 1 61  ? 6.818   4.753   -3.146  1.00 9.00  ? 61  LEU A CD2 1 
ATOM   474  N  N   . ALA A 1 62  ? 2.425   2.972   -3.655  1.00 4.95  ? 62  ALA A N   1 
ATOM   475  C  CA  . ALA A 1 62  ? 1.778   2.654   -4.925  1.00 4.91  ? 62  ALA A CA  1 
ATOM   476  C  C   . ALA A 1 62  ? 2.152   3.707   -5.960  1.00 4.98  ? 62  ALA A C   1 
ATOM   477  O  O   . ALA A 1 62  ? 2.248   4.888   -5.637  1.00 4.83  ? 62  ALA A O   1 
ATOM   478  C  CB  . ALA A 1 62  ? 0.264   2.609   -4.741  1.00 5.74  ? 62  ALA A CB  1 
ATOM   479  N  N   . ALA A 1 63  ? 2.354   3.280   -7.204  1.00 3.89  ? 63  ALA A N   1 
ATOM   480  C  CA  . ALA A 1 63  ? 2.735   4.200   -8.275  1.00 3.81  ? 63  ALA A CA  1 
ATOM   481  C  C   . ALA A 1 63  ? 1.878   5.470   -8.372  1.00 3.59  ? 63  ALA A C   1 
ATOM   482  O  O   . ALA A 1 63  ? 2.399   6.553   -8.624  1.00 4.76  ? 63  ALA A O   1 
ATOM   483  C  CB  . ALA A 1 63  ? 2.742   3.464   -9.617  1.00 5.47  ? 63  ALA A CB  1 
ATOM   484  N  N   . PRO A 1 64  ? 0.550   5.356   -8.190  1.00 4.20  ? 64  PRO A N   1 
ATOM   485  C  CA  . PRO A 1 64  ? -0.274  6.566   -8.273  1.00 5.24  ? 64  PRO A CA  1 
ATOM   486  C  C   . PRO A 1 64  ? 0.187   7.663   -7.311  1.00 5.45  ? 64  PRO A C   1 
ATOM   487  O  O   . PRO A 1 64  ? 0.011   8.848   -7.585  1.00 6.07  ? 64  PRO A O   1 
ATOM   488  C  CB  . PRO A 1 64  ? -1.674  6.052   -7.949  1.00 4.71  ? 64  PRO A CB  1 
ATOM   489  C  CG  . PRO A 1 64  ? -1.651  4.674   -8.553  1.00 3.61  ? 64  PRO A CG  1 
ATOM   490  C  CD  . PRO A 1 64  ? -0.291  4.145   -8.149  1.00 3.93  ? 64  PRO A CD  1 
ATOM   491  N  N   . GLN A 1 65  ? 0.785   7.267   -6.189  1.00 5.01  ? 65  GLN A N   1 
ATOM   492  C  CA  . GLN A 1 65  ? 1.268   8.235   -5.205  1.00 4.38  ? 65  GLN A CA  1 
ATOM   493  C  C   . GLN A 1 65  ? 2.450   9.051   -5.725  1.00 4.97  ? 65  GLN A C   1 
ATOM   494  O  O   . GLN A 1 65  ? 2.851   10.035  -5.107  1.00 5.47  ? 65  GLN A O   1 
ATOM   495  C  CB  . GLN A 1 65  ? 1.661   7.519   -3.910  1.00 3.82  ? 65  GLN A CB  1 
ATOM   496  C  CG  . GLN A 1 65  ? 0.479   6.952   -3.141  1.00 5.27  ? 65  GLN A CG  1 
ATOM   497  C  CD  . GLN A 1 65  ? 0.917   6.227   -1.893  1.00 6.30  ? 65  GLN A CD  1 
ATOM   498  O  OE1 . GLN A 1 65  ? 1.324   5.070   -1.947  1.00 6.42  ? 65  GLN A OE1 1 
ATOM   499  N  NE2 . GLN A 1 65  ? 0.858   6.916   -0.760  1.00 6.30  ? 65  GLN A NE2 1 
ATOM   500  N  N   . LEU A 1 66  ? 3.003   8.630   -6.858  1.00 5.14  ? 66  LEU A N   1 
ATOM   501  C  CA  . LEU A 1 66  ? 4.126   9.324   -7.487  1.00 5.28  ? 66  LEU A CA  1 
ATOM   502  C  C   . LEU A 1 66  ? 3.632   9.985   -8.770  1.00 5.96  ? 66  LEU A C   1 
ATOM   503  O  O   . LEU A 1 66  ? 4.423   10.398  -9.619  1.00 7.39  ? 66  LEU A O   1 
ATOM   504  C  CB  . LEU A 1 66  ? 5.235   8.326   -7.818  1.00 7.62  ? 66  LEU A CB  1 
ATOM   505  C  CG  . LEU A 1 66  ? 5.793   7.536   -6.633  1.00 8.48  ? 66  LEU A CG  1 
ATOM   506  C  CD1 . LEU A 1 66  ? 6.702   6.435   -7.145  1.00 8.20  ? 66  LEU A CD1 1 
ATOM   507  C  CD2 . LEU A 1 66  ? 6.545   8.468   -5.689  1.00 9.09  ? 66  LEU A CD2 1 
ATOM   508  N  N   . ASP A 1 67  ? 2.311   10.073  -8.894  1.00 6.13  ? 67  ASP A N   1 
ATOM   509  C  CA  . ASP A 1 67  ? 1.646   10.648  -10.058 1.00 6.36  ? 67  ASP A CA  1 
ATOM   510  C  C   . ASP A 1 67  ? 1.897   9.819   -11.318 1.00 6.94  ? 67  ASP A C   1 
ATOM   511  O  O   . ASP A 1 67  ? 2.021   10.350  -12.419 1.00 8.19  ? 67  ASP A O   1 
ATOM   512  C  CB  . ASP A 1 67  ? 2.076   12.104  -10.280 1.00 9.93  ? 67  ASP A CB  1 
ATOM   513  C  CG  . ASP A 1 67  ? 1.063   12.883  -11.101 1.00 13.93 ? 67  ASP A CG  1 
ATOM   514  O  OD1 . ASP A 1 67  ? -0.120  12.489  -11.102 1.00 12.74 ? 67  ASP A OD1 1 
ATOM   515  O  OD2 . ASP A 1 67  ? 1.437   13.894  -11.734 1.00 19.52 ? 67  ASP A OD2 1 
ATOM   516  N  N   . ILE A 1 68  ? 1.976   8.507   -11.132 1.00 5.34  ? 68  ILE A N   1 
ATOM   517  C  CA  . ILE A 1 68  ? 2.173   7.562   -12.224 1.00 5.34  ? 68  ILE A CA  1 
ATOM   518  C  C   . ILE A 1 68  ? 1.006   6.588   -12.068 1.00 5.31  ? 68  ILE A C   1 
ATOM   519  O  O   . ILE A 1 68  ? 1.026   5.706   -11.207 1.00 6.15  ? 68  ILE A O   1 
ATOM   520  C  CB  . ILE A 1 68  ? 3.529   6.838   -12.085 1.00 4.00  ? 68  ILE A CB  1 
ATOM   521  C  CG1 . ILE A 1 68  ? 4.657   7.870   -12.205 1.00 5.30  ? 68  ILE A CG1 1 
ATOM   522  C  CG2 . ILE A 1 68  ? 3.671   5.763   -13.156 1.00 5.71  ? 68  ILE A CG2 1 
ATOM   523  C  CD1 . ILE A 1 68  ? 6.043   7.335   -11.901 1.00 6.95  ? 68  ILE A CD1 1 
ATOM   524  N  N   . SER A 1 69  ? -0.015  6.767   -12.902 1.00 6.10  ? 69  SER A N   1 
ATOM   525  C  CA  . SER A 1 69  ? -1.229  5.955   -12.828 1.00 5.94  ? 69  SER A CA  1 
ATOM   526  C  C   . SER A 1 69  ? -1.060  4.558   -13.408 1.00 5.39  ? 69  SER A C   1 
ATOM   527  O  O   . SER A 1 69  ? -1.622  4.224   -14.457 1.00 4.59  ? 69  SER A O   1 
ATOM   528  C  CB  . SER A 1 69  ? -2.380  6.685   -13.526 1.00 6.89  ? 69  SER A CB  1 
ATOM   529  O  OG  . SER A 1 69  ? -3.634  6.155   -13.126 1.00 6.87  ? 69  SER A OG  1 
ATOM   530  N  N   . LYS A 1 70  ? -0.297  3.738   -12.694 1.00 4.38  ? 70  LYS A N   1 
ATOM   531  C  CA  . LYS A 1 70  ? -0.025  2.376   -13.118 1.00 4.21  ? 70  LYS A CA  1 
ATOM   532  C  C   . LYS A 1 70  ? -0.206  1.405   -11.959 1.00 4.12  ? 70  LYS A C   1 
ATOM   533  O  O   . LYS A 1 70  ? -0.002  1.760   -10.798 1.00 4.11  ? 70  LYS A O   1 
ATOM   534  C  CB  . LYS A 1 70  ? 1.397   2.282   -13.676 1.00 5.00  ? 70  LYS A CB  1 
ATOM   535  C  CG  . LYS A 1 70  ? 1.602   3.137   -14.916 1.00 4.74  ? 70  LYS A CG  1 
ATOM   536  C  CD  . LYS A 1 70  ? 2.982   2.959   -15.524 1.00 4.34  ? 70  LYS A CD  1 
ATOM   537  C  CE  . LYS A 1 70  ? 3.107   3.805   -16.779 1.00 5.16  ? 70  LYS A CE  1 
ATOM   538  N  NZ  . LYS A 1 70  ? 4.357   3.493   -17.523 1.00 5.06  ? 70  LYS A NZ  1 
ATOM   539  N  N   . ARG A 1 71  ? -0.580  0.174   -12.288 1.00 4.90  ? 71  ARG A N   1 
ATOM   540  C  CA  . ARG A 1 71  ? -0.820  -0.845  -11.278 1.00 5.47  ? 71  ARG A CA  1 
ATOM   541  C  C   . ARG A 1 71  ? 0.482   -1.493  -10.814 1.00 5.27  ? 71  ARG A C   1 
ATOM   542  O  O   . ARG A 1 71  ? 0.794   -2.637  -11.144 1.00 5.62  ? 71  ARG A O   1 
ATOM   543  C  CB  . ARG A 1 71  ? -1.811  -1.878  -11.829 1.00 5.09  ? 71  ARG A CB  1 
ATOM   544  C  CG  . ARG A 1 71  ? -3.120  -1.227  -12.301 1.00 5.48  ? 71  ARG A CG  1 
ATOM   545  C  CD  . ARG A 1 71  ? -4.164  -2.240  -12.755 1.00 5.17  ? 71  ARG A CD  1 
ATOM   546  N  NE  . ARG A 1 71  ? -4.902  -2.814  -11.633 1.00 5.54  ? 71  ARG A NE  1 
ATOM   547  C  CZ  . ARG A 1 71  ? -5.826  -2.164  -10.928 1.00 5.54  ? 71  ARG A CZ  1 
ATOM   548  N  NH1 . ARG A 1 71  ? -6.138  -0.909  -11.230 1.00 5.52  ? 71  ARG A NH1 1 
ATOM   549  N  NH2 . ARG A 1 71  ? -6.432  -2.765  -9.910  1.00 5.89  ? 71  ARG A NH2 1 
ATOM   550  N  N   . ILE A 1 72  ? 1.237   -0.718  -10.041 1.00 5.02  ? 72  ILE A N   1 
ATOM   551  C  CA  . ILE A 1 72  ? 2.515   -1.143  -9.489  1.00 4.74  ? 72  ILE A CA  1 
ATOM   552  C  C   . ILE A 1 72  ? 2.542   -0.747  -8.015  1.00 5.22  ? 72  ILE A C   1 
ATOM   553  O  O   . ILE A 1 72  ? 2.287   0.410   -7.668  1.00 4.91  ? 72  ILE A O   1 
ATOM   554  C  CB  . ILE A 1 72  ? 3.699   -0.439  -10.200 1.00 6.14  ? 72  ILE A CB  1 
ATOM   555  C  CG1 . ILE A 1 72  ? 3.674   -0.739  -11.700 1.00 5.58  ? 72  ILE A CG1 1 
ATOM   556  C  CG2 . ILE A 1 72  ? 5.023   -0.902  -9.592  1.00 6.74  ? 72  ILE A CG2 1 
ATOM   557  C  CD1 . ILE A 1 72  ? 4.661   0.095   -12.498 1.00 7.44  ? 72  ILE A CD1 1 
ATOM   558  N  N   . ILE A 1 73  ? 2.831   -1.711  -7.148  1.00 4.94  ? 73  ILE A N   1 
ATOM   559  C  CA  . ILE A 1 73  ? 2.920   -1.440  -5.720  1.00 5.58  ? 73  ILE A CA  1 
ATOM   560  C  C   . ILE A 1 73  ? 4.189   -2.065  -5.162  1.00 4.81  ? 73  ILE A C   1 
ATOM   561  O  O   . ILE A 1 73  ? 4.679   -3.073  -5.672  1.00 5.65  ? 73  ILE A O   1 
ATOM   562  C  CB  . ILE A 1 73  ? 1.699   -1.995  -4.918  1.00 5.88  ? 73  ILE A CB  1 
ATOM   563  C  CG1 . ILE A 1 73  ? 1.652   -3.525  -4.989  1.00 6.62  ? 73  ILE A CG1 1 
ATOM   564  C  CG2 . ILE A 1 73  ? 0.407   -1.383  -5.444  1.00 5.97  ? 73  ILE A CG2 1 
ATOM   565  C  CD1 . ILE A 1 73  ? 0.603   -4.144  -4.066  1.00 8.04  ? 73  ILE A CD1 1 
ATOM   566  N  N   . ALA A 1 74  ? 4.731   -1.438  -4.128  1.00 5.07  ? 74  ALA A N   1 
ATOM   567  C  CA  . ALA A 1 74  ? 5.934   -1.937  -3.481  1.00 3.89  ? 74  ALA A CA  1 
ATOM   568  C  C   . ALA A 1 74  ? 5.620   -2.084  -2.003  1.00 5.03  ? 74  ALA A C   1 
ATOM   569  O  O   . ALA A 1 74  ? 4.919   -1.252  -1.425  1.00 4.60  ? 74  ALA A O   1 
ATOM   570  C  CB  . ALA A 1 74  ? 7.087   -0.958  -3.676  1.00 7.82  ? 74  ALA A CB  1 
ATOM   571  N  N   . VAL A 1 75  ? 6.119   -3.153  -1.397  1.00 5.36  ? 75  VAL A N   1 
ATOM   572  C  CA  . VAL A 1 75  ? 5.892   -3.372  0.024   1.00 5.98  ? 75  VAL A CA  1 
ATOM   573  C  C   . VAL A 1 75  ? 7.184   -3.790  0.701   1.00 6.80  ? 75  VAL A C   1 
ATOM   574  O  O   . VAL A 1 75  ? 8.008   -4.492  0.118   1.00 7.13  ? 75  VAL A O   1 
ATOM   575  C  CB  . VAL A 1 75  ? 4.802   -4.451  0.283   1.00 10.04 ? 75  VAL A CB  1 
ATOM   576  C  CG1 . VAL A 1 75  ? 3.453   -3.957  -0.228  1.00 9.76  ? 75  VAL A CG1 1 
ATOM   577  C  CG2 . VAL A 1 75  ? 5.178   -5.763  -0.385  1.00 11.02 ? 75  VAL A CG2 1 
ATOM   578  N  N   . HIS A 1 76  ? 7.360   -3.334  1.934   1.00 5.88  ? 76  HIS A N   1 
ATOM   579  C  CA  . HIS A 1 76  ? 8.544   -3.651  2.721   1.00 7.24  ? 76  HIS A CA  1 
ATOM   580  C  C   . HIS A 1 76  ? 8.040   -3.663  4.155   1.00 7.71  ? 76  HIS A C   1 
ATOM   581  O  O   . HIS A 1 76  ? 8.115   -2.661  4.863   1.00 7.63  ? 76  HIS A O   1 
ATOM   582  C  CB  . HIS A 1 76  ? 9.616   -2.570  2.539   1.00 8.62  ? 76  HIS A CB  1 
ATOM   583  C  CG  . HIS A 1 76  ? 10.953  -2.942  3.103   1.00 9.62  ? 76  HIS A CG  1 
ATOM   584  N  ND1 . HIS A 1 76  ? 11.718  -3.969  2.593   1.00 10.40 ? 76  HIS A ND1 1 
ATOM   585  C  CD2 . HIS A 1 76  ? 11.664  -2.419  4.130   1.00 10.67 ? 76  HIS A CD2 1 
ATOM   586  C  CE1 . HIS A 1 76  ? 12.842  -4.064  3.281   1.00 10.49 ? 76  HIS A CE1 1 
ATOM   587  N  NE2 . HIS A 1 76  ? 12.834  -3.135  4.220   1.00 11.35 ? 76  HIS A NE2 1 
ATOM   588  N  N   . VAL A 1 77  ? 7.509   -4.811  4.561   1.00 11.28 ? 77  VAL A N   1 
ATOM   589  C  CA  . VAL A 1 77  ? 6.938   -4.985  5.890   1.00 14.70 ? 77  VAL A CA  1 
ATOM   590  C  C   . VAL A 1 77  ? 7.920   -5.628  6.861   1.00 17.52 ? 77  VAL A C   1 
ATOM   591  O  O   . VAL A 1 77  ? 8.321   -6.775  6.679   1.00 18.37 ? 77  VAL A O   1 
ATOM   592  C  CB  . VAL A 1 77  ? 5.672   -5.861  5.813   1.00 13.33 ? 77  VAL A CB  1 
ATOM   593  C  CG1 . VAL A 1 77  ? 4.982   -5.905  7.164   1.00 16.88 ? 77  VAL A CG1 1 
ATOM   594  C  CG2 . VAL A 1 77  ? 4.736   -5.321  4.744   1.00 15.51 ? 77  VAL A CG2 1 
ATOM   595  N  N   . PRO A 1 78  ? 8.319   -4.889  7.910   1.00 26.51 ? 78  PRO A N   1 
ATOM   596  C  CA  . PRO A 1 78  ? 9.260   -5.389  8.918   1.00 28.45 ? 78  PRO A CA  1 
ATOM   597  C  C   . PRO A 1 78  ? 8.640   -6.444  9.832   1.00 29.53 ? 78  PRO A C   1 
ATOM   598  O  O   . PRO A 1 78  ? 7.435   -6.693  9.781   1.00 30.22 ? 78  PRO A O   1 
ATOM   599  C  CB  . PRO A 1 78  ? 9.649   -4.120  9.672   1.00 28.83 ? 78  PRO A CB  1 
ATOM   600  C  CG  . PRO A 1 78  ? 8.390   -3.324  9.633   1.00 28.27 ? 78  PRO A CG  1 
ATOM   601  C  CD  . PRO A 1 78  ? 7.933   -3.497  8.200   1.00 26.85 ? 78  PRO A CD  1 
ATOM   602  N  N   . SER A 1 88  ? 9.559   -11.800 6.737   1.00 33.42 ? 88  SER A N   1 
ATOM   603  C  CA  . SER A 1 88  ? 8.895   -10.554 6.371   1.00 31.51 ? 88  SER A CA  1 
ATOM   604  C  C   . SER A 1 88  ? 8.435   -10.588 4.917   1.00 29.78 ? 88  SER A C   1 
ATOM   605  O  O   . SER A 1 88  ? 8.391   -11.648 4.293   1.00 32.02 ? 88  SER A O   1 
ATOM   606  C  CB  . SER A 1 88  ? 9.841   -9.369  6.595   1.00 26.21 ? 88  SER A CB  1 
ATOM   607  O  OG  . SER A 1 88  ? 11.067  -9.553  5.905   1.00 28.80 ? 88  SER A OG  1 
ATOM   608  N  N   . LEU A 1 89  ? 8.086   -9.423  4.385   1.00 16.54 ? 89  LEU A N   1 
ATOM   609  C  CA  . LEU A 1 89  ? 7.629   -9.307  3.006   1.00 13.12 ? 89  LEU A CA  1 
ATOM   610  C  C   . LEU A 1 89  ? 8.265   -8.072  2.381   1.00 10.58 ? 89  LEU A C   1 
ATOM   611  O  O   . LEU A 1 89  ? 8.071   -6.958  2.863   1.00 9.79  ? 89  LEU A O   1 
ATOM   612  C  CB  . LEU A 1 89  ? 6.103   -9.181  2.962   1.00 16.92 ? 89  LEU A CB  1 
ATOM   613  C  CG  . LEU A 1 89  ? 5.442   -9.067  1.584   1.00 17.86 ? 89  LEU A CG  1 
ATOM   614  C  CD1 . LEU A 1 89  ? 5.685   -10.344 0.789   1.00 20.14 ? 89  LEU A CD1 1 
ATOM   615  C  CD2 . LEU A 1 89  ? 3.950   -8.824  1.756   1.00 18.20 ? 89  LEU A CD2 1 
ATOM   616  N  N   . SER A 1 90  ? 9.026   -8.276  1.310   1.00 11.08 ? 90  SER A N   1 
ATOM   617  C  CA  . SER A 1 90  ? 9.697   -7.178  0.622   1.00 9.22  ? 90  SER A CA  1 
ATOM   618  C  C   . SER A 1 90  ? 9.766   -7.474  -0.868  1.00 10.11 ? 90  SER A C   1 
ATOM   619  O  O   . SER A 1 90  ? 10.584  -8.285  -1.311  1.00 10.13 ? 90  SER A O   1 
ATOM   620  C  CB  . SER A 1 90  ? 11.111  -6.994  1.177   1.00 8.81  ? 90  SER A CB  1 
ATOM   621  O  OG  . SER A 1 90  ? 11.752  -5.875  0.588   1.00 9.84  ? 90  SER A OG  1 
ATOM   622  N  N   . THR A 1 91  ? 8.912   -6.817  -1.644  1.00 6.18  ? 91  THR A N   1 
ATOM   623  C  CA  . THR A 1 91  ? 8.893   -7.045  -3.081  1.00 6.64  ? 91  THR A CA  1 
ATOM   624  C  C   . THR A 1 91  ? 8.071   -5.991  -3.811  1.00 6.18  ? 91  THR A C   1 
ATOM   625  O  O   . THR A 1 91  ? 7.437   -5.137  -3.190  1.00 7.42  ? 91  THR A O   1 
ATOM   626  C  CB  . THR A 1 91  ? 8.305   -8.440  -3.405  1.00 8.95  ? 91  THR A CB  1 
ATOM   627  O  OG1 . THR A 1 91  ? 8.619   -8.794  -4.754  1.00 11.10 ? 91  THR A OG1 1 
ATOM   628  C  CG2 . THR A 1 91  ? 6.790   -8.441  -3.233  1.00 9.31  ? 91  THR A CG2 1 
ATOM   629  N  N   . VAL A 1 92  ? 8.111   -6.049  -5.137  1.00 5.24  ? 92  VAL A N   1 
ATOM   630  C  CA  . VAL A 1 92  ? 7.345   -5.134  -5.967  1.00 5.78  ? 92  VAL A CA  1 
ATOM   631  C  C   . VAL A 1 92  ? 6.365   -6.003  -6.745  1.00 6.08  ? 92  VAL A C   1 
ATOM   632  O  O   . VAL A 1 92  ? 6.757   -6.998  -7.359  1.00 7.00  ? 92  VAL A O   1 
ATOM   633  C  CB  . VAL A 1 92  ? 8.245   -4.352  -6.956  1.00 3.40  ? 92  VAL A CB  1 
ATOM   634  C  CG1 . VAL A 1 92  ? 7.393   -3.396  -7.786  1.00 7.13  ? 92  VAL A CG1 1 
ATOM   635  C  CG2 . VAL A 1 92  ? 9.302   -3.574  -6.191  1.00 6.27  ? 92  VAL A CG2 1 
ATOM   636  N  N   . MET A 1 93  ? 5.090   -5.637  -6.703  1.00 5.22  ? 93  MET A N   1 
ATOM   637  C  CA  . MET A 1 93  ? 4.059   -6.400  -7.399  1.00 4.78  ? 93  MET A CA  1 
ATOM   638  C  C   . MET A 1 93  ? 3.502   -5.631  -8.584  1.00 4.95  ? 93  MET A C   1 
ATOM   639  O  O   . MET A 1 93  ? 3.060   -4.487  -8.443  1.00 5.06  ? 93  MET A O   1 
ATOM   640  C  CB  . MET A 1 93  ? 2.914   -6.736  -6.444  1.00 5.19  ? 93  MET A CB  1 
ATOM   641  C  CG  . MET A 1 93  ? 3.334   -7.486  -5.200  1.00 6.12  ? 93  MET A CG  1 
ATOM   642  S  SD  . MET A 1 93  ? 1.891   -7.863  -4.206  1.00 8.25  ? 93  MET A SD  1 
ATOM   643  C  CE  . MET A 1 93  ? 2.640   -8.836  -2.896  1.00 8.07  ? 93  MET A CE  1 
ATOM   644  N  N   . TYR A 1 94  ? 3.532   -6.266  -9.752  1.00 4.89  ? 94  TYR A N   1 
ATOM   645  C  CA  . TYR A 1 94  ? 3.015   -5.654  -10.972 1.00 4.23  ? 94  TYR A CA  1 
ATOM   646  C  C   . TYR A 1 94  ? 1.681   -6.315  -11.296 1.00 4.16  ? 94  TYR A C   1 
ATOM   647  O  O   . TYR A 1 94  ? 1.567   -7.541  -11.285 1.00 4.84  ? 94  TYR A O   1 
ATOM   648  C  CB  . TYR A 1 94  ? 4.008   -5.833  -12.126 1.00 4.35  ? 94  TYR A CB  1 
ATOM   649  C  CG  . TYR A 1 94  ? 5.332   -5.131  -11.887 1.00 4.01  ? 94  TYR A CG  1 
ATOM   650  C  CD1 . TYR A 1 94  ? 6.309   -5.697  -11.070 1.00 4.20  ? 94  TYR A CD1 1 
ATOM   651  C  CD2 . TYR A 1 94  ? 5.583   -3.869  -12.428 1.00 4.17  ? 94  TYR A CD2 1 
ATOM   652  C  CE1 . TYR A 1 94  ? 7.500   -5.027  -10.796 1.00 5.27  ? 94  TYR A CE1 1 
ATOM   653  C  CE2 . TYR A 1 94  ? 6.769   -3.189  -12.156 1.00 4.47  ? 94  TYR A CE2 1 
ATOM   654  C  CZ  . TYR A 1 94  ? 7.721   -3.775  -11.337 1.00 4.18  ? 94  TYR A CZ  1 
ATOM   655  O  OH  . TYR A 1 94  ? 8.891   -3.104  -11.055 1.00 4.85  ? 94  TYR A OH  1 
ATOM   656  N  N   . ASN A 1 95  ? 0.674   -5.493  -11.574 1.00 4.55  ? 95  ASN A N   1 
ATOM   657  C  CA  . ASN A 1 95  ? -0.675  -5.972  -11.863 1.00 4.90  ? 95  ASN A CA  1 
ATOM   658  C  C   . ASN A 1 95  ? -1.177  -6.929  -10.776 1.00 5.93  ? 95  ASN A C   1 
ATOM   659  O  O   . ASN A 1 95  ? -1.668  -8.021  -11.070 1.00 5.57  ? 95  ASN A O   1 
ATOM   660  C  CB  . ASN A 1 95  ? -0.728  -6.671  -13.226 1.00 4.66  ? 95  ASN A CB  1 
ATOM   661  C  CG  . ASN A 1 95  ? -0.352  -5.749  -14.372 1.00 5.44  ? 95  ASN A CG  1 
ATOM   662  O  OD1 . ASN A 1 95  ? -0.710  -4.572  -14.383 1.00 6.29  ? 95  ASN A OD1 1 
ATOM   663  N  ND2 . ASN A 1 95  ? 0.361   -6.289  -15.354 1.00 4.39  ? 95  ASN A ND2 1 
ATOM   664  N  N   . PRO A 1 96  ? -1.057  -6.531  -9.498  1.00 5.14  ? 96  PRO A N   1 
ATOM   665  C  CA  . PRO A 1 96  ? -1.520  -7.401  -8.414  1.00 5.99  ? 96  PRO A CA  1 
ATOM   666  C  C   . PRO A 1 96  ? -3.039  -7.488  -8.373  1.00 6.98  ? 96  PRO A C   1 
ATOM   667  O  O   . PRO A 1 96  ? -3.739  -6.527  -8.685  1.00 7.22  ? 96  PRO A O   1 
ATOM   668  C  CB  . PRO A 1 96  ? -0.961  -6.721  -7.170  1.00 5.46  ? 96  PRO A CB  1 
ATOM   669  C  CG  . PRO A 1 96  ? -1.055  -5.266  -7.538  1.00 5.42  ? 96  PRO A CG  1 
ATOM   670  C  CD  . PRO A 1 96  ? -0.524  -5.264  -8.961  1.00 5.38  ? 96  PRO A CD  1 
ATOM   671  N  N   . LYS A 1 97  ? -3.546  -8.649  -7.984  1.00 7.80  ? 97  LYS A N   1 
ATOM   672  C  CA  . LYS A 1 97  ? -4.983  -8.826  -7.881  1.00 9.70  ? 97  LYS A CA  1 
ATOM   673  C  C   . LYS A 1 97  ? -5.314  -9.796  -6.764  1.00 8.62  ? 97  LYS A C   1 
ATOM   674  O  O   . LYS A 1 97  ? -4.614  -10.783 -6.557  1.00 8.69  ? 97  LYS A O   1 
ATOM   675  C  CB  . LYS A 1 97  ? -5.563  -9.315  -9.213  1.00 22.28 ? 97  LYS A CB  1 
ATOM   676  C  CG  . LYS A 1 97  ? -4.923  -10.571 -9.765  1.00 28.02 ? 97  LYS A CG  1 
ATOM   677  C  CD  . LYS A 1 97  ? -5.464  -10.896 -11.157 1.00 32.10 ? 97  LYS A CD  1 
ATOM   678  C  CE  . LYS A 1 97  ? -6.970  -11.128 -11.137 1.00 35.54 ? 97  LYS A CE  1 
ATOM   679  N  NZ  . LYS A 1 97  ? -7.505  -11.446 -12.492 1.00 38.31 ? 97  LYS A NZ  1 
ATOM   680  N  N   . ILE A 1 98  ? -6.374  -9.490  -6.028  1.00 8.02  ? 98  ILE A N   1 
ATOM   681  C  CA  . ILE A 1 98  ? -6.807  -10.343 -4.932  1.00 8.62  ? 98  ILE A CA  1 
ATOM   682  C  C   . ILE A 1 98  ? -7.751  -11.387 -5.514  1.00 8.61  ? 98  ILE A C   1 
ATOM   683  O  O   . ILE A 1 98  ? -8.847  -11.062 -5.969  1.00 9.93  ? 98  ILE A O   1 
ATOM   684  C  CB  . ILE A 1 98  ? -7.532  -9.518  -3.851  1.00 10.60 ? 98  ILE A CB  1 
ATOM   685  C  CG1 . ILE A 1 98  ? -6.581  -8.445  -3.310  1.00 11.28 ? 98  ILE A CG1 1 
ATOM   686  C  CG2 . ILE A 1 98  ? -8.002  -10.429 -2.724  1.00 11.41 ? 98  ILE A CG2 1 
ATOM   687  C  CD1 . ILE A 1 98  ? -7.219  -7.488  -2.319  1.00 11.51 ? 98  ILE A CD1 1 
ATOM   688  N  N   . LEU A 1 99  ? -7.312  -12.641 -5.510  1.00 9.30  ? 99  LEU A N   1 
ATOM   689  C  CA  . LEU A 1 99  ? -8.106  -13.733 -6.061  1.00 9.05  ? 99  LEU A CA  1 
ATOM   690  C  C   . LEU A 1 99  ? -9.190  -14.197 -5.099  1.00 9.90  ? 99  LEU A C   1 
ATOM   691  O  O   . LEU A 1 99  ? -10.252 -14.653 -5.522  1.00 10.98 ? 99  LEU A O   1 
ATOM   692  C  CB  . LEU A 1 99  ? -7.201  -14.914 -6.416  1.00 11.86 ? 99  LEU A CB  1 
ATOM   693  C  CG  . LEU A 1 99  ? -6.030  -14.622 -7.359  1.00 13.94 ? 99  LEU A CG  1 
ATOM   694  C  CD1 . LEU A 1 99  ? -5.269  -15.908 -7.627  1.00 14.65 ? 99  LEU A CD1 1 
ATOM   695  C  CD2 . LEU A 1 99  ? -6.540  -14.021 -8.657  1.00 14.29 ? 99  LEU A CD2 1 
ATOM   696  N  N   . SER A 1 100 ? -8.914  -14.088 -3.806  1.00 9.55  ? 100 SER A N   1 
ATOM   697  C  CA  . SER A 1 100 ? -9.873  -14.499 -2.789  1.00 9.91  ? 100 SER A CA  1 
ATOM   698  C  C   . SER A 1 100 ? -9.496  -13.886 -1.452  1.00 10.02 ? 100 SER A C   1 
ATOM   699  O  O   . SER A 1 100 ? -8.372  -13.418 -1.266  1.00 9.14  ? 100 SER A O   1 
ATOM   700  C  CB  . SER A 1 100 ? -9.899  -16.026 -2.667  1.00 14.26 ? 100 SER A CB  1 
ATOM   701  O  OG  . SER A 1 100 ? -8.648  -16.525 -2.226  1.00 15.60 ? 100 SER A OG  1 
ATOM   702  N  N   . HIS A 1 101 ? -10.452 -13.895 -0.527  1.00 11.90 ? 101 HIS A N   1 
ATOM   703  C  CA  . HIS A 1 101 ? -10.204 -13.356 0.792   1.00 12.17 ? 101 HIS A CA  1 
ATOM   704  C  C   . HIS A 1 101 ? -11.040 -14.056 1.850   1.00 12.86 ? 101 HIS A C   1 
ATOM   705  O  O   . HIS A 1 101 ? -11.977 -14.708 1.527   1.00 13.02 ? 101 HIS A O   1 
ATOM   706  C  CB  . HIS A 1 101 ? -10.507 -11.910 0.799   1.00 11.75 ? 101 HIS A CB  1 
ATOM   707  C  CG  . HIS A 1 101 ? -11.949 -11.626 0.609   1.00 13.45 ? 101 HIS A CG  1 
ATOM   708  N  ND1 . HIS A 1 101 ? -12.490 -11.282 -0.600  1.00 15.83 ? 101 HIS A ND1 1 
ATOM   709  C  CD2 . HIS A 1 101 ? -12.956 -11.603 1.498   1.00 13.05 ? 101 HIS A CD2 1 
ATOM   710  C  CE1 . HIS A 1 101 ? -13.774 -11.044 -0.444  1.00 14.68 ? 101 HIS A CE1 1 
ATOM   711  N  NE2 . HIS A 1 101 ? -14.083 -11.255 0.813   1.00 16.38 ? 101 HIS A NE2 1 
ATOM   712  N  N   . SER A 1 102 ? -10.633 -13.889 3.101   1.00 11.85 ? 102 SER A N   1 
ATOM   713  C  CA  . SER A 1 102 ? -11.344 -14.416 4.242   1.00 13.24 ? 102 SER A CA  1 
ATOM   714  C  C   . SER A 1 102 ? -12.620 -13.644 4.495   1.00 13.20 ? 102 SER A C   1 
ATOM   715  O  O   . SER A 1 102 ? -12.758 -12.524 4.133   1.00 14.09 ? 102 SER A O   1 
ATOM   716  C  CB  . SER A 1 102 ? -10.461 -14.415 5.456   1.00 12.23 ? 102 SER A CB  1 
ATOM   717  O  OG  . SER A 1 102 ? -10.087 -13.091 5.796   1.00 12.42 ? 102 SER A OG  1 
ATOM   718  N  N   . VAL A 1 103 ? -13.550 -14.326 5.149   1.00 14.76 ? 103 VAL A N   1 
ATOM   719  C  CA  . VAL A 1 103 ? -14.677 -13.671 5.746   1.00 15.64 ? 103 VAL A CA  1 
ATOM   720  C  C   . VAL A 1 103 ? -14.254 -12.829 6.939   1.00 14.04 ? 103 VAL A C   1 
ATOM   721  O  O   . VAL A 1 103 ? -14.709 -11.730 7.097   1.00 14.21 ? 103 VAL A O   1 
ATOM   722  C  CB  . VAL A 1 103 ? -15.785 -14.662 6.128   1.00 27.00 ? 103 VAL A CB  1 
ATOM   723  C  CG1 . VAL A 1 103 ? -16.922 -13.882 6.732   1.00 28.60 ? 103 VAL A CG1 1 
ATOM   724  C  CG2 . VAL A 1 103 ? -16.288 -15.322 4.863   1.00 28.32 ? 103 VAL A CG2 1 
ATOM   725  N  N   . GLN A 1 104 ? -13.397 -13.409 7.739   1.00 13.53 ? 104 GLN A N   1 
ATOM   726  C  CA  . GLN A 1 104 ? -12.859 -12.757 8.906   1.00 13.29 ? 104 GLN A CA  1 
ATOM   727  C  C   . GLN A 1 104 ? -12.168 -11.464 8.527   1.00 12.69 ? 104 GLN A C   1 
ATOM   728  O  O   . GLN A 1 104 ? -11.323 -11.474 7.699   1.00 11.69 ? 104 GLN A O   1 
ATOM   729  C  CB  . GLN A 1 104 ? -11.874 -13.687 9.624   1.00 21.75 ? 104 GLN A CB  1 
ATOM   730  C  CG  . GLN A 1 104 ? -11.148 -13.188 10.839  1.00 26.42 ? 104 GLN A CG  1 
ATOM   731  C  CD  . GLN A 1 104 ? -10.118 -14.228 11.427  1.00 29.61 ? 104 GLN A CD  1 
ATOM   732  O  OE1 . GLN A 1 104 ? -9.208  -14.678 10.736  1.00 33.04 ? 104 GLN A OE1 1 
ATOM   733  N  NE2 . GLN A 1 104 ? -10.272 -14.557 12.696  1.00 31.81 ? 104 GLN A NE2 1 
ATOM   734  N  N   . ASP A 1 105 ? -12.497 -10.391 9.241   1.00 13.16 ? 105 ASP A N   1 
ATOM   735  C  CA  . ASP A 1 105 ? -11.845 -9.111  8.990   1.00 11.78 ? 105 ASP A CA  1 
ATOM   736  C  C   . ASP A 1 105 ? -10.890 -8.727  10.114  1.00 11.83 ? 105 ASP A C   1 
ATOM   737  O  O   . ASP A 1 105 ? -10.865 -9.359  11.169  1.00 12.26 ? 105 ASP A O   1 
ATOM   738  C  CB  . ASP A 1 105 ? -12.887 -8.010  8.785   1.00 14.31 ? 105 ASP A CB  1 
ATOM   739  C  CG  . ASP A 1 105 ? -13.669 -8.187  7.500   1.00 15.61 ? 105 ASP A CG  1 
ATOM   740  O  OD1 . ASP A 1 105 ? -13.088 -8.704  6.522   1.00 15.67 ? 105 ASP A OD1 1 
ATOM   741  O  OD2 . ASP A 1 105 ? -14.856 -7.801  7.458   1.00 19.70 ? 105 ASP A OD2 1 
ATOM   742  N  N   . VAL A 1 106 ? -10.108 -7.679  9.882   1.00 9.82  ? 106 VAL A N   1 
ATOM   743  C  CA  . VAL A 1 106 ? -9.125  -7.228  10.854  1.00 9.45  ? 106 VAL A CA  1 
ATOM   744  C  C   . VAL A 1 106 ? -8.878  -5.731  10.679  1.00 9.11  ? 106 VAL A C   1 
ATOM   745  O  O   . VAL A 1 106 ? -9.249  -5.148  9.663   1.00 8.76  ? 106 VAL A O   1 
ATOM   746  C  CB  . VAL A 1 106 ? -7.789  -7.993  10.651  1.00 8.31  ? 106 VAL A CB  1 
ATOM   747  C  CG1 . VAL A 1 106 ? -7.217  -7.678  9.269   1.00 9.98  ? 106 VAL A CG1 1 
ATOM   748  C  CG2 . VAL A 1 106 ? -6.792  -7.634  11.744  1.00 8.24  ? 106 VAL A CG2 1 
ATOM   749  N  N   . CYS A 1 107 ? -8.268  -5.108  11.681  1.00 10.45 ? 107 CYS A N   1 
ATOM   750  C  CA  . CYS A 1 107 ? -7.958  -3.687  11.607  1.00 10.15 ? 107 CYS A CA  1 
ATOM   751  C  C   . CYS A 1 107 ? -6.813  -3.372  12.553  1.00 10.70 ? 107 CYS A C   1 
ATOM   752  O  O   . CYS A 1 107 ? -6.641  -4.038  13.575  1.00 12.13 ? 107 CYS A O   1 
ATOM   753  C  CB  . CYS A 1 107 ? -9.182  -2.836  11.970  1.00 9.79  ? 107 CYS A CB  1 
ATOM   754  S  SG  . CYS A 1 107 ? -9.692  -2.860  13.716  1.00 11.93 ? 107 CYS A SG  1 
ATOM   755  N  N   . LEU A 1 108 ? -6.010  -2.377  12.196  1.00 7.19  ? 108 LEU A N   1 
ATOM   756  C  CA  . LEU A 1 108 ? -4.904  -1.966  13.049  1.00 8.26  ? 108 LEU A CA  1 
ATOM   757  C  C   . LEU A 1 108 ? -5.480  -1.157  14.203  1.00 8.50  ? 108 LEU A C   1 
ATOM   758  O  O   . LEU A 1 108 ? -6.271  -0.238  13.989  1.00 7.96  ? 108 LEU A O   1 
ATOM   759  C  CB  . LEU A 1 108 ? -3.909  -1.107  12.272  1.00 11.41 ? 108 LEU A CB  1 
ATOM   760  C  CG  . LEU A 1 108 ? -3.130  -1.787  11.150  1.00 12.51 ? 108 LEU A CG  1 
ATOM   761  C  CD1 . LEU A 1 108 ? -2.128  -0.796  10.598  1.00 13.47 ? 108 LEU A CD1 1 
ATOM   762  C  CD2 . LEU A 1 108 ? -2.416  -3.026  11.672  1.00 14.12 ? 108 LEU A CD2 1 
ATOM   763  N  N   . GLY A 1 109 ? -5.081  -1.501  15.424  1.00 9.59  ? 109 GLY A N   1 
ATOM   764  C  CA  . GLY A 1 109 ? -5.586  -0.798  16.588  1.00 10.71 ? 109 GLY A CA  1 
ATOM   765  C  C   . GLY A 1 109 ? -5.323  0.695   16.577  1.00 11.76 ? 109 GLY A C   1 
ATOM   766  O  O   . GLY A 1 109 ? -6.133  1.478   17.076  1.00 12.14 ? 109 GLY A O   1 
ATOM   767  N  N   . GLU A 1 110 ? -4.190  1.096   16.012  1.00 13.13 ? 110 GLU A N   1 
ATOM   768  C  CA  . GLU A 1 110 ? -3.831  2.508   15.958  1.00 14.96 ? 110 GLU A CA  1 
ATOM   769  C  C   . GLU A 1 110 ? -4.352  3.224   14.716  1.00 13.60 ? 110 GLU A C   1 
ATOM   770  O  O   . GLU A 1 110 ? -4.010  4.384   14.477  1.00 14.54 ? 110 GLU A O   1 
ATOM   771  C  CB  . GLU A 1 110 ? -2.310  2.669   16.046  1.00 28.43 ? 110 GLU A CB  1 
ATOM   772  C  CG  . GLU A 1 110 ? -1.511  1.642   15.257  1.00 34.04 ? 110 GLU A CG  1 
ATOM   773  C  CD  . GLU A 1 110 ? -1.425  0.298   15.965  1.00 36.28 ? 110 GLU A CD  1 
ATOM   774  O  OE1 . GLU A 1 110 ? -0.871  0.246   17.086  1.00 39.42 ? 110 GLU A OE1 1 
ATOM   775  O  OE2 . GLU A 1 110 ? -1.911  -0.708  15.405  1.00 36.74 ? 110 GLU A OE2 1 
ATOM   776  N  N   . GLY A 1 111 ? -5.188  2.544   13.938  1.00 10.95 ? 111 GLY A N   1 
ATOM   777  C  CA  . GLY A 1 111 ? -5.718  3.150   12.730  1.00 10.38 ? 111 GLY A CA  1 
ATOM   778  C  C   . GLY A 1 111 ? -4.668  3.115   11.638  1.00 9.52  ? 111 GLY A C   1 
ATOM   779  O  O   . GLY A 1 111 ? -3.709  2.356   11.729  1.00 9.77  ? 111 GLY A O   1 
ATOM   780  N  N   . GLU A 1 112 ? -4.836  3.925   10.579  1.00 8.20  ? 112 GLU A N   1 
ATOM   781  C  CA  . GLU A 1 112 ? -3.888  3.967   9.458   1.00 7.41  ? 112 GLU A CA  1 
ATOM   782  C  C   . GLU A 1 112 ? -3.470  5.437   9.182   1.00 6.91  ? 112 GLU A C   1 
ATOM   783  O  O   . GLU A 1 112 ? -4.123  6.338   9.543   1.00 8.97  ? 112 GLU A O   1 
ATOM   784  C  CB  . GLU A 1 112 ? -4.434  3.269   8.172   1.00 8.04  ? 112 GLU A CB  1 
ATOM   785  C  CG  . GLU A 1 112 ? -4.646  1.779   8.359   1.00 8.71  ? 112 GLU A CG  1 
ATOM   786  C  CD  . GLU A 1 112 ? -5.024  1.044   7.083   1.00 9.26  ? 112 GLU A CD  1 
ATOM   787  O  OE1 . GLU A 1 112 ? -4.883  1.628   6.014   1.00 8.62  ? 112 GLU A OE1 1 
ATOM   788  O  OE2 . GLU A 1 112 ? -5.502  -0.059  7.211   1.00 7.18  ? 112 GLU A OE2 1 
ATOM   789  N  N   . GLY A 1 113 ? -2.316  5.567   8.544   1.00 10.19 ? 113 GLY A N   1 
ATOM   790  C  CA  . GLY A 1 113 ? -1.959  6.806   7.885   1.00 8.78  ? 113 GLY A CA  1 
ATOM   791  C  C   . GLY A 1 113 ? -1.415  6.521   6.471   1.00 10.00 ? 113 GLY A C   1 
ATOM   792  O  O   . GLY A 1 113 ? -1.411  5.435   6.035   1.00 11.15 ? 113 GLY A O   1 
ATOM   793  N  N   . CYS A 1 114 ? -0.948  7.553   5.819   1.00 6.95  ? 114 CYS A N   1 
ATOM   794  C  CA  . CYS A 1 114 ? -0.620  7.468   4.440   1.00 6.48  ? 114 CYS A CA  1 
ATOM   795  C  C   . CYS A 1 114 ? 0.302   8.612   4.055   1.00 7.37  ? 114 CYS A C   1 
ATOM   796  O  O   . CYS A 1 114 ? 0.066   9.677   4.413   1.00 6.82  ? 114 CYS A O   1 
ATOM   797  C  CB  . CYS A 1 114 ? -1.956  7.603   3.699   1.00 6.09  ? 114 CYS A CB  1 
ATOM   798  S  SG  . CYS A 1 114 ? -1.846  7.282   1.902   1.00 7.28  ? 114 CYS A SG  1 
ATOM   799  N  N   . LEU A 1 115 ? 1.308   8.318   3.253   1.00 6.79  ? 115 LEU A N   1 
ATOM   800  C  CA  . LEU A 1 115 ? 2.299   9.312   2.916   1.00 8.69  ? 115 LEU A CA  1 
ATOM   801  C  C   . LEU A 1 115 ? 1.722   10.448  2.084   1.00 8.82  ? 115 LEU A C   1 
ATOM   802  O  O   . LEU A 1 115 ? 2.321   11.472  1.985   1.00 10.31 ? 115 LEU A O   1 
ATOM   803  C  CB  . LEU A 1 115 ? 3.411   8.617   2.104   1.00 10.59 ? 115 LEU A CB  1 
ATOM   804  C  CG  . LEU A 1 115 ? 4.209   7.549   2.849   1.00 12.37 ? 115 LEU A CG  1 
ATOM   805  C  CD1 . LEU A 1 115 ? 4.989   6.651   1.879   1.00 14.76 ? 115 LEU A CD1 1 
ATOM   806  C  CD2 . LEU A 1 115 ? 5.022   8.200   3.795   1.00 14.57 ? 115 LEU A CD2 1 
ATOM   807  N  N   . SER A 1 116 ? 0.546   10.209  1.513   1.00 7.88  ? 116 SER A N   1 
ATOM   808  C  CA  . SER A 1 116 ? -0.089  11.228  0.684   1.00 8.35  ? 116 SER A CA  1 
ATOM   809  C  C   . SER A 1 116 ? -1.079  12.067  1.488   1.00 8.91  ? 116 SER A C   1 
ATOM   810  O  O   . SER A 1 116 ? -1.680  12.942  0.973   1.00 11.06 ? 116 SER A O   1 
ATOM   811  C  CB  . SER A 1 116 ? -0.838  10.578  -0.468  1.00 7.73  ? 116 SER A CB  1 
ATOM   812  O  OG  . SER A 1 116 ? 0.080   10.012  -1.384  1.00 7.74  ? 116 SER A OG  1 
ATOM   813  N  N   . VAL A 1 117 ? -1.253  11.699  2.746   1.00 8.47  ? 117 VAL A N   1 
ATOM   814  C  CA  . VAL A 1 117 ? -2.219  12.382  3.599   1.00 8.48  ? 117 VAL A CA  1 
ATOM   815  C  C   . VAL A 1 117 ? -1.512  13.144  4.711   1.00 10.17 ? 117 VAL A C   1 
ATOM   816  O  O   . VAL A 1 117 ? -0.904  12.550  5.603   1.00 9.18  ? 117 VAL A O   1 
ATOM   817  C  CB  . VAL A 1 117 ? -3.220  11.364  4.192   1.00 8.06  ? 117 VAL A CB  1 
ATOM   818  C  CG1 . VAL A 1 117 ? -4.257  12.075  5.057   1.00 7.13  ? 117 VAL A CG1 1 
ATOM   819  C  CG2 . VAL A 1 117 ? -3.906  10.607  3.055   1.00 6.81  ? 117 VAL A CG2 1 
ATOM   820  N  N   . ASP A 1 118 ? -1.594  14.469  4.643   1.00 13.19 ? 118 ASP A N   1 
ATOM   821  C  CA  . ASP A 1 118 ? -0.950  15.330  5.623   1.00 15.44 ? 118 ASP A CA  1 
ATOM   822  C  C   . ASP A 1 118 ? -1.896  15.808  6.716   1.00 17.17 ? 118 ASP A C   1 
ATOM   823  O  O   . ASP A 1 118 ? -1.926  16.989  7.068   1.00 18.68 ? 118 ASP A O   1 
ATOM   824  C  CB  . ASP A 1 118 ? -0.303  16.523  4.916   1.00 17.19 ? 118 ASP A CB  1 
ATOM   825  C  CG  . ASP A 1 118 ? 0.774   16.097  3.933   1.00 18.20 ? 118 ASP A CG  1 
ATOM   826  O  OD1 . ASP A 1 118 ? 1.661   15.315  4.335   1.00 19.13 ? 118 ASP A OD1 1 
ATOM   827  O  OD2 . ASP A 1 118 ? 0.737   16.539  2.766   1.00 20.82 ? 118 ASP A OD2 1 
ATOM   828  N  N   . ARG A 1 119 ? -2.671  14.870  7.247   1.00 13.77 ? 119 ARG A N   1 
ATOM   829  C  CA  . ARG A 1 119 ? -3.612  15.142  8.323   1.00 14.43 ? 119 ARG A CA  1 
ATOM   830  C  C   . ARG A 1 119 ? -3.894  13.811  9.000   1.00 14.53 ? 119 ARG A C   1 
ATOM   831  O  O   . ARG A 1 119 ? -3.771  12.757  8.380   1.00 14.68 ? 119 ARG A O   1 
ATOM   832  C  CB  . ARG A 1 119 ? -4.919  15.729  7.780   1.00 16.57 ? 119 ARG A CB  1 
ATOM   833  C  CG  . ARG A 1 119 ? -5.626  14.850  6.761   1.00 17.82 ? 119 ARG A CG  1 
ATOM   834  C  CD  . ARG A 1 119 ? -7.070  15.282  6.556   1.00 17.82 ? 119 ARG A CD  1 
ATOM   835  N  NE  . ARG A 1 119 ? -7.752  14.465  5.555   1.00 18.84 ? 119 ARG A NE  1 
ATOM   836  C  CZ  . ARG A 1 119 ? -9.025  14.091  5.639   1.00 18.71 ? 119 ARG A CZ  1 
ATOM   837  N  NH1 . ARG A 1 119 ? -9.759  14.459  6.680   1.00 19.14 ? 119 ARG A NH1 1 
ATOM   838  N  NH2 . ARG A 1 119 ? -9.565  13.343  4.685   1.00 17.97 ? 119 ARG A NH2 1 
ATOM   839  N  N   . ASP A 1 120 ? -4.256  13.856  10.274  1.00 15.89 ? 120 ASP A N   1 
ATOM   840  C  CA  . ASP A 1 120 ? -4.560  12.634  11.001  1.00 17.03 ? 120 ASP A CA  1 
ATOM   841  C  C   . ASP A 1 120 ? -6.052  12.358  10.901  1.00 15.54 ? 120 ASP A C   1 
ATOM   842  O  O   . ASP A 1 120 ? -6.871  13.224  11.199  1.00 15.51 ? 120 ASP A O   1 
ATOM   843  C  CB  . ASP A 1 120 ? -4.146  12.769  12.468  1.00 29.84 ? 120 ASP A CB  1 
ATOM   844  C  CG  . ASP A 1 120 ? -2.639  12.778  12.650  1.00 32.30 ? 120 ASP A CG  1 
ATOM   845  O  OD1 . ASP A 1 120 ? -2.176  13.071  13.773  1.00 36.04 ? 120 ASP A OD1 1 
ATOM   846  O  OD2 . ASP A 1 120 ? -1.915  12.484  11.674  1.00 33.61 ? 120 ASP A OD2 1 
ATOM   847  N  N   . VAL A 1 121 ? -6.402  11.156  10.459  1.00 13.28 ? 121 VAL A N   1 
ATOM   848  C  CA  . VAL A 1 121 ? -7.802  10.776  10.338  1.00 11.08 ? 121 VAL A CA  1 
ATOM   849  C  C   . VAL A 1 121 ? -8.038  9.567   11.238  1.00 10.88 ? 121 VAL A C   1 
ATOM   850  O  O   . VAL A 1 121 ? -7.808  8.429   10.836  1.00 10.99 ? 121 VAL A O   1 
ATOM   851  C  CB  . VAL A 1 121 ? -8.167  10.406  8.886   1.00 11.27 ? 121 VAL A CB  1 
ATOM   852  C  CG1 . VAL A 1 121 ? -9.675  10.272  8.752   1.00 12.87 ? 121 VAL A CG1 1 
ATOM   853  C  CG2 . VAL A 1 121 ? -7.627  11.458  7.927   1.00 13.26 ? 121 VAL A CG2 1 
ATOM   854  N  N   . PRO A 1 122 ? -8.490  9.807   12.479  1.00 10.82 ? 122 PRO A N   1 
ATOM   855  C  CA  . PRO A 1 122 ? -8.757  8.746   13.458  1.00 10.82 ? 122 PRO A CA  1 
ATOM   856  C  C   . PRO A 1 122 ? -9.854  7.765   13.048  1.00 9.20  ? 122 PRO A C   1 
ATOM   857  O  O   . PRO A 1 122 ? -10.781 8.116   12.319  1.00 9.76  ? 122 PRO A O   1 
ATOM   858  C  CB  . PRO A 1 122 ? -9.137  9.527   14.716  1.00 20.39 ? 122 PRO A CB  1 
ATOM   859  C  CG  . PRO A 1 122 ? -8.375  10.807  14.563  1.00 21.63 ? 122 PRO A CG  1 
ATOM   860  C  CD  . PRO A 1 122 ? -8.615  11.133  13.108  1.00 21.29 ? 122 PRO A CD  1 
ATOM   861  N  N   . GLY A 1 123 ? -9.744  6.531   13.530  1.00 9.59  ? 123 GLY A N   1 
ATOM   862  C  CA  . GLY A 1 123 ? -10.750 5.536   13.213  1.00 9.44  ? 123 GLY A CA  1 
ATOM   863  C  C   . GLY A 1 123 ? -10.203 4.232   12.669  1.00 8.56  ? 123 GLY A C   1 
ATOM   864  O  O   . GLY A 1 123 ? -9.100  4.175   12.126  1.00 10.01 ? 123 GLY A O   1 
ATOM   865  N  N   . TYR A 1 124 ? -10.992 3.177   12.816  1.00 8.26  ? 124 TYR A N   1 
ATOM   866  C  CA  . TYR A 1 124 ? -10.601 1.860   12.345  1.00 7.12  ? 124 TYR A CA  1 
ATOM   867  C  C   . TYR A 1 124 ? -10.852 1.679   10.858  1.00 7.58  ? 124 TYR A C   1 
ATOM   868  O  O   . TYR A 1 124 ? -11.887 2.098   10.333  1.00 7.32  ? 124 TYR A O   1 
ATOM   869  C  CB  . TYR A 1 124 ? -11.370 0.781   13.113  1.00 8.79  ? 124 TYR A CB  1 
ATOM   870  C  CG  . TYR A 1 124 ? -10.990 0.671   14.569  1.00 10.22 ? 124 TYR A CG  1 
ATOM   871  C  CD1 . TYR A 1 124 ? -11.961 0.459   15.547  1.00 10.81 ? 124 TYR A CD1 1 
ATOM   872  C  CD2 . TYR A 1 124 ? -9.660  0.762   14.969  1.00 10.30 ? 124 TYR A CD2 1 
ATOM   873  C  CE1 . TYR A 1 124 ? -11.612 0.340   16.891  1.00 10.21 ? 124 TYR A CE1 1 
ATOM   874  C  CE2 . TYR A 1 124 ? -9.300  0.644   16.307  1.00 11.94 ? 124 TYR A CE2 1 
ATOM   875  C  CZ  . TYR A 1 124 ? -10.280 0.433   17.261  1.00 11.68 ? 124 TYR A CZ  1 
ATOM   876  O  OH  . TYR A 1 124 ? -9.917  0.314   18.584  1.00 11.23 ? 124 TYR A OH  1 
ATOM   877  N  N   . VAL A 1 125 ? -9.885  1.059   10.189  1.00 7.27  ? 125 VAL A N   1 
ATOM   878  C  CA  . VAL A 1 125 ? -9.974  0.754   8.769   1.00 7.82  ? 125 VAL A CA  1 
ATOM   879  C  C   . VAL A 1 125 ? -10.051 -0.769  8.741   1.00 8.43  ? 125 VAL A C   1 
ATOM   880  O  O   . VAL A 1 125 ? -9.039  -1.454  8.884   1.00 7.41  ? 125 VAL A O   1 
ATOM   881  C  CB  . VAL A 1 125 ? -8.714  1.231   8.012   1.00 7.12  ? 125 VAL A CB  1 
ATOM   882  C  CG1 . VAL A 1 125 ? -8.843  0.912   6.529   1.00 8.70  ? 125 VAL A CG1 1 
ATOM   883  C  CG2 . VAL A 1 125 ? -8.517  2.728   8.221   1.00 9.81  ? 125 VAL A CG2 1 
ATOM   884  N  N   . VAL A 1 126 ? -11.261 -1.290  8.574   1.00 7.73  ? 126 VAL A N   1 
ATOM   885  C  CA  . VAL A 1 126 ? -11.484 -2.728  8.565   1.00 8.40  ? 126 VAL A CA  1 
ATOM   886  C  C   . VAL A 1 126 ? -11.224 -3.348  7.199   1.00 8.50  ? 126 VAL A C   1 
ATOM   887  O  O   . VAL A 1 126 ? -11.786 -2.927  6.190   1.00 8.49  ? 126 VAL A O   1 
ATOM   888  C  CB  . VAL A 1 126 ? -12.923 -3.049  9.020   1.00 9.03  ? 126 VAL A CB  1 
ATOM   889  C  CG1 . VAL A 1 126 ? -13.125 -4.555  9.099   1.00 9.87  ? 126 VAL A CG1 1 
ATOM   890  C  CG2 . VAL A 1 126 ? -13.186 -2.405  10.377  1.00 10.52 ? 126 VAL A CG2 1 
ATOM   891  N  N   . ARG A 1 127 ? -10.360 -4.357  7.184   1.00 7.96  ? 127 ARG A N   1 
ATOM   892  C  CA  . ARG A 1 127 ? -9.995  -5.048  5.955   1.00 7.61  ? 127 ARG A CA  1 
ATOM   893  C  C   . ARG A 1 127 ? -10.073 -6.555  6.182   1.00 8.59  ? 127 ARG A C   1 
ATOM   894  O  O   . ARG A 1 127 ? -10.327 -7.008  7.298   1.00 8.93  ? 127 ARG A O   1 
ATOM   895  C  CB  . ARG A 1 127 ? -8.570  -4.659  5.549   1.00 9.30  ? 127 ARG A CB  1 
ATOM   896  C  CG  . ARG A 1 127 ? -8.344  -3.154  5.384   1.00 8.05  ? 127 ARG A CG  1 
ATOM   897  C  CD  . ARG A 1 127 ? -6.883  -2.871  5.049   1.00 7.11  ? 127 ARG A CD  1 
ATOM   898  N  NE  . ARG A 1 127 ? -6.560  -1.449  4.930   1.00 7.57  ? 127 ARG A NE  1 
ATOM   899  C  CZ  . ARG A 1 127 ? -6.857  -0.689  3.879   1.00 6.00  ? 127 ARG A CZ  1 
ATOM   900  N  NH1 . ARG A 1 127 ? -7.501  -1.204  2.840   1.00 7.00  ? 127 ARG A NH1 1 
ATOM   901  N  NH2 . ARG A 1 127 ? -6.475  0.582   3.853   1.00 6.61  ? 127 ARG A NH2 1 
ATOM   902  N  N   . HIS A 1 128 ? -9.861  -7.332  5.126   1.00 8.48  ? 128 HIS A N   1 
ATOM   903  C  CA  . HIS A 1 128 ? -9.902  -8.783  5.250   1.00 9.47  ? 128 HIS A CA  1 
ATOM   904  C  C   . HIS A 1 128 ? -8.612  -9.274  5.900   1.00 9.62  ? 128 HIS A C   1 
ATOM   905  O  O   . HIS A 1 128 ? -7.522  -8.802  5.573   1.00 8.87  ? 128 HIS A O   1 
ATOM   906  C  CB  . HIS A 1 128 ? -10.100 -9.407  3.868   1.00 8.91  ? 128 HIS A CB  1 
ATOM   907  C  CG  . HIS A 1 128 ? -11.373 -8.985  3.205   1.00 10.28 ? 128 HIS A CG  1 
ATOM   908  N  ND1 . HIS A 1 128 ? -11.434 -8.575  1.890   1.00 12.68 ? 128 HIS A ND1 1 
ATOM   909  C  CD2 . HIS A 1 128 ? -12.634 -8.879  3.689   1.00 11.53 ? 128 HIS A CD2 1 
ATOM   910  C  CE1 . HIS A 1 128 ? -12.675 -8.233  1.594   1.00 11.28 ? 128 HIS A CE1 1 
ATOM   911  N  NE2 . HIS A 1 128 ? -13.423 -8.409  2.668   1.00 14.82 ? 128 HIS A NE2 1 
ATOM   912  N  N   . ASN A 1 129 ? -8.733  -10.216 6.831   1.00 9.84  ? 129 ASN A N   1 
ATOM   913  C  CA  . ASN A 1 129 ? -7.561  -10.726 7.528   1.00 9.77  ? 129 ASN A CA  1 
ATOM   914  C  C   . ASN A 1 129 ? -6.674  -11.613 6.661   1.00 9.67  ? 129 ASN A C   1 
ATOM   915  O  O   . ASN A 1 129 ? -5.460  -11.674 6.863   1.00 10.42 ? 129 ASN A O   1 
ATOM   916  C  CB  . ASN A 1 129 ? -7.984  -11.486 8.788   1.00 10.84 ? 129 ASN A CB  1 
ATOM   917  C  CG  . ASN A 1 129 ? -6.802  -11.924 9.622   1.00 12.85 ? 129 ASN A CG  1 
ATOM   918  O  OD1 . ASN A 1 129 ? -5.940  -11.115 9.967   1.00 12.86 ? 129 ASN A OD1 1 
ATOM   919  N  ND2 . ASN A 1 129 ? -6.751  -13.210 9.953   1.00 14.54 ? 129 ASN A ND2 1 
ATOM   920  N  N   . LYS A 1 130 ? -7.275  -12.308 5.700   1.00 8.24  ? 130 LYS A N   1 
ATOM   921  C  CA  . LYS A 1 130 ? -6.501  -13.170 4.820   1.00 9.58  ? 130 LYS A CA  1 
ATOM   922  C  C   . LYS A 1 130 ? -6.856  -12.921 3.363   1.00 8.77  ? 130 LYS A C   1 
ATOM   923  O  O   . LYS A 1 130 ? -8.020  -12.723 3.018   1.00 9.14  ? 130 LYS A O   1 
ATOM   924  C  CB  . LYS A 1 130 ? -6.732  -14.644 5.173   1.00 12.30 ? 130 LYS A CB  1 
ATOM   925  C  CG  . LYS A 1 130 ? -6.252  -15.011 6.568   1.00 16.00 ? 130 LYS A CG  1 
ATOM   926  C  CD  . LYS A 1 130 ? -6.347  -16.504 6.835   1.00 18.69 ? 130 LYS A CD  1 
ATOM   927  C  CE  . LYS A 1 130 ? -5.802  -16.837 8.213   1.00 20.78 ? 130 LYS A CE  1 
ATOM   928  N  NZ  . LYS A 1 130 ? -5.811  -18.300 8.488   1.00 23.88 ? 130 LYS A NZ  1 
ATOM   929  N  N   . ILE A 1 131 ? -5.837  -12.912 2.511   1.00 8.72  ? 131 ILE A N   1 
ATOM   930  C  CA  . ILE A 1 131 ? -6.037  -12.698 1.085   1.00 7.82  ? 131 ILE A CA  1 
ATOM   931  C  C   . ILE A 1 131 ? -5.065  -13.538 0.270   1.00 7.80  ? 131 ILE A C   1 
ATOM   932  O  O   . ILE A 1 131 ? -3.949  -13.820 0.709   1.00 8.66  ? 131 ILE A O   1 
ATOM   933  C  CB  . ILE A 1 131 ? -5.817  -11.213 0.677   1.00 7.09  ? 131 ILE A CB  1 
ATOM   934  C  CG1 . ILE A 1 131 ? -4.389  -10.778 1.025   1.00 7.65  ? 131 ILE A CG1 1 
ATOM   935  C  CG2 . ILE A 1 131 ? -6.844  -10.322 1.358   1.00 7.27  ? 131 ILE A CG2 1 
ATOM   936  C  CD1 . ILE A 1 131 ? -4.074  -9.339  0.646   1.00 9.92  ? 131 ILE A CD1 1 
ATOM   937  N  N   . THR A 1 132 ? -5.508  -13.953 -0.908  1.00 7.95  ? 132 THR A N   1 
ATOM   938  C  CA  . THR A 1 132 ? -4.656  -14.703 -1.816  1.00 7.96  ? 132 THR A CA  1 
ATOM   939  C  C   . THR A 1 132 ? -4.438  -13.716 -2.950  1.00 8.05  ? 132 THR A C   1 
ATOM   940  O  O   . THR A 1 132 ? -5.396  -13.240 -3.562  1.00 7.37  ? 132 THR A O   1 
ATOM   941  C  CB  . THR A 1 132 ? -5.342  -15.977 -2.336  1.00 9.84  ? 132 THR A CB  1 
ATOM   942  O  OG1 . THR A 1 132 ? -5.555  -16.877 -1.242  1.00 11.43 ? 132 THR A OG1 1 
ATOM   943  C  CG2 . THR A 1 132 ? -4.464  -16.664 -3.371  1.00 10.79 ? 132 THR A CG2 1 
ATOM   944  N  N   . VAL A 1 133 ? -3.175  -13.391 -3.206  1.00 8.06  ? 133 VAL A N   1 
ATOM   945  C  CA  . VAL A 1 133 ? -2.830  -12.419 -4.231  1.00 7.91  ? 133 VAL A CA  1 
ATOM   946  C  C   . VAL A 1 133 ? -1.945  -12.972 -5.338  1.00 7.47  ? 133 VAL A C   1 
ATOM   947  O  O   . VAL A 1 133 ? -0.978  -13.685 -5.076  1.00 7.89  ? 133 VAL A O   1 
ATOM   948  C  CB  . VAL A 1 133 ? -2.098  -11.208 -3.602  1.00 9.03  ? 133 VAL A CB  1 
ATOM   949  C  CG1 . VAL A 1 133 ? -1.762  -10.180 -4.671  1.00 9.06  ? 133 VAL A CG1 1 
ATOM   950  C  CG2 . VAL A 1 133 ? -2.964  -10.586 -2.513  1.00 9.77  ? 133 VAL A CG2 1 
ATOM   951  N  N   . SER A 1 134 ? -2.292  -12.643 -6.577  1.00 6.39  ? 134 SER A N   1 
ATOM   952  C  CA  . SER A 1 134 ? -1.493  -13.060 -7.717  1.00 6.90  ? 134 SER A CA  1 
ATOM   953  C  C   . SER A 1 134 ? -0.891  -11.778 -8.281  1.00 6.56  ? 134 SER A C   1 
ATOM   954  O  O   . SER A 1 134 ? -1.539  -10.727 -8.294  1.00 7.41  ? 134 SER A O   1 
ATOM   955  C  CB  . SER A 1 134 ? -2.355  -13.755 -8.776  1.00 11.07 ? 134 SER A CB  1 
ATOM   956  O  OG  . SER A 1 134 ? -3.209  -12.840 -9.436  1.00 16.48 ? 134 SER A OG  1 
ATOM   957  N  N   . TYR A 1 135 ? 0.356   -11.858 -8.727  1.00 6.29  ? 135 TYR A N   1 
ATOM   958  C  CA  . TYR A 1 135 ? 1.028   -10.696 -9.284  1.00 6.49  ? 135 TYR A CA  1 
ATOM   959  C  C   . TYR A 1 135 ? 2.207   -11.143 -10.127 1.00 6.13  ? 135 TYR A C   1 
ATOM   960  O  O   . TYR A 1 135 ? 2.591   -12.311 -10.105 1.00 5.60  ? 135 TYR A O   1 
ATOM   961  C  CB  . TYR A 1 135 ? 1.523   -9.781  -8.152  1.00 6.55  ? 135 TYR A CB  1 
ATOM   962  C  CG  . TYR A 1 135 ? 2.639   -10.368 -7.305  1.00 6.36  ? 135 TYR A CG  1 
ATOM   963  C  CD1 . TYR A 1 135 ? 3.980   -10.215 -7.670  1.00 4.72  ? 135 TYR A CD1 1 
ATOM   964  C  CD2 . TYR A 1 135 ? 2.353   -11.079 -6.137  1.00 6.96  ? 135 TYR A CD2 1 
ATOM   965  C  CE1 . TYR A 1 135 ? 5.009   -10.758 -6.892  1.00 6.18  ? 135 TYR A CE1 1 
ATOM   966  C  CE2 . TYR A 1 135 ? 3.369   -11.624 -5.355  1.00 6.80  ? 135 TYR A CE2 1 
ATOM   967  C  CZ  . TYR A 1 135 ? 4.693   -11.463 -5.734  1.00 6.00  ? 135 TYR A CZ  1 
ATOM   968  O  OH  . TYR A 1 135 ? 5.690   -12.010 -4.958  1.00 7.94  ? 135 TYR A OH  1 
ATOM   969  N  N   . PHE A 1 136 ? 2.758   -10.207 -10.891 1.00 4.78  ? 136 PHE A N   1 
ATOM   970  C  CA  . PHE A 1 136 ? 3.931   -10.487 -11.705 1.00 3.98  ? 136 PHE A CA  1 
ATOM   971  C  C   . PHE A 1 136 ? 5.086   -9.775  -11.014 1.00 4.65  ? 136 PHE A C   1 
ATOM   972  O  O   . PHE A 1 136 ? 4.920   -8.646  -10.541 1.00 4.54  ? 136 PHE A O   1 
ATOM   973  C  CB  . PHE A 1 136 ? 3.765   -9.926  -13.122 1.00 6.03  ? 136 PHE A CB  1 
ATOM   974  C  CG  . PHE A 1 136 ? 2.717   -10.628 -13.936 1.00 6.33  ? 136 PHE A CG  1 
ATOM   975  C  CD1 . PHE A 1 136 ? 1.368   -10.340 -13.764 1.00 8.07  ? 136 PHE A CD1 1 
ATOM   976  C  CD2 . PHE A 1 136 ? 3.084   -11.584 -14.879 1.00 6.97  ? 136 PHE A CD2 1 
ATOM   977  C  CE1 . PHE A 1 136 ? 0.396   -10.994 -14.522 1.00 8.07  ? 136 PHE A CE1 1 
ATOM   978  C  CE2 . PHE A 1 136 ? 2.121   -12.245 -15.641 1.00 9.66  ? 136 PHE A CE2 1 
ATOM   979  C  CZ  . PHE A 1 136 ? 0.774   -11.950 -15.462 1.00 9.58  ? 136 PHE A CZ  1 
ATOM   980  N  N   . ASP A 1 137 ? 6.242   -10.426 -10.922 1.00 4.61  ? 137 ASP A N   1 
ATOM   981  C  CA  . ASP A 1 137 ? 7.388   -9.779  -10.296 1.00 5.09  ? 137 ASP A CA  1 
ATOM   982  C  C   . ASP A 1 137 ? 8.124   -8.944  -11.343 1.00 5.12  ? 137 ASP A C   1 
ATOM   983  O  O   . ASP A 1 137 ? 7.658   -8.814  -12.474 1.00 4.07  ? 137 ASP A O   1 
ATOM   984  C  CB  . ASP A 1 137 ? 8.338   -10.803 -9.648  1.00 5.00  ? 137 ASP A CB  1 
ATOM   985  C  CG  . ASP A 1 137 ? 8.897   -11.817 -10.634 1.00 5.97  ? 137 ASP A CG  1 
ATOM   986  O  OD1 . ASP A 1 137 ? 9.016   -11.502 -11.833 1.00 4.95  ? 137 ASP A OD1 1 
ATOM   987  O  OD2 . ASP A 1 137 ? 9.242   -12.935 -10.192 1.00 6.01  ? 137 ASP A OD2 1 
ATOM   988  N  N   . MET A 1 138 ? 9.270   -8.388  -10.965 1.00 5.98  ? 138 MET A N   1 
ATOM   989  C  CA  . MET A 1 138 ? 10.061  -7.554  -11.867 1.00 7.34  ? 138 MET A CA  1 
ATOM   990  C  C   . MET A 1 138 ? 10.514  -8.239  -13.145 1.00 6.53  ? 138 MET A C   1 
ATOM   991  O  O   . MET A 1 138 ? 10.842  -7.569  -14.128 1.00 6.63  ? 138 MET A O   1 
ATOM   992  C  CB  . MET A 1 138 ? 11.298  -7.023  -11.154 1.00 10.59 ? 138 MET A CB  1 
ATOM   993  C  CG  . MET A 1 138 ? 11.028  -5.891  -10.218 1.00 14.99 ? 138 MET A CG  1 
ATOM   994  S  SD  . MET A 1 138 ? 12.579  -5.140  -9.758  1.00 15.31 ? 138 MET A SD  1 
ATOM   995  C  CE  . MET A 1 138 ? 12.010  -4.010  -8.504  1.00 17.07 ? 138 MET A CE  1 
ATOM   996  N  N   . ALA A 1 139 ? 10.559  -9.565  -13.125 1.00 6.08  ? 139 ALA A N   1 
ATOM   997  C  CA  . ALA A 1 139 ? 10.978  -10.318 -14.298 1.00 5.58  ? 139 ALA A CA  1 
ATOM   998  C  C   . ALA A 1 139 ? 9.776   -10.756 -15.125 1.00 5.39  ? 139 ALA A C   1 
ATOM   999  O  O   . ALA A 1 139 ? 9.931   -11.396 -16.163 1.00 6.04  ? 139 ALA A O   1 
ATOM   1000 C  CB  . ALA A 1 139 ? 11.794  -11.536 -13.874 1.00 6.69  ? 139 ALA A CB  1 
ATOM   1001 N  N   . GLY A 1 140 ? 8.578   -10.405 -14.669 1.00 5.81  ? 140 GLY A N   1 
ATOM   1002 C  CA  . GLY A 1 140 ? 7.378   -10.790 -15.390 1.00 5.50  ? 140 GLY A CA  1 
ATOM   1003 C  C   . GLY A 1 140 ? 6.930   -12.206 -15.072 1.00 4.59  ? 140 GLY A C   1 
ATOM   1004 O  O   . GLY A 1 140 ? 6.110   -12.778 -15.788 1.00 4.93  ? 140 GLY A O   1 
ATOM   1005 N  N   . GLU A 1 141 ? 7.472   -12.774 -13.999 1.00 4.72  ? 141 GLU A N   1 
ATOM   1006 C  CA  . GLU A 1 141 ? 7.120   -14.127 -13.583 1.00 5.33  ? 141 GLU A CA  1 
ATOM   1007 C  C   . GLU A 1 141 ? 5.977   -14.045 -12.578 1.00 6.47  ? 141 GLU A C   1 
ATOM   1008 O  O   . GLU A 1 141 ? 6.000   -13.214 -11.669 1.00 5.34  ? 141 GLU A O   1 
ATOM   1009 C  CB  . GLU A 1 141 ? 8.328   -14.814 -12.944 1.00 6.05  ? 141 GLU A CB  1 
ATOM   1010 C  CG  . GLU A 1 141 ? 9.528   -15.001 -13.876 1.00 4.97  ? 141 GLU A CG  1 
ATOM   1011 C  CD  . GLU A 1 141 ? 9.283   -16.021 -14.972 1.00 6.56  ? 141 GLU A CD  1 
ATOM   1012 O  OE1 . GLU A 1 141 ? 8.430   -16.912 -14.780 1.00 6.37  ? 141 GLU A OE1 1 
ATOM   1013 O  OE2 . GLU A 1 141 ? 9.963   -15.943 -16.020 1.00 6.26  ? 141 GLU A OE2 1 
ATOM   1014 N  N   . LYS A 1 142 ? 4.977   -14.904 -12.739 1.00 5.51  ? 142 LYS A N   1 
ATOM   1015 C  CA  . LYS A 1 142 ? 3.829   -14.888 -11.841 1.00 6.21  ? 142 LYS A CA  1 
ATOM   1016 C  C   . LYS A 1 142 ? 4.073   -15.531 -10.484 1.00 6.78  ? 142 LYS A C   1 
ATOM   1017 O  O   . LYS A 1 142 ? 4.825   -16.500 -10.351 1.00 8.10  ? 142 LYS A O   1 
ATOM   1018 C  CB  . LYS A 1 142 ? 2.621   -15.565 -12.491 1.00 10.21 ? 142 LYS A CB  1 
ATOM   1019 C  CG  . LYS A 1 142 ? 2.062   -14.826 -13.691 1.00 14.27 ? 142 LYS A CG  1 
ATOM   1020 C  CD  . LYS A 1 142 ? 0.645   -15.279 -14.021 1.00 18.61 ? 142 LYS A CD  1 
ATOM   1021 C  CE  . LYS A 1 142 ? -0.328  -14.915 -12.906 1.00 21.20 ? 142 LYS A CE  1 
ATOM   1022 N  NZ  . LYS A 1 142 ? -1.736  -15.289 -13.229 1.00 24.51 ? 142 LYS A NZ  1 
ATOM   1023 N  N   . HIS A 1 143 ? 3.418   -14.964 -9.478  1.00 6.26  ? 143 HIS A N   1 
ATOM   1024 C  CA  . HIS A 1 143 ? 3.492   -15.455 -8.113  1.00 6.68  ? 143 HIS A CA  1 
ATOM   1025 C  C   . HIS A 1 143 ? 2.074   -15.464 -7.565  1.00 6.92  ? 143 HIS A C   1 
ATOM   1026 O  O   . HIS A 1 143 ? 1.258   -14.619 -7.923  1.00 8.32  ? 143 HIS A O   1 
ATOM   1027 C  CB  . HIS A 1 143 ? 4.340   -14.527 -7.242  1.00 6.45  ? 143 HIS A CB  1 
ATOM   1028 C  CG  . HIS A 1 143 ? 5.794   -14.516 -7.593  1.00 6.55  ? 143 HIS A CG  1 
ATOM   1029 N  ND1 . HIS A 1 143 ? 6.727   -15.278 -6.921  1.00 8.68  ? 143 HIS A ND1 1 
ATOM   1030 C  CD2 . HIS A 1 143 ? 6.475   -13.847 -8.553  1.00 7.02  ? 143 HIS A CD2 1 
ATOM   1031 C  CE1 . HIS A 1 143 ? 7.919   -15.078 -7.453  1.00 8.09  ? 143 HIS A CE1 1 
ATOM   1032 N  NE2 . HIS A 1 143 ? 7.794   -14.214 -8.444  1.00 6.86  ? 143 HIS A NE2 1 
ATOM   1033 N  N   . LYS A 1 144 ? 1.785   -16.435 -6.709  1.00 8.77  ? 144 LYS A N   1 
ATOM   1034 C  CA  . LYS A 1 144 ? 0.484   -16.534 -6.067  1.00 8.82  ? 144 LYS A CA  1 
ATOM   1035 C  C   . LYS A 1 144 ? 0.846   -16.709 -4.601  1.00 10.13 ? 144 LYS A C   1 
ATOM   1036 O  O   . LYS A 1 144 ? 1.440   -17.718 -4.224  1.00 10.74 ? 144 LYS A O   1 
ATOM   1037 C  CB  . LYS A 1 144 ? -0.291  -17.749 -6.579  1.00 11.96 ? 144 LYS A CB  1 
ATOM   1038 C  CG  . LYS A 1 144 ? -1.705  -17.847 -6.023  1.00 15.42 ? 144 LYS A CG  1 
ATOM   1039 C  CD  . LYS A 1 144 ? -2.417  -19.084 -6.548  1.00 19.55 ? 144 LYS A CD  1 
ATOM   1040 C  CE  . LYS A 1 144 ? -3.820  -19.204 -5.976  1.00 23.33 ? 144 LYS A CE  1 
ATOM   1041 N  NZ  . LYS A 1 144 ? -4.500  -20.445 -6.441  1.00 25.77 ? 144 LYS A NZ  1 
ATOM   1042 N  N   . VAL A 1 145 ? 0.517   -15.715 -3.785  1.00 8.47  ? 145 VAL A N   1 
ATOM   1043 C  CA  . VAL A 1 145 ? 0.850   -15.769 -2.369  1.00 9.69  ? 145 VAL A CA  1 
ATOM   1044 C  C   . VAL A 1 145 ? -0.350  -15.603 -1.443  1.00 9.77  ? 145 VAL A C   1 
ATOM   1045 O  O   . VAL A 1 145 ? -1.316  -14.911 -1.766  1.00 8.72  ? 145 VAL A O   1 
ATOM   1046 C  CB  . VAL A 1 145 ? 1.903   -14.694 -2.015  1.00 10.43 ? 145 VAL A CB  1 
ATOM   1047 C  CG1 . VAL A 1 145 ? 3.156   -14.906 -2.853  1.00 12.55 ? 145 VAL A CG1 1 
ATOM   1048 C  CG2 . VAL A 1 145 ? 1.339   -13.303 -2.259  1.00 11.43 ? 145 VAL A CG2 1 
ATOM   1049 N  N   . ARG A 1 146 ? -0.273  -16.273 -0.296  1.00 10.10 ? 146 ARG A N   1 
ATOM   1050 C  CA  . ARG A 1 146 ? -1.296  -16.172 0.724   1.00 11.51 ? 146 ARG A CA  1 
ATOM   1051 C  C   . ARG A 1 146 ? -0.799  -15.305 1.830   1.00 10.98 ? 146 ARG A C   1 
ATOM   1052 O  O   . ARG A 1 146 ? 0.162   -15.633 2.455   1.00 11.80 ? 146 ARG A O   1 
ATOM   1053 C  CB  . ARG A 1 146 ? -1.699  -17.577 1.194   1.00 15.57 ? 146 ARG A CB  1 
ATOM   1054 C  CG  . ARG A 1 146 ? -2.333  -18.321 0.003   1.00 19.89 ? 146 ARG A CG  1 
ATOM   1055 C  CD  . ARG A 1 146 ? -2.664  -19.781 0.106   1.00 25.67 ? 146 ARG A CD  1 
ATOM   1056 N  NE  . ARG A 1 146 ? -3.495  -20.240 -1.035  1.00 29.55 ? 146 ARG A NE  1 
ATOM   1057 C  CZ  . ARG A 1 146 ? -3.020  -20.687 -2.198  1.00 31.58 ? 146 ARG A CZ  1 
ATOM   1058 N  NH1 . ARG A 1 146 ? -1.727  -20.759 -2.428  1.00 32.90 ? 146 ARG A NH1 1 
ATOM   1059 N  NH2 . ARG A 1 146 ? -3.854  -21.122 -3.114  1.00 32.53 ? 146 ARG A NH2 1 
ATOM   1060 N  N   . LEU A 1 147 ? -1.431  -14.154 2.006   1.00 8.66  ? 147 LEU A N   1 
ATOM   1061 C  CA  . LEU A 1 147 ? -1.017  -13.213 3.035   1.00 8.24  ? 147 LEU A CA  1 
ATOM   1062 C  C   . LEU A 1 147 ? -2.065  -13.087 4.124   1.00 7.65  ? 147 LEU A C   1 
ATOM   1063 O  O   . LEU A 1 147 ? -3.244  -13.357 3.902   1.00 7.32  ? 147 LEU A O   1 
ATOM   1064 C  CB  . LEU A 1 147 ? -0.771  -11.838 2.410   1.00 11.44 ? 147 LEU A CB  1 
ATOM   1065 C  CG  . LEU A 1 147 ? 0.218   -11.798 1.245   1.00 10.50 ? 147 LEU A CG  1 
ATOM   1066 C  CD1 . LEU A 1 147 ? 0.277   -10.389 0.673   1.00 12.13 ? 147 LEU A CD1 1 
ATOM   1067 C  CD2 . LEU A 1 147 ? 1.590   -12.246 1.724   1.00 13.64 ? 147 LEU A CD2 1 
ATOM   1068 N  N   . LYS A 1 148 ? -1.631  -12.662 5.303   1.00 8.44  ? 148 LYS A N   1 
ATOM   1069 C  CA  . LYS A 1 148 ? -2.546  -12.498 6.419   1.00 9.24  ? 148 LYS A CA  1 
ATOM   1070 C  C   . LYS A 1 148 ? -2.038  -11.445 7.387   1.00 9.17  ? 148 LYS A C   1 
ATOM   1071 O  O   . LYS A 1 148 ? -0.896  -10.988 7.288   1.00 8.95  ? 148 LYS A O   1 
ATOM   1072 C  CB  . LYS A 1 148 ? -2.711  -13.825 7.167   1.00 14.61 ? 148 LYS A CB  1 
ATOM   1073 C  CG  . LYS A 1 148 ? -1.438  -14.321 7.829   1.00 16.57 ? 148 LYS A CG  1 
ATOM   1074 C  CD  . LYS A 1 148 ? -1.669  -15.634 8.557   1.00 20.78 ? 148 LYS A CD  1 
ATOM   1075 C  CE  . LYS A 1 148 ? -0.396  -16.128 9.221   1.00 23.08 ? 148 LYS A CE  1 
ATOM   1076 N  NZ  . LYS A 1 148 ? -0.612  -17.426 9.919   1.00 26.87 ? 148 LYS A NZ  1 
ATOM   1077 N  N   . ASN A 1 149 ? -2.903  -11.061 8.318   1.00 10.46 ? 149 ASN A N   1 
ATOM   1078 C  CA  . ASN A 1 149 ? -2.555  -10.092 9.347   1.00 10.89 ? 149 ASN A CA  1 
ATOM   1079 C  C   . ASN A 1 149 ? -2.033  -8.772  8.781   1.00 9.46  ? 149 ASN A C   1 
ATOM   1080 O  O   . ASN A 1 149 ? -2.586  -8.241  7.820   1.00 8.86  ? 149 ASN A O   1 
ATOM   1081 C  CB  . ASN A 1 149 ? -1.523  -10.720 10.289  1.00 14.40 ? 149 ASN A CB  1 
ATOM   1082 C  CG  . ASN A 1 149 ? -1.994  -12.049 10.866  1.00 16.45 ? 149 ASN A CG  1 
ATOM   1083 O  OD1 . ASN A 1 149 ? -1.188  -12.863 11.319  1.00 18.69 ? 149 ASN A OD1 1 
ATOM   1084 N  ND2 . ASN A 1 149 ? -3.304  -12.269 10.859  1.00 18.19 ? 149 ASN A ND2 1 
ATOM   1085 N  N   . TYR A 1 150 ? -0.968  -8.249  9.381   1.00 8.89  ? 150 TYR A N   1 
ATOM   1086 C  CA  . TYR A 1 150 ? -0.387  -6.979  8.956   1.00 8.17  ? 150 TYR A CA  1 
ATOM   1087 C  C   . TYR A 1 150 ? 0.004   -6.953  7.479   1.00 8.67  ? 150 TYR A C   1 
ATOM   1088 O  O   . TYR A 1 150 ? -0.275  -5.977  6.779   1.00 7.13  ? 150 TYR A O   1 
ATOM   1089 C  CB  . TYR A 1 150 ? 0.820   -6.647  9.840   1.00 9.21  ? 150 TYR A CB  1 
ATOM   1090 C  CG  . TYR A 1 150 ? 1.415   -5.270  9.634   1.00 11.11 ? 150 TYR A CG  1 
ATOM   1091 C  CD1 . TYR A 1 150 ? 0.602   -4.142  9.497   1.00 12.40 ? 150 TYR A CD1 1 
ATOM   1092 C  CD2 . TYR A 1 150 ? 2.794   -5.088  9.636   1.00 12.82 ? 150 TYR A CD2 1 
ATOM   1093 C  CE1 . TYR A 1 150 ? 1.159   -2.865  9.372   1.00 12.09 ? 150 TYR A CE1 1 
ATOM   1094 C  CE2 . TYR A 1 150 ? 3.358   -3.823  9.516   1.00 12.93 ? 150 TYR A CE2 1 
ATOM   1095 C  CZ  . TYR A 1 150 ? 2.538   -2.716  9.386   1.00 12.49 ? 150 TYR A CZ  1 
ATOM   1096 O  OH  . TYR A 1 150 ? 3.105   -1.464  9.296   1.00 14.22 ? 150 TYR A OH  1 
ATOM   1097 N  N   . GLU A 1 151 ? 0.645   -8.013  6.994   1.00 8.47  ? 151 GLU A N   1 
ATOM   1098 C  CA  . GLU A 1 151 ? 1.031   -8.061  5.587   1.00 8.74  ? 151 GLU A CA  1 
ATOM   1099 C  C   . GLU A 1 151 ? -0.188  -7.927  4.674   1.00 7.27  ? 151 GLU A C   1 
ATOM   1100 O  O   . GLU A 1 151 ? -0.129  -7.241  3.654   1.00 7.06  ? 151 GLU A O   1 
ATOM   1101 C  CB  . GLU A 1 151 ? 1.780   -9.359  5.272   1.00 9.42  ? 151 GLU A CB  1 
ATOM   1102 C  CG  . GLU A 1 151 ? 3.213   -9.371  5.775   1.00 10.87 ? 151 GLU A CG  1 
ATOM   1103 C  CD  . GLU A 1 151 ? 3.945   -10.661 5.452   1.00 11.56 ? 151 GLU A CD  1 
ATOM   1104 O  OE1 . GLU A 1 151 ? 3.400   -11.491 4.693   1.00 13.04 ? 151 GLU A OE1 1 
ATOM   1105 O  OE2 . GLU A 1 151 ? 5.075   -10.841 5.952   1.00 15.42 ? 151 GLU A OE2 1 
ATOM   1106 N  N   . ALA A 1 152 ? -1.290  -8.579  5.038   1.00 7.55  ? 152 ALA A N   1 
ATOM   1107 C  CA  . ALA A 1 152 ? -2.513  -8.503  4.245   1.00 6.89  ? 152 ALA A CA  1 
ATOM   1108 C  C   . ALA A 1 152 ? -3.059  -7.076  4.262   1.00 7.36  ? 152 ALA A C   1 
ATOM   1109 O  O   . ALA A 1 152 ? -3.537  -6.566  3.247   1.00 5.78  ? 152 ALA A O   1 
ATOM   1110 C  CB  . ALA A 1 152 ? -3.558  -9.469  4.794   1.00 7.88  ? 152 ALA A CB  1 
ATOM   1111 N  N   . ILE A 1 153 ? -2.985  -6.434  5.424   1.00 5.92  ? 153 ILE A N   1 
ATOM   1112 C  CA  . ILE A 1 153 ? -3.464  -5.068  5.576   1.00 6.01  ? 153 ILE A CA  1 
ATOM   1113 C  C   . ILE A 1 153 ? -2.685  -4.119  4.670   1.00 6.46  ? 153 ILE A C   1 
ATOM   1114 O  O   . ILE A 1 153 ? -3.270  -3.310  3.949   1.00 5.69  ? 153 ILE A O   1 
ATOM   1115 C  CB  . ILE A 1 153 ? -3.340  -4.605  7.048   1.00 6.61  ? 153 ILE A CB  1 
ATOM   1116 C  CG1 . ILE A 1 153 ? -4.368  -5.350  7.904   1.00 9.11  ? 153 ILE A CG1 1 
ATOM   1117 C  CG2 . ILE A 1 153 ? -3.548  -3.103  7.150   1.00 7.22  ? 153 ILE A CG2 1 
ATOM   1118 C  CD1 . ILE A 1 153 ? -4.334  -4.982  9.377   1.00 8.47  ? 153 ILE A CD1 1 
ATOM   1119 N  N   . VAL A 1 154 ? -1.361  -4.228  4.696   1.00 5.92  ? 154 VAL A N   1 
ATOM   1120 C  CA  . VAL A 1 154 ? -0.520  -3.369  3.873   1.00 6.11  ? 154 VAL A CA  1 
ATOM   1121 C  C   . VAL A 1 154 ? -0.829  -3.530  2.389   1.00 5.74  ? 154 VAL A C   1 
ATOM   1122 O  O   . VAL A 1 154 ? -1.000  -2.546  1.667   1.00 5.81  ? 154 VAL A O   1 
ATOM   1123 C  CB  . VAL A 1 154 ? 0.980   -3.668  4.109   1.00 6.07  ? 154 VAL A CB  1 
ATOM   1124 C  CG1 . VAL A 1 154 ? 1.836   -2.822  3.172   1.00 6.95  ? 154 VAL A CG1 1 
ATOM   1125 C  CG2 . VAL A 1 154 ? 1.344   -3.379  5.559   1.00 7.19  ? 154 VAL A CG2 1 
ATOM   1126 N  N   . VAL A 1 155 ? -0.907  -4.771  1.927   1.00 6.04  ? 155 VAL A N   1 
ATOM   1127 C  CA  . VAL A 1 155 ? -1.185  -5.005  0.520   1.00 5.07  ? 155 VAL A CA  1 
ATOM   1128 C  C   . VAL A 1 155 ? -2.563  -4.481  0.114   1.00 5.29  ? 155 VAL A C   1 
ATOM   1129 O  O   . VAL A 1 155 ? -2.712  -3.925  -0.972  1.00 5.81  ? 155 VAL A O   1 
ATOM   1130 C  CB  . VAL A 1 155 ? -1.030  -6.509  0.173   1.00 4.67  ? 155 VAL A CB  1 
ATOM   1131 C  CG1 . VAL A 1 155 ? -1.556  -6.788  -1.225  1.00 7.06  ? 155 VAL A CG1 1 
ATOM   1132 C  CG2 . VAL A 1 155 ? 0.450   -6.896  0.250   1.00 6.63  ? 155 VAL A CG2 1 
ATOM   1133 N  N   . GLN A 1 156 ? -3.567  -4.625  0.976   1.00 5.00  ? 156 GLN A N   1 
ATOM   1134 C  CA  . GLN A 1 156 ? -4.895  -4.116  0.642   1.00 5.46  ? 156 GLN A CA  1 
ATOM   1135 C  C   . GLN A 1 156 ? -4.886  -2.586  0.594   1.00 4.84  ? 156 GLN A C   1 
ATOM   1136 O  O   . GLN A 1 156 ? -5.598  -1.976  -0.201  1.00 6.21  ? 156 GLN A O   1 
ATOM   1137 C  CB  . GLN A 1 156 ? -5.933  -4.638  1.640   1.00 6.75  ? 156 GLN A CB  1 
ATOM   1138 C  CG  . GLN A 1 156 ? -6.192  -6.130  1.471   1.00 7.50  ? 156 GLN A CG  1 
ATOM   1139 C  CD  . GLN A 1 156 ? -7.085  -6.710  2.544   1.00 7.60  ? 156 GLN A CD  1 
ATOM   1140 O  OE1 . GLN A 1 156 ? -8.312  -6.705  2.423   1.00 10.30 ? 156 GLN A OE1 1 
ATOM   1141 N  NE2 . GLN A 1 156 ? -6.474  -7.208  3.608   1.00 8.00  ? 156 GLN A NE2 1 
ATOM   1142 N  N   . HIS A 1 157 ? -4.062  -1.972  1.436   1.00 5.36  ? 157 HIS A N   1 
ATOM   1143 C  CA  . HIS A 1 157 ? -3.933  -0.519  1.463   1.00 5.67  ? 157 HIS A CA  1 
ATOM   1144 C  C   . HIS A 1 157 ? -3.351  -0.057  0.119   1.00 5.99  ? 157 HIS A C   1 
ATOM   1145 O  O   . HIS A 1 157 ? -3.831  0.910   -0.476  1.00 6.16  ? 157 HIS A O   1 
ATOM   1146 C  CB  . HIS A 1 157 ? -3.006  -0.108  2.620   1.00 5.05  ? 157 HIS A CB  1 
ATOM   1147 C  CG  . HIS A 1 157 ? -2.765  1.368   2.730   1.00 5.27  ? 157 HIS A CG  1 
ATOM   1148 N  ND1 . HIS A 1 157 ? -3.190  2.110   3.811   1.00 7.08  ? 157 HIS A ND1 1 
ATOM   1149 C  CD2 . HIS A 1 157 ? -2.088  2.226   1.929   1.00 5.74  ? 157 HIS A CD2 1 
ATOM   1150 C  CE1 . HIS A 1 157 ? -2.782  3.360   3.675   1.00 6.60  ? 157 HIS A CE1 1 
ATOM   1151 N  NE2 . HIS A 1 157 ? -2.111  3.457   2.541   1.00 7.10  ? 157 HIS A NE2 1 
ATOM   1152 N  N   . GLU A 1 158 ? -2.325  -0.753  -0.364  1.00 4.96  ? 158 GLU A N   1 
ATOM   1153 C  CA  . GLU A 1 158 ? -1.705  -0.372  -1.630  1.00 3.92  ? 158 GLU A CA  1 
ATOM   1154 C  C   . GLU A 1 158 ? -2.579  -0.685  -2.843  1.00 4.42  ? 158 GLU A C   1 
ATOM   1155 O  O   . GLU A 1 158 ? -2.637  0.102   -3.788  1.00 4.32  ? 158 GLU A O   1 
ATOM   1156 C  CB  . GLU A 1 158 ? -0.341  -1.051  -1.789  1.00 5.21  ? 158 GLU A CB  1 
ATOM   1157 C  CG  . GLU A 1 158 ? 0.662   -0.748  -0.679  1.00 4.86  ? 158 GLU A CG  1 
ATOM   1158 C  CD  . GLU A 1 158 ? 0.733   0.723   -0.315  1.00 7.52  ? 158 GLU A CD  1 
ATOM   1159 O  OE1 . GLU A 1 158 ? 0.584   1.578   -1.214  1.00 9.62  ? 158 GLU A OE1 1 
ATOM   1160 O  OE2 . GLU A 1 158 ? 0.950   1.019   0.879   1.00 9.15  ? 158 GLU A OE2 1 
ATOM   1161 N  N   . ILE A 1 159 ? -3.251  -1.832  -2.834  1.00 4.63  ? 159 ILE A N   1 
ATOM   1162 C  CA  . ILE A 1 159 ? -4.116  -2.166  -3.957  1.00 4.45  ? 159 ILE A CA  1 
ATOM   1163 C  C   . ILE A 1 159 ? -5.257  -1.147  -4.015  1.00 5.20  ? 159 ILE A C   1 
ATOM   1164 O  O   . ILE A 1 159 ? -5.700  -0.769  -5.097  1.00 5.78  ? 159 ILE A O   1 
ATOM   1165 C  CB  . ILE A 1 159 ? -4.649  -3.615  -3.852  1.00 4.71  ? 159 ILE A CB  1 
ATOM   1166 C  CG1 . ILE A 1 159 ? -3.485  -4.594  -4.062  1.00 5.90  ? 159 ILE A CG1 1 
ATOM   1167 C  CG2 . ILE A 1 159 ? -5.731  -3.859  -4.899  1.00 6.09  ? 159 ILE A CG2 1 
ATOM   1168 C  CD1 . ILE A 1 159 ? -3.883  -6.057  -4.073  1.00 8.33  ? 159 ILE A CD1 1 
ATOM   1169 N  N   . ASP A 1 160 ? -5.719  -0.684  -2.857  1.00 6.10  ? 160 ASP A N   1 
ATOM   1170 C  CA  . ASP A 1 160 ? -6.768  0.331   -2.836  1.00 6.50  ? 160 ASP A CA  1 
ATOM   1171 C  C   . ASP A 1 160 ? -6.276  1.545   -3.624  1.00 6.22  ? 160 ASP A C   1 
ATOM   1172 O  O   . ASP A 1 160 ? -7.028  2.145   -4.384  1.00 6.36  ? 160 ASP A O   1 
ATOM   1173 C  CB  . ASP A 1 160 ? -7.084  0.766   -1.403  1.00 4.92  ? 160 ASP A CB  1 
ATOM   1174 C  CG  . ASP A 1 160 ? -8.222  -0.018  -0.784  1.00 7.36  ? 160 ASP A CG  1 
ATOM   1175 O  OD1 . ASP A 1 160 ? -8.843  -0.851  -1.474  1.00 9.48  ? 160 ASP A OD1 1 
ATOM   1176 O  OD2 . ASP A 1 160 ? -8.501  0.214   0.410   1.00 6.95  ? 160 ASP A OD2 1 
ATOM   1177 N  N   . HIS A 1 161 ? -5.009  1.907   -3.440  1.00 3.37  ? 161 HIS A N   1 
ATOM   1178 C  CA  . HIS A 1 161 ? -4.452  3.051   -4.155  1.00 3.82  ? 161 HIS A CA  1 
ATOM   1179 C  C   . HIS A 1 161 ? -4.562  2.926   -5.666  1.00 4.87  ? 161 HIS A C   1 
ATOM   1180 O  O   . HIS A 1 161 ? -4.827  3.914   -6.350  1.00 5.92  ? 161 HIS A O   1 
ATOM   1181 C  CB  . HIS A 1 161 ? -2.977  3.259   -3.804  1.00 4.59  ? 161 HIS A CB  1 
ATOM   1182 C  CG  . HIS A 1 161 ? -2.751  4.101   -2.590  1.00 5.67  ? 161 HIS A CG  1 
ATOM   1183 N  ND1 . HIS A 1 161 ? -3.348  5.332   -2.416  1.00 5.68  ? 161 HIS A ND1 1 
ATOM   1184 C  CD2 . HIS A 1 161 ? -1.958  3.911   -1.512  1.00 5.78  ? 161 HIS A CD2 1 
ATOM   1185 C  CE1 . HIS A 1 161 ? -2.931  5.863   -1.280  1.00 5.93  ? 161 HIS A CE1 1 
ATOM   1186 N  NE2 . HIS A 1 161 ? -2.085  5.021   -0.713  1.00 6.07  ? 161 HIS A NE2 1 
ATOM   1187 N  N   . ILE A 1 162 ? -4.344  1.725   -6.198  1.00 5.98  ? 162 ILE A N   1 
ATOM   1188 C  CA  . ILE A 1 162 ? -4.414  1.567   -7.644  1.00 5.76  ? 162 ILE A CA  1 
ATOM   1189 C  C   . ILE A 1 162 ? -5.847  1.501   -8.160  1.00 5.75  ? 162 ILE A C   1 
ATOM   1190 O  O   . ILE A 1 162 ? -6.077  1.449   -9.370  1.00 5.57  ? 162 ILE A O   1 
ATOM   1191 C  CB  . ILE A 1 162 ? -3.586  0.345   -8.139  1.00 4.52  ? 162 ILE A CB  1 
ATOM   1192 C  CG1 . ILE A 1 162 ? -4.153  -0.972  -7.606  1.00 5.25  ? 162 ILE A CG1 1 
ATOM   1193 C  CG2 . ILE A 1 162 ? -2.129  0.518   -7.704  1.00 7.88  ? 162 ILE A CG2 1 
ATOM   1194 C  CD1 . ILE A 1 162 ? -3.415  -2.203  -8.138  1.00 7.14  ? 162 ILE A CD1 1 
ATOM   1195 N  N   . ASN A 1 163 ? -6.804  1.538   -7.235  1.00 4.90  ? 163 ASN A N   1 
ATOM   1196 C  CA  . ASN A 1 163 ? -8.222  1.536   -7.579  1.00 4.57  ? 163 ASN A CA  1 
ATOM   1197 C  C   . ASN A 1 163 ? -8.830  2.890   -7.191  1.00 5.80  ? 163 ASN A C   1 
ATOM   1198 O  O   . ASN A 1 163 ? -10.050 3.073   -7.235  1.00 6.81  ? 163 ASN A O   1 
ATOM   1199 C  CB  . ASN A 1 163 ? -8.945  0.403   -6.850  1.00 5.89  ? 163 ASN A CB  1 
ATOM   1200 C  CG  . ASN A 1 163 ? -8.608  -0.962  -7.421  1.00 4.80  ? 163 ASN A CG  1 
ATOM   1201 O  OD1 . ASN A 1 163 ? -8.628  -1.967  -6.705  1.00 10.09 ? 163 ASN A OD1 1 
ATOM   1202 N  ND2 . ASN A 1 163 ? -8.314  -1.009  -8.715  1.00 4.56  ? 163 ASN A ND2 1 
ATOM   1203 N  N   . GLY A 1 164 ? -7.965  3.828   -6.806  1.00 5.36  ? 164 GLY A N   1 
ATOM   1204 C  CA  . GLY A 1 164 ? -8.399  5.169   -6.436  1.00 6.33  ? 164 GLY A CA  1 
ATOM   1205 C  C   . GLY A 1 164 ? -9.050  5.308   -5.074  1.00 5.32  ? 164 GLY A C   1 
ATOM   1206 O  O   . GLY A 1 164 ? -9.806  6.253   -4.832  1.00 7.30  ? 164 GLY A O   1 
ATOM   1207 N  N   . ILE A 1 165 ? -8.741  4.383   -4.173  1.00 5.50  ? 165 ILE A N   1 
ATOM   1208 C  CA  . ILE A 1 165 ? -9.317  4.387   -2.833  1.00 5.68  ? 165 ILE A CA  1 
ATOM   1209 C  C   . ILE A 1 165 ? -8.286  4.764   -1.767  1.00 5.19  ? 165 ILE A C   1 
ATOM   1210 O  O   . ILE A 1 165 ? -7.146  4.296   -1.805  1.00 5.46  ? 165 ILE A O   1 
ATOM   1211 C  CB  . ILE A 1 165 ? -9.906  2.995   -2.508  1.00 5.64  ? 165 ILE A CB  1 
ATOM   1212 C  CG1 . ILE A 1 165 ? -11.000 2.643   -3.522  1.00 6.38  ? 165 ILE A CG1 1 
ATOM   1213 C  CG2 . ILE A 1 165 ? -10.446 2.968   -1.089  1.00 6.24  ? 165 ILE A CG2 1 
ATOM   1214 C  CD1 . ILE A 1 165 ? -12.175 3.610   -3.536  1.00 7.88  ? 165 ILE A CD1 1 
ATOM   1215 N  N   . MET A 1 166 ? -8.694  5.610   -0.823  1.00 5.29  ? 166 MET A N   1 
ATOM   1216 C  CA  . MET A 1 166 ? -7.825  6.058   0.265   1.00 5.54  ? 166 MET A CA  1 
ATOM   1217 C  C   . MET A 1 166 ? -8.305  5.407   1.568   1.00 5.73  ? 166 MET A C   1 
ATOM   1218 O  O   . MET A 1 166 ? -9.490  5.096   1.712   1.00 6.70  ? 166 MET A O   1 
ATOM   1219 C  CB  . MET A 1 166 ? -7.870  7.587   0.373   1.00 5.07  ? 166 MET A CB  1 
ATOM   1220 C  CG  . MET A 1 166 ? -7.461  8.328   -0.907  1.00 6.25  ? 166 MET A CG  1 
ATOM   1221 S  SD  . MET A 1 166 ? -5.700  8.197   -1.340  1.00 7.36  ? 166 MET A SD  1 
ATOM   1222 C  CE  . MET A 1 166 ? -5.012  9.469   -0.270  1.00 7.10  ? 166 MET A CE  1 
ATOM   1223 N  N   . PHE A 1 167 ? -7.400  5.219   2.523   1.00 5.71  ? 167 PHE A N   1 
ATOM   1224 C  CA  . PHE A 1 167 ? -7.763  4.556   3.773   1.00 4.99  ? 167 PHE A CA  1 
ATOM   1225 C  C   . PHE A 1 167 ? -8.955  5.167   4.500   1.00 5.77  ? 167 PHE A C   1 
ATOM   1226 O  O   . PHE A 1 167 ? -9.804  4.436   5.011   1.00 5.46  ? 167 PHE A O   1 
ATOM   1227 C  CB  . PHE A 1 167 ? -6.544  4.470   4.710   1.00 6.96  ? 167 PHE A CB  1 
ATOM   1228 C  CG  . PHE A 1 167 ? -6.234  5.744   5.445   1.00 6.05  ? 167 PHE A CG  1 
ATOM   1229 C  CD1 . PHE A 1 167 ? -6.821  6.012   6.680   1.00 6.99  ? 167 PHE A CD1 1 
ATOM   1230 C  CD2 . PHE A 1 167 ? -5.352  6.675   4.906   1.00 6.32  ? 167 PHE A CD2 1 
ATOM   1231 C  CE1 . PHE A 1 167 ? -6.532  7.191   7.368   1.00 8.28  ? 167 PHE A CE1 1 
ATOM   1232 C  CE2 . PHE A 1 167 ? -5.056  7.856   5.584   1.00 6.75  ? 167 PHE A CE2 1 
ATOM   1233 C  CZ  . PHE A 1 167 ? -5.646  8.114   6.817   1.00 7.55  ? 167 PHE A CZ  1 
ATOM   1234 N  N   . TYR A 1 168 ? -9.042  6.494   4.530   1.00 6.43  ? 168 TYR A N   1 
ATOM   1235 C  CA  . TYR A 1 168 ? -10.146 7.141   5.230   1.00 6.72  ? 168 TYR A CA  1 
ATOM   1236 C  C   . TYR A 1 168 ? -11.512 6.924   4.586   1.00 7.78  ? 168 TYR A C   1 
ATOM   1237 O  O   . TYR A 1 168 ? -12.538 7.197   5.208   1.00 8.86  ? 168 TYR A O   1 
ATOM   1238 C  CB  . TYR A 1 168 ? -9.866  8.641   5.423   1.00 6.87  ? 168 TYR A CB  1 
ATOM   1239 C  CG  . TYR A 1 168 ? -9.444  9.386   4.178   1.00 6.98  ? 168 TYR A CG  1 
ATOM   1240 C  CD1 . TYR A 1 168 ? -10.379 9.789   3.225   1.00 7.22  ? 168 TYR A CD1 1 
ATOM   1241 C  CD2 . TYR A 1 168 ? -8.101  9.687   3.954   1.00 7.30  ? 168 TYR A CD2 1 
ATOM   1242 C  CE1 . TYR A 1 168 ? -9.985  10.477  2.077   1.00 8.86  ? 168 TYR A CE1 1 
ATOM   1243 C  CE2 . TYR A 1 168 ? -7.697  10.371  2.812   1.00 8.65  ? 168 TYR A CE2 1 
ATOM   1244 C  CZ  . TYR A 1 168 ? -8.641  10.763  1.878   1.00 8.44  ? 168 TYR A CZ  1 
ATOM   1245 O  OH  . TYR A 1 168 ? -8.240  11.420  0.736   1.00 10.95 ? 168 TYR A OH  1 
ATOM   1246 N  N   . ASP A 1 169 ? -11.535 6.427   3.350   1.00 8.31  ? 169 ASP A N   1 
ATOM   1247 C  CA  . ASP A 1 169 ? -12.810 6.155   2.690   1.00 8.71  ? 169 ASP A CA  1 
ATOM   1248 C  C   . ASP A 1 169 ? -13.539 5.054   3.462   1.00 9.92  ? 169 ASP A C   1 
ATOM   1249 O  O   . ASP A 1 169 ? -14.766 4.965   3.430   1.00 10.67 ? 169 ASP A O   1 
ATOM   1250 C  CB  . ASP A 1 169 ? -12.612 5.666   1.247   1.00 7.66  ? 169 ASP A CB  1 
ATOM   1251 C  CG  . ASP A 1 169 ? -12.044 6.731   0.328   1.00 7.48  ? 169 ASP A CG  1 
ATOM   1252 O  OD1 . ASP A 1 169 ? -12.190 7.936   0.620   1.00 8.17  ? 169 ASP A OD1 1 
ATOM   1253 O  OD2 . ASP A 1 169 ? -11.461 6.350   -0.712  1.00 7.69  ? 169 ASP A OD2 1 
ATOM   1254 N  N   . HIS A 1 170 ? -12.764 4.242   4.158   1.00 7.12  ? 170 HIS A N   1 
ATOM   1255 C  CA  . HIS A 1 170 ? -13.307 3.118   4.906   1.00 8.23  ? 170 HIS A CA  1 
ATOM   1256 C  C   . HIS A 1 170 ? -13.733 3.419   6.348   1.00 7.58  ? 170 HIS A C   1 
ATOM   1257 O  O   . HIS A 1 170 ? -14.300 2.602   6.960   1.00 8.39  ? 170 HIS A O   1 
ATOM   1258 C  CB  . HIS A 1 170 ? -12.284 2.006   5.013   1.00 10.41 ? 170 HIS A CB  1 
ATOM   1259 C  CG  . HIS A 1 170 ? -11.929 1.396   3.706   1.00 10.77 ? 170 HIS A CG  1 
ATOM   1260 N  ND1 . HIS A 1 170 ? -10.682 1.469   3.132   1.00 12.32 ? 170 HIS A ND1 1 
ATOM   1261 C  CD2 . HIS A 1 170 ? -12.707 0.759   2.828   1.00 12.71 ? 170 HIS A CD2 1 
ATOM   1262 C  CE1 . HIS A 1 170 ? -10.689 0.817   1.987   1.00 7.62  ? 170 HIS A CE1 1 
ATOM   1263 N  NE2 . HIS A 1 170 ? -11.910 0.396   1.766   1.00 15.36 ? 170 HIS A NE2 1 
ATOM   1264 N  N   . ILE A 1 171 ? -13.371 4.578   6.837   1.00 8.62  ? 171 ILE A N   1 
ATOM   1265 C  CA  . ILE A 1 171 ? -13.702 4.936   8.205   1.00 8.97  ? 171 ILE A CA  1 
ATOM   1266 C  C   . ILE A 1 171 ? -15.164 5.320   8.397   1.00 10.58 ? 171 ILE A C   1 
ATOM   1267 O  O   . ILE A 1 171 ? -15.735 6.064   7.603   1.00 10.41 ? 171 ILE A O   1 
ATOM   1268 C  CB  . ILE A 1 171 ? -12.791 6.081   8.698   1.00 9.54  ? 171 ILE A CB  1 
ATOM   1269 C  CG1 . ILE A 1 171 ? -11.336 5.602   8.702   1.00 10.17 ? 171 ILE A CG1 1 
ATOM   1270 C  CG2 . ILE A 1 171 ? -13.213 6.529   10.097  1.00 9.76  ? 171 ILE A CG2 1 
ATOM   1271 C  CD1 . ILE A 1 171 ? -10.329 6.671   9.060   1.00 10.44 ? 171 ILE A CD1 1 
ATOM   1272 N  N   . ASN A 1 172 ? -15.766 4.784   9.453   1.00 10.89 ? 172 ASN A N   1 
ATOM   1273 C  CA  . ASN A 1 172 ? -17.155 5.085   9.778   1.00 13.51 ? 172 ASN A CA  1 
ATOM   1274 C  C   . ASN A 1 172 ? -17.137 6.421   10.511  1.00 14.57 ? 172 ASN A C   1 
ATOM   1275 O  O   . ASN A 1 172 ? -16.865 6.471   11.709  1.00 14.47 ? 172 ASN A O   1 
ATOM   1276 C  CB  . ASN A 1 172 ? -17.732 4.004   10.692  1.00 15.89 ? 172 ASN A CB  1 
ATOM   1277 C  CG  . ASN A 1 172 ? -19.200 4.227   11.007  1.00 18.43 ? 172 ASN A CG  1 
ATOM   1278 O  OD1 . ASN A 1 172 ? -19.652 5.365   11.126  1.00 20.17 ? 172 ASN A OD1 1 
ATOM   1279 N  ND2 . ASN A 1 172 ? -19.947 3.140   11.158  1.00 19.67 ? 172 ASN A ND2 1 
ATOM   1280 N  N   . LYS A 1 173 ? -17.436 7.482   9.789   1.00 18.99 ? 173 LYS A N   1 
ATOM   1281 C  CA  . LYS A 1 173 ? -17.332 8.824   10.312  1.00 22.26 ? 173 LYS A CA  1 
ATOM   1282 C  C   . LYS A 1 173 ? -18.221 8.958   11.524  1.00 23.84 ? 173 LYS A C   1 
ATOM   1283 O  O   . LYS A 1 173 ? -17.994 9.760   12.364  1.00 24.65 ? 173 LYS A O   1 
ATOM   1284 C  CB  . LYS A 1 173 ? -17.765 9.865   9.276   1.00 22.12 ? 173 LYS A CB  1 
ATOM   1285 C  CG  . LYS A 1 173 ? -16.877 9.940   8.150   1.00 21.60 ? 173 LYS A CG  1 
ATOM   1286 C  CD  . LYS A 1 173 ? -16.899 11.267  7.407   1.00 23.54 ? 173 LYS A CD  1 
ATOM   1287 C  CE  . LYS A 1 173 ? -15.882 11.234  6.255   1.00 23.38 ? 173 LYS A CE  1 
ATOM   1288 N  NZ  . LYS A 1 173 ? -16.223 10.326  5.228   1.00 25.27 ? 173 LYS A NZ  1 
ATOM   1289 N  N   . GLU A 1 174 ? -19.277 8.185   11.563  1.00 23.52 ? 174 GLU A N   1 
ATOM   1290 C  CA  . GLU A 1 174 ? -20.245 8.406   12.618  1.00 25.50 ? 174 GLU A CA  1 
ATOM   1291 C  C   . GLU A 1 174 ? -19.801 7.791   13.929  1.00 24.90 ? 174 GLU A C   1 
ATOM   1292 O  O   . GLU A 1 174 ? -20.099 8.281   14.994  1.00 25.18 ? 174 GLU A O   1 
ATOM   1293 C  CB  . GLU A 1 174 ? -21.545 7.816   12.212  1.00 34.38 ? 174 GLU A CB  1 
ATOM   1294 C  CG  . GLU A 1 174 ? -22.277 8.662   11.256  1.00 38.82 ? 174 GLU A CG  1 
ATOM   1295 C  CD  . GLU A 1 174 ? -23.583 8.005   10.903  1.00 41.38 ? 174 GLU A CD  1 
ATOM   1296 O  OE1 . GLU A 1 174 ? -24.500 8.684   10.476  1.00 43.80 ? 174 GLU A OE1 1 
ATOM   1297 O  OE2 . GLU A 1 174 ? -23.713 6.799   11.127  1.00 43.74 ? 174 GLU A OE2 1 
ATOM   1298 N  N   . ASN A 1 175 ? -19.104 6.690   13.823  1.00 19.10 ? 175 ASN A N   1 
ATOM   1299 C  CA  . ASN A 1 175 ? -18.692 5.905   14.920  1.00 18.07 ? 175 ASN A CA  1 
ATOM   1300 C  C   . ASN A 1 175 ? -17.276 5.307   14.522  1.00 15.70 ? 175 ASN A C   1 
ATOM   1301 O  O   . ASN A 1 175 ? -17.173 4.167   14.261  1.00 14.36 ? 175 ASN A O   1 
ATOM   1302 C  CB  . ASN A 1 175 ? -19.667 4.767   15.106  1.00 29.40 ? 175 ASN A CB  1 
ATOM   1303 C  CG  . ASN A 1 175 ? -20.984 5.186   15.866  1.00 31.51 ? 175 ASN A CG  1 
ATOM   1304 O  OD1 . ASN A 1 175 ? -20.954 5.714   16.933  1.00 33.00 ? 175 ASN A OD1 1 
ATOM   1305 N  ND2 . ASN A 1 175 ? -22.100 4.937   15.244  1.00 33.13 ? 175 ASN A ND2 1 
ATOM   1306 N  N   . PRO A 1 176 ? -16.269 6.135   14.561  1.00 17.01 ? 176 PRO A N   1 
ATOM   1307 C  CA  . PRO A 1 176 ? -14.943 5.765   14.022  1.00 15.99 ? 176 PRO A CA  1 
ATOM   1308 C  C   . PRO A 1 176 ? -14.271 4.608   14.702  1.00 14.96 ? 176 PRO A C   1 
ATOM   1309 O  O   . PRO A 1 176 ? -13.530 3.914   14.087  1.00 12.70 ? 176 PRO A O   1 
ATOM   1310 C  CB  . PRO A 1 176 ? -14.147 7.019   14.113  1.00 21.06 ? 176 PRO A CB  1 
ATOM   1311 C  CG  . PRO A 1 176 ? -15.194 8.160   14.319  1.00 24.11 ? 176 PRO A CG  1 
ATOM   1312 C  CD  . PRO A 1 176 ? -16.310 7.535   14.907  1.00 22.82 ? 176 PRO A CD  1 
ATOM   1313 N  N   . PHE A 1 177 ? -14.570 4.380   15.962  1.00 15.91 ? 177 PHE A N   1 
ATOM   1314 C  CA  . PHE A 1 177 ? -13.972 3.233   16.633  1.00 16.31 ? 177 PHE A CA  1 
ATOM   1315 C  C   . PHE A 1 177 ? -14.914 2.072   16.914  1.00 16.58 ? 177 PHE A C   1 
ATOM   1316 O  O   . PHE A 1 177 ? -14.673 1.271   17.817  1.00 16.27 ? 177 PHE A O   1 
ATOM   1317 C  CB  . PHE A 1 177 ? -13.287 3.683   17.925  1.00 17.86 ? 177 PHE A CB  1 
ATOM   1318 C  CG  . PHE A 1 177 ? -12.191 4.681   17.699  1.00 17.11 ? 177 PHE A CG  1 
ATOM   1319 C  CD1 . PHE A 1 177 ? -12.484 6.034   17.557  1.00 16.82 ? 177 PHE A CD1 1 
ATOM   1320 C  CD2 . PHE A 1 177 ? -10.871 4.263   17.567  1.00 17.75 ? 177 PHE A CD2 1 
ATOM   1321 C  CE1 . PHE A 1 177 ? -11.476 6.957   17.281  1.00 17.00 ? 177 PHE A CE1 1 
ATOM   1322 C  CE2 . PHE A 1 177 ? -9.857  5.176   17.292  1.00 18.84 ? 177 PHE A CE2 1 
ATOM   1323 C  CZ  . PHE A 1 177 ? -10.160 6.527   17.148  1.00 17.91 ? 177 PHE A CZ  1 
ATOM   1324 N  N   . ALA A 1 178 ? -15.980 1.974   16.129  1.00 15.74 ? 178 ALA A N   1 
ATOM   1325 C  CA  . ALA A 1 178 ? -16.928 0.883   16.292  1.00 16.92 ? 178 ALA A CA  1 
ATOM   1326 C  C   . ALA A 1 178 ? -16.240 -0.402  15.842  1.00 18.34 ? 178 ALA A C   1 
ATOM   1327 O  O   . ALA A 1 178 ? -15.521 -0.409  14.842  1.00 17.48 ? 178 ALA A O   1 
ATOM   1328 C  CB  . ALA A 1 178 ? -18.169 1.139   15.448  1.00 22.48 ? 178 ALA A CB  1 
ATOM   1329 N  N   . LEU A 1 179 ? -16.451 -1.483  16.588  1.00 18.07 ? 179 LEU A N   1 
ATOM   1330 C  CA  . LEU A 1 179 ? -15.850 -2.770  16.256  1.00 21.38 ? 179 LEU A CA  1 
ATOM   1331 C  C   . LEU A 1 179 ? -16.893 -3.870  16.128  1.00 23.21 ? 179 LEU A C   1 
ATOM   1332 O  O   . LEU A 1 179 ? -17.356 -4.418  17.129  1.00 24.14 ? 179 LEU A O   1 
ATOM   1333 C  CB  . LEU A 1 179 ? -14.823 -3.177  17.320  1.00 32.31 ? 179 LEU A CB  1 
ATOM   1334 C  CG  . LEU A 1 179 ? -13.428 -2.556  17.238  1.00 33.13 ? 179 LEU A CG  1 
ATOM   1335 C  CD1 . LEU A 1 179 ? -12.589 -3.026  18.416  1.00 33.05 ? 179 LEU A CD1 1 
ATOM   1336 C  CD2 . LEU A 1 179 ? -12.772 -2.951  15.924  1.00 33.59 ? 179 LEU A CD2 1 
ATOM   1337 N  N   . LYS A 1 180 ? -17.255 -4.196  14.892  1.00 19.24 ? 180 LYS A N   1 
ATOM   1338 C  CA  . LYS A 1 180 ? -18.239 -5.237  14.646  1.00 21.73 ? 180 LYS A CA  1 
ATOM   1339 C  C   . LYS A 1 180 ? -17.795 -6.535  15.306  1.00 23.10 ? 180 LYS A C   1 
ATOM   1340 O  O   . LYS A 1 180 ? -16.628 -6.925  15.221  1.00 22.00 ? 180 LYS A O   1 
ATOM   1341 C  CB  . LYS A 1 180 ? -18.425 -5.445  13.140  1.00 35.73 ? 180 LYS A CB  1 
ATOM   1342 C  CG  . LYS A 1 180 ? -18.986 -4.224  12.426  1.00 37.23 ? 180 LYS A CG  1 
ATOM   1343 C  CD  . LYS A 1 180 ? -19.077 -4.437  10.924  1.00 39.42 ? 180 LYS A CD  1 
ATOM   1344 C  CE  . LYS A 1 180 ? -19.612 -3.194  10.230  1.00 40.78 ? 180 LYS A CE  1 
ATOM   1345 N  NZ  . LYS A 1 180 ? -19.669 -3.352  8.749   1.00 42.53 ? 180 LYS A NZ  1 
ATOM   1346 N  N   . GLU A 1 181 ? -18.734 -7.189  15.980  1.00 37.68 ? 181 GLU A N   1 
ATOM   1347 C  CA  . GLU A 1 181 ? -18.465 -8.441  16.671  1.00 39.20 ? 181 GLU A CA  1 
ATOM   1348 C  C   . GLU A 1 181 ? -17.822 -9.443  15.717  1.00 36.63 ? 181 GLU A C   1 
ATOM   1349 O  O   . GLU A 1 181 ? -18.424 -9.834  14.717  1.00 37.92 ? 181 GLU A O   1 
ATOM   1350 C  CB  . GLU A 1 181 ? -19.772 -9.011  17.229  1.00 47.36 ? 181 GLU A CB  1 
ATOM   1351 C  CG  . GLU A 1 181 ? -20.537 -8.028  18.108  1.00 53.02 ? 181 GLU A CG  1 
ATOM   1352 C  CD  . GLU A 1 181 ? -21.911 -8.532  18.509  1.00 56.83 ? 181 GLU A CD  1 
ATOM   1353 O  OE1 . GLU A 1 181 ? -22.727 -8.821  17.607  1.00 58.77 ? 181 GLU A OE1 1 
ATOM   1354 O  OE2 . GLU A 1 181 ? -22.179 -8.632  19.727  1.00 59.45 ? 181 GLU A OE2 1 
ATOM   1355 N  N   . GLY A 1 182 ? -16.592 -9.844  16.022  1.00 31.16 ? 182 GLY A N   1 
ATOM   1356 C  CA  . GLY A 1 182 ? -15.903 -10.803 15.178  1.00 27.30 ? 182 GLY A CA  1 
ATOM   1357 C  C   . GLY A 1 182 ? -14.634 -10.287 14.525  1.00 25.14 ? 182 GLY A C   1 
ATOM   1358 O  O   . GLY A 1 182 ? -13.784 -11.077 14.116  1.00 26.13 ? 182 GLY A O   1 
ATOM   1359 N  N   . VAL A 1 183 ? -14.499 -8.969  14.425  1.00 18.28 ? 183 VAL A N   1 
ATOM   1360 C  CA  . VAL A 1 183 ? -13.319 -8.369  13.806  1.00 14.96 ? 183 VAL A CA  1 
ATOM   1361 C  C   . VAL A 1 183 ? -12.077 -8.503  14.685  1.00 13.70 ? 183 VAL A C   1 
ATOM   1362 O  O   . VAL A 1 183 ? -12.151 -8.375  15.908  1.00 13.35 ? 183 VAL A O   1 
ATOM   1363 C  CB  . VAL A 1 183 ? -13.555 -6.869  13.503  1.00 14.05 ? 183 VAL A CB  1 
ATOM   1364 C  CG1 . VAL A 1 183 ? -12.294 -6.244  12.927  1.00 12.46 ? 183 VAL A CG1 1 
ATOM   1365 C  CG2 . VAL A 1 183 ? -14.709 -6.718  12.529  1.00 14.85 ? 183 VAL A CG2 1 
ATOM   1366 N  N   . LEU A 1 184 ? -10.940 -8.770  14.050  1.00 12.32 ? 184 LEU A N   1 
ATOM   1367 C  CA  . LEU A 1 184 ? -9.672  -8.915  14.754  1.00 12.18 ? 184 LEU A CA  1 
ATOM   1368 C  C   . LEU A 1 184 ? -8.960  -7.571  14.850  1.00 11.78 ? 184 LEU A C   1 
ATOM   1369 O  O   . LEU A 1 184 ? -9.226  -6.658  14.067  1.00 10.88 ? 184 LEU A O   1 
ATOM   1370 C  CB  . LEU A 1 184 ? -8.767  -9.904  14.019  1.00 19.26 ? 184 LEU A CB  1 
ATOM   1371 C  CG  . LEU A 1 184 ? -9.312  -11.311 13.782  1.00 21.61 ? 184 LEU A CG  1 
ATOM   1372 C  CD1 . LEU A 1 184 ? -8.320  -12.093 12.936  1.00 21.92 ? 184 LEU A CD1 1 
ATOM   1373 C  CD2 . LEU A 1 184 ? -9.561  -12.004 15.112  1.00 22.64 ? 184 LEU A CD2 1 
ATOM   1374 N  N   . VAL A 1 185 ? -8.048  -7.463  15.809  1.00 12.10 ? 185 VAL A N   1 
ATOM   1375 C  CA  . VAL A 1 185 ? -7.283  -6.238  16.008  1.00 12.32 ? 185 VAL A CA  1 
ATOM   1376 C  C   . VAL A 1 185 ? -5.793  -6.544  16.084  1.00 12.75 ? 185 VAL A C   1 
ATOM   1377 O  O   . VAL A 1 185 ? -5.376  -7.477  16.770  1.00 14.55 ? 185 VAL A O   1 
ATOM   1378 C  CB  . VAL A 1 185 ? -7.695  -5.520  17.316  1.00 12.59 ? 185 VAL A CB  1 
ATOM   1379 C  CG1 . VAL A 1 185 ? -6.756  -4.349  17.591  1.00 12.85 ? 185 VAL A CG1 1 
ATOM   1380 C  CG2 . VAL A 1 185 ? -9.129  -5.031  17.210  1.00 12.33 ? 185 VAL A CG2 1 
ATOM   1381 N  N   . ILE A 1 186 ? -5.023  -5.816  15.334  1.00 11.15 ? 186 ILE A N   1 
ATOM   1382 C  CA  . ILE A 1 186 ? -3.585  -5.927  15.385  1.00 12.43 ? 186 ILE A CA  1 
ATOM   1383 C  C   . ILE A 1 186 ? -2.984  -4.702  16.072  1.00 13.66 ? 186 ILE A C   1 
ATOM   1384 O  O   . ILE A 1 186 ? -3.270  -3.612  15.729  1.00 12.61 ? 186 ILE A O   1 
ATOM   1385 C  CB  . ILE A 1 186 ? -2.986  -6.103  13.948  1.00 15.64 ? 186 ILE A CB  1 
ATOM   1386 C  CG1 . ILE A 1 186 ? -3.406  -7.438  13.389  1.00 16.73 ? 186 ILE A CG1 1 
ATOM   1387 C  CG2 . ILE A 1 186 ? -1.478  -5.875  13.953  1.00 15.95 ? 186 ILE A CG2 1 
ATOM   1388 C  CD1 . ILE A 1 186 ? -2.893  -7.749  12.104  1.00 17.08 ? 186 ILE A CD1 1 
ATOM   1389 N  N   . GLU A 1 187 ? -2.105  -4.967  16.995  1.00 14.03 ? 187 GLU A N   1 
ATOM   1390 C  CA  . GLU A 1 187 ? -1.461  -3.946  17.759  1.00 17.23 ? 187 GLU A CA  1 
ATOM   1391 C  C   . GLU A 1 187 ? 0.061   -4.015  17.576  1.00 19.82 ? 187 GLU A C   1 
ATOM   1392 O  O   . GLU A 1 187 ? 0.663   -4.938  17.933  1.00 19.19 ? 187 GLU A O   1 
ATOM   1393 C  CB  . GLU A 1 187 ? -1.884  -4.016  19.247  1.00 18.03 ? 187 GLU A CB  1 
ATOM   1394 C  CG  . GLU A 1 187 ? -1.351  -2.829  20.023  1.00 17.80 ? 187 GLU A CG  1 
ATOM   1395 C  CD  . GLU A 1 187 ? -1.711  -2.819  21.514  1.00 17.81 ? 187 GLU A CD  1 
ATOM   1396 O  OE1 . GLU A 1 187 ? -2.604  -3.537  21.926  1.00 15.61 ? 187 GLU A OE1 1 
ATOM   1397 O  OE2 . GLU A 1 187 ? -1.053  -2.040  22.196  1.00 17.13 ? 187 GLU A OE2 1 
ATOM   1398 N  N   . LEU A 1 188 ? 0.592   -2.994  16.942  1.00 33.88 ? 188 LEU A N   1 
ATOM   1399 C  CA  . LEU A 1 188 ? 1.994   -2.939  16.581  1.00 36.30 ? 188 LEU A CA  1 
ATOM   1400 C  C   . LEU A 1 188 ? 2.888   -2.373  17.684  1.00 37.40 ? 188 LEU A C   1 
ATOM   1401 O  O   . LEU A 1 188 ? 4.058   -2.686  17.716  1.00 37.73 ? 188 LEU A O   1 
ATOM   1402 C  CB  . LEU A 1 188 ? 2.158   -2.060  15.341  1.00 27.27 ? 188 LEU A CB  1 
ATOM   1403 C  CG  . LEU A 1 188 ? 1.477   -2.508  14.064  1.00 29.03 ? 188 LEU A CG  1 
ATOM   1404 C  CD1 . LEU A 1 188 ? 2.017   -1.695  12.990  1.00 29.24 ? 188 LEU A CD1 1 
ATOM   1405 C  CD2 . LEU A 1 188 ? 1.713   -4.034  13.742  1.00 29.55 ? 188 LEU A CD2 1 
HETATM 1406 NI NI  . NI  B 2 .   ? -1.126  5.242   1.363   1.00 20.33 ? 300 NI  A NI  1 
HETATM 1407 S  S   . SO4 C 3 .   ? -6.912  -20.033 -2.516  1.00 61.00 ? 501 SO4 A S   1 
HETATM 1408 O  O1  . SO4 C 3 .   ? -6.226  -20.404 -3.754  1.00 59.86 ? 501 SO4 A O1  1 
HETATM 1409 O  O2  . SO4 C 3 .   ? -7.798  -19.020 -2.664  1.00 60.12 ? 501 SO4 A O2  1 
HETATM 1410 O  O3  . SO4 C 3 .   ? -7.160  -20.995 -1.453  1.00 60.41 ? 501 SO4 A O3  1 
HETATM 1411 O  O4  . SO4 C 3 .   ? -6.001  -19.299 -1.878  1.00 60.01 ? 501 SO4 A O4  1 
HETATM 1412 S  S   . SO4 D 3 .   ? -12.404 -17.476 6.912   1.00 43.84 ? 502 SO4 A S   1 
HETATM 1413 O  O1  . SO4 D 3 .   ? -13.061 -17.208 5.653   1.00 42.43 ? 502 SO4 A O1  1 
HETATM 1414 O  O2  . SO4 D 3 .   ? -12.961 -18.680 7.470   1.00 43.77 ? 502 SO4 A O2  1 
HETATM 1415 O  O3  . SO4 D 3 .   ? -10.984 -17.680 6.701   1.00 43.71 ? 502 SO4 A O3  1 
HETATM 1416 O  O4  . SO4 D 3 .   ? -12.632 -16.428 7.836   1.00 41.52 ? 502 SO4 A O4  1 
HETATM 1417 S  S   . SO4 E 3 .   ? 12.984  16.754  -0.800  1.00 45.52 ? 503 SO4 A S   1 
HETATM 1418 O  O1  . SO4 E 3 .   ? 12.808  17.927  -1.651  1.00 44.91 ? 503 SO4 A O1  1 
HETATM 1419 O  O2  . SO4 E 3 .   ? 11.705  16.090  -0.679  1.00 44.35 ? 503 SO4 A O2  1 
HETATM 1420 O  O3  . SO4 E 3 .   ? 14.025  15.912  -1.315  1.00 45.14 ? 503 SO4 A O3  1 
HETATM 1421 O  O4  . SO4 E 3 .   ? 13.412  17.095  0.541   1.00 45.71 ? 503 SO4 A O4  1 
HETATM 1422 C  C5  . BB2 F 4 .   ? 2.520   4.024   3.372   1.00 18.89 ? 400 BB2 A C5  1 
HETATM 1423 C  C3  . BB2 F 4 .   ? 1.618   4.483   2.219   1.00 17.42 ? 400 BB2 A C3  1 
HETATM 1424 O  O4  . BB2 F 4 .   ? 1.401   5.706   2.142   1.00 18.17 ? 400 BB2 A O4  1 
HETATM 1425 N  N1  . BB2 F 4 .   ? 1.117   3.595   1.371   1.00 16.19 ? 400 BB2 A N1  1 
HETATM 1426 O  O2  . BB2 F 4 .   ? 0.386   3.872   0.422   1.00 8.56  ? 400 BB2 A O2  1 
HETATM 1427 C  C6  . BB2 F 4 .   ? 1.619   3.637   4.616   1.00 19.58 ? 400 BB2 A C6  1 
HETATM 1428 C  C12 . BB2 F 4 .   ? 2.352   3.698   5.974   1.00 22.21 ? 400 BB2 A C12 1 
HETATM 1429 O  O13 . BB2 F 4 .   ? 3.432   3.149   6.163   1.00 16.98 ? 400 BB2 A O13 1 
HETATM 1430 C  C7  . BB2 F 4 .   ? 1.160   2.150   4.349   1.00 20.71 ? 400 BB2 A C7  1 
HETATM 1431 C  C8  . BB2 F 4 .   ? 0.246   1.627   5.475   1.00 22.79 ? 400 BB2 A C8  1 
HETATM 1432 C  C9  . BB2 F 4 .   ? -0.196  0.194   5.212   1.00 24.11 ? 400 BB2 A C9  1 
HETATM 1433 C  C10 . BB2 F 4 .   ? -1.371  -0.229  6.088   1.00 25.92 ? 400 BB2 A C10 1 
HETATM 1434 C  C11 . BB2 F 4 .   ? -0.950  -0.768  7.407   1.00 27.97 ? 400 BB2 A C11 1 
HETATM 1435 N  N14 . BB2 F 4 .   ? 1.727   4.397   6.915   1.00 25.92 ? 400 BB2 A N14 1 
HETATM 1436 C  C15 . BB2 F 4 .   ? 2.102   4.442   8.331   1.00 32.07 ? 400 BB2 A C15 1 
HETATM 1437 C  C16 . BB2 F 4 .   ? 2.185   5.864   8.935   1.00 32.92 ? 400 BB2 A C16 1 
HETATM 1438 C  C18 . BB2 F 4 .   ? 1.831   6.958   7.944   1.00 33.76 ? 400 BB2 A C18 1 
HETATM 1439 C  C17 . BB2 F 4 .   ? 3.607   6.048   9.460   1.00 34.37 ? 400 BB2 A C17 1 
HETATM 1440 C  C19 . BB2 F 4 .   ? 1.081   3.582   9.111   1.00 35.32 ? 400 BB2 A C19 1 
HETATM 1441 O  O20 . BB2 F 4 .   ? -0.125  3.759   8.918   1.00 36.56 ? 400 BB2 A O20 1 
HETATM 1442 N  N21 . BB2 F 4 .   ? 1.549   2.661   9.982   1.00 37.24 ? 400 BB2 A N21 1 
HETATM 1443 C  C22 . BB2 F 4 .   ? 0.665   1.796   10.772  1.00 37.95 ? 400 BB2 A C22 1 
HETATM 1444 C  C23 . BB2 F 4 .   ? 2.998   2.384   10.270  1.00 37.56 ? 400 BB2 A C23 1 
HETATM 1445 C  C24 . BB2 F 4 .   ? 2.953   1.282   11.301  1.00 37.92 ? 400 BB2 A C24 1 
HETATM 1446 C  C25 . BB2 F 4 .   ? 1.598   0.648   11.162  1.00 38.01 ? 400 BB2 A C25 1 
HETATM 1447 C  C26 . BB2 F 4 .   ? 0.081   2.469   12.024  1.00 38.44 ? 400 BB2 A C26 1 
HETATM 1448 O  O27 . BB2 F 4 .   ? -1.001  3.113   11.887  1.00 38.02 ? 400 BB2 A O27 1 
HETATM 1449 O  O   . HOH G 5 .   ? -5.197  3.348   -0.070  1.00 6.22  ? 504 HOH A O   1 
HETATM 1450 O  O   . HOH G 5 .   ? 6.925   1.833   -18.914 1.00 5.70  ? 505 HOH A O   1 
HETATM 1451 O  O   . HOH G 5 .   ? 9.143   -9.477  -18.116 1.00 6.33  ? 506 HOH A O   1 
HETATM 1452 O  O   . HOH G 5 .   ? 3.686   0.843   -18.144 1.00 6.29  ? 507 HOH A O   1 
HETATM 1453 O  O   . HOH G 5 .   ? 5.066   -17.049 -14.749 1.00 6.71  ? 508 HOH A O   1 
HETATM 1454 O  O   . HOH G 5 .   ? -7.169  2.275   1.629   1.00 6.41  ? 509 HOH A O   1 
HETATM 1455 O  O   . HOH G 5 .   ? 5.578   -3.108  -17.663 1.00 6.38  ? 510 HOH A O   1 
HETATM 1456 O  O   . HOH G 5 .   ? -7.385  0.556   11.541  1.00 7.50  ? 511 HOH A O   1 
HETATM 1457 O  O   . HOH G 5 .   ? -3.857  6.656   -10.482 1.00 7.27  ? 512 HOH A O   1 
HETATM 1458 O  O   . HOH G 5 .   ? -4.726  5.362   1.809   1.00 8.64  ? 513 HOH A O   1 
HETATM 1459 O  O   . HOH G 5 .   ? 19.153  16.276  6.960   1.00 6.40  ? 514 HOH A O   1 
HETATM 1460 O  O   . HOH G 5 .   ? 17.763  16.714  9.330   1.00 8.44  ? 515 HOH A O   1 
HETATM 1461 O  O   . HOH G 5 .   ? 9.296   -7.927  -8.111  1.00 8.24  ? 516 HOH A O   1 
HETATM 1462 O  O   . HOH G 5 .   ? 25.469  9.476   4.415   1.00 11.54 ? 517 HOH A O   1 
HETATM 1463 O  O   . HOH G 5 .   ? -3.689  -5.238  -11.188 1.00 7.65  ? 518 HOH A O   1 
HETATM 1464 O  O   . HOH G 5 .   ? -4.952  4.674   -9.030  1.00 7.66  ? 519 HOH A O   1 
HETATM 1465 O  O   . HOH G 5 .   ? -4.611  6.265   -4.682  1.00 8.90  ? 520 HOH A O   1 
HETATM 1466 O  O   . HOH G 5 .   ? 6.110   -15.392 -16.729 1.00 8.02  ? 521 HOH A O   1 
HETATM 1467 O  O   . HOH G 5 .   ? 14.254  5.949   -4.554  1.00 9.14  ? 522 HOH A O   1 
HETATM 1468 O  O   . HOH G 5 .   ? -7.193  5.775   11.027  1.00 11.47 ? 523 HOH A O   1 
HETATM 1469 O  O   . HOH G 5 .   ? -6.434  -1.195  9.507   1.00 8.54  ? 524 HOH A O   1 
HETATM 1470 O  O   . HOH G 5 .   ? -1.171  10.150  7.185   1.00 11.98 ? 525 HOH A O   1 
HETATM 1471 O  O   . HOH G 5 .   ? -6.285  -5.633  -9.201  1.00 10.97 ? 526 HOH A O   1 
HETATM 1472 O  O   . HOH G 5 .   ? -13.985 9.555   1.738   1.00 15.36 ? 527 HOH A O   1 
HETATM 1473 O  O   . HOH G 5 .   ? 14.604  6.971   -1.830  1.00 10.83 ? 528 HOH A O   1 
HETATM 1474 O  O   . HOH G 5 .   ? 11.085  -7.706  -18.917 1.00 8.48  ? 529 HOH A O   1 
HETATM 1475 O  O   . HOH G 5 .   ? -9.718  -1.489  -3.937  1.00 9.65  ? 530 HOH A O   1 
HETATM 1476 O  O   . HOH G 5 .   ? 0.905   1.006   -17.994 1.00 9.95  ? 531 HOH A O   1 
HETATM 1477 O  O   . HOH G 5 .   ? 8.177   -11.395 -5.784  1.00 12.12 ? 532 HOH A O   1 
HETATM 1478 O  O   . HOH G 5 .   ? -4.753  -6.795  -13.198 1.00 12.59 ? 533 HOH A O   1 
HETATM 1479 O  O   . HOH G 5 .   ? -0.720  5.356   -16.899 1.00 12.61 ? 534 HOH A O   1 
HETATM 1480 O  O   . HOH G 5 .   ? -10.960 -1.988  -0.080  1.00 14.41 ? 535 HOH A O   1 
HETATM 1481 O  O   . HOH G 5 .   ? 1.368   -12.964 5.722   1.00 14.85 ? 536 HOH A O   1 
HETATM 1482 O  O   . HOH G 5 .   ? 22.324  4.515   6.757   1.00 9.78  ? 537 HOH A O   1 
HETATM 1483 O  O   . HOH G 5 .   ? -14.179 3.122   11.385  1.00 12.72 ? 538 HOH A O   1 
HETATM 1484 O  O   . HOH G 5 .   ? -12.432 1.533   -6.742  1.00 13.51 ? 539 HOH A O   1 
HETATM 1485 O  O   . HOH G 5 .   ? -11.824 5.980   -6.817  1.00 14.56 ? 540 HOH A O   1 
HETATM 1486 O  O   . HOH G 5 .   ? 2.628   10.534  -15.092 1.00 11.91 ? 541 HOH A O   1 
HETATM 1487 O  O   . HOH G 5 .   ? -9.932  6.331   -13.626 1.00 16.84 ? 542 HOH A O   1 
HETATM 1488 O  O   . HOH G 5 .   ? -7.713  -4.044  -1.207  1.00 13.90 ? 543 HOH A O   1 
HETATM 1489 O  O   . HOH G 5 .   ? -1.106  -7.681  17.296  1.00 15.17 ? 544 HOH A O   1 
HETATM 1490 O  O   . HOH G 5 .   ? 6.132   -18.117 -12.355 1.00 9.45  ? 545 HOH A O   1 
HETATM 1491 O  O   . HOH G 5 .   ? -4.324  9.067   10.124  1.00 14.89 ? 546 HOH A O   1 
HETATM 1492 O  O   . HOH G 5 .   ? 11.953  14.315  1.360   1.00 13.18 ? 547 HOH A O   1 
HETATM 1493 O  O   . HOH G 5 .   ? -7.159  6.137   15.051  1.00 15.68 ? 548 HOH A O   1 
HETATM 1494 O  O   . HOH G 5 .   ? 15.764  0.028   6.048   1.00 18.02 ? 549 HOH A O   1 
HETATM 1495 O  O   . HOH G 5 .   ? -2.683  -17.539 5.433   1.00 27.01 ? 550 HOH A O   1 
HETATM 1496 O  O   . HOH G 5 .   ? 0.049   8.763   -15.039 1.00 13.40 ? 551 HOH A O   1 
HETATM 1497 O  O   . HOH G 5 .   ? 2.926   4.127   -20.140 1.00 15.23 ? 552 HOH A O   1 
HETATM 1498 O  O   . HOH G 5 .   ? 16.658  2.408   -6.767  1.00 15.30 ? 553 HOH A O   1 
HETATM 1499 O  O   . HOH G 5 .   ? -9.430  -3.261  2.335   1.00 13.74 ? 554 HOH A O   1 
HETATM 1500 O  O   . HOH G 5 .   ? 3.559   14.283  -12.968 1.00 16.83 ? 555 HOH A O   1 
HETATM 1501 O  O   . HOH G 5 .   ? 6.719   -4.852  -22.613 1.00 14.08 ? 556 HOH A O   1 
HETATM 1502 O  O   . HOH G 5 .   ? -18.450 11.657  4.165   1.00 15.98 ? 557 HOH A O   1 
HETATM 1503 O  O   . HOH G 5 .   ? -3.891  15.818  3.391   1.00 15.76 ? 558 HOH A O   1 
HETATM 1504 O  O   . HOH G 5 .   ? 21.254  3.132   9.857   1.00 18.23 ? 559 HOH A O   1 
HETATM 1505 O  O   . HOH G 5 .   ? -6.948  13.361  -4.328  1.00 17.71 ? 560 HOH A O   1 
HETATM 1506 O  O   . HOH G 5 .   ? -13.100 -12.986 16.678  1.00 29.47 ? 561 HOH A O   1 
HETATM 1507 O  O   . HOH G 5 .   ? -5.965  -0.841  -17.485 1.00 16.09 ? 562 HOH A O   1 
HETATM 1508 O  O   . HOH G 5 .   ? -1.987  -10.749 -11.494 1.00 17.33 ? 563 HOH A O   1 
HETATM 1509 O  O   . HOH G 5 .   ? 12.328  17.064  10.942  1.00 20.80 ? 564 HOH A O   1 
HETATM 1510 O  O   . HOH G 5 .   ? 3.278   13.278  3.746   1.00 19.57 ? 565 HOH A O   1 
HETATM 1511 O  O   . HOH G 5 .   ? 22.922  7.141   6.214   1.00 19.33 ? 566 HOH A O   1 
HETATM 1512 O  O   . HOH G 5 .   ? -9.468  11.270  -10.645 1.00 17.91 ? 567 HOH A O   1 
HETATM 1513 O  O   . HOH G 5 .   ? 11.421  -5.011  -20.925 1.00 19.77 ? 568 HOH A O   1 
HETATM 1514 O  O   . HOH G 5 .   ? -3.463  17.436  1.099   1.00 17.70 ? 569 HOH A O   1 
HETATM 1515 O  O   . HOH G 5 .   ? -14.393 -7.474  17.400  1.00 21.38 ? 570 HOH A O   1 
HETATM 1516 O  O   . HOH G 5 .   ? -11.102 -5.324  2.653   1.00 20.97 ? 571 HOH A O   1 
HETATM 1517 O  O   . HOH G 5 .   ? -4.021  -16.047 3.302   1.00 15.29 ? 572 HOH A O   1 
HETATM 1518 O  O   . HOH G 5 .   ? 25.250  6.738   2.273   1.00 23.37 ? 573 HOH A O   1 
HETATM 1519 O  O   . HOH G 5 .   ? 14.285  -2.361  6.366   1.00 24.46 ? 574 HOH A O   1 
HETATM 1520 O  O   . HOH G 5 .   ? -2.850  15.466  -11.264 1.00 19.19 ? 575 HOH A O   1 
HETATM 1521 O  O   . HOH G 5 .   ? -1.707  -18.298 -12.940 1.00 26.21 ? 576 HOH A O   1 
HETATM 1522 O  O   . HOH G 5 .   ? 0.182   -7.417  19.940  1.00 22.46 ? 577 HOH A O   1 
HETATM 1523 O  O   . HOH G 5 .   ? 2.118   -17.800 0.186   1.00 20.29 ? 578 HOH A O   1 
HETATM 1524 O  O   . HOH G 5 .   ? 12.186  -12.965 -9.661  1.00 18.90 ? 579 HOH A O   1 
HETATM 1525 O  O   . HOH G 5 .   ? 1.923   -9.847  9.032   1.00 16.62 ? 580 HOH A O   1 
HETATM 1526 O  O   . HOH G 5 .   ? -13.663 0.290   8.085   1.00 17.86 ? 581 HOH A O   1 
HETATM 1527 O  O   . HOH G 5 .   ? 18.732  0.980   -10.126 1.00 26.66 ? 582 HOH A O   1 
HETATM 1528 O  O   . HOH G 5 .   ? 9.373   -11.091 0.329   1.00 20.90 ? 583 HOH A O   1 
HETATM 1529 O  O   . HOH G 5 .   ? -9.534  -5.880  0.126   1.00 16.31 ? 584 HOH A O   1 
HETATM 1530 O  O   . HOH G 5 .   ? 10.904  9.296   9.493   1.00 22.21 ? 585 HOH A O   1 
HETATM 1531 O  O   . HOH G 5 .   ? 5.444   -1.460  11.072  1.00 24.45 ? 586 HOH A O   1 
HETATM 1532 O  O   . HOH G 5 .   ? 3.989   -18.216 -6.269  1.00 23.77 ? 587 HOH A O   1 
HETATM 1533 O  O   . HOH G 5 .   ? 11.087  -6.805  -5.942  1.00 20.42 ? 588 HOH A O   1 
HETATM 1534 O  O   . HOH G 5 .   ? 5.998   -12.202 -2.105  1.00 24.62 ? 589 HOH A O   1 
HETATM 1535 O  O   . HOH G 5 .   ? 14.729  -5.880  0.982   1.00 29.63 ? 590 HOH A O   1 
HETATM 1536 O  O   . HOH G 5 .   ? 8.169   9.165   9.972   1.00 27.05 ? 591 HOH A O   1 
HETATM 1537 O  O   . HOH G 5 .   ? -12.080 11.760  5.836   1.00 21.61 ? 592 HOH A O   1 
HETATM 1538 O  O   . HOH G 5 .   ? -15.901 -3.174  12.716  1.00 17.54 ? 593 HOH A O   1 
HETATM 1539 O  O   . HOH G 5 .   ? -7.925  -7.124  -6.781  1.00 22.83 ? 594 HOH A O   1 
HETATM 1540 O  O   . HOH G 5 .   ? -5.560  6.231   -14.971 1.00 18.53 ? 595 HOH A O   1 
HETATM 1541 O  O   . HOH G 5 .   ? -14.945 8.117   6.068   1.00 19.53 ? 596 HOH A O   1 
HETATM 1542 O  O   . HOH G 5 .   ? -0.870  18.248  1.683   1.00 21.62 ? 597 HOH A O   1 
HETATM 1543 O  O   . HOH G 5 .   ? 13.033  14.352  11.575  1.00 29.70 ? 598 HOH A O   1 
HETATM 1544 O  O   . HOH G 5 .   ? 3.196   -7.937  -24.357 1.00 24.02 ? 599 HOH A O   1 
HETATM 1545 O  O   . HOH G 5 .   ? 15.705  14.615  0.534   1.00 22.37 ? 600 HOH A O   1 
HETATM 1546 O  O   . HOH G 5 .   ? 11.375  6.596   9.663   1.00 18.57 ? 601 HOH A O   1 
HETATM 1547 O  O   . HOH G 5 .   ? 0.110   16.909  -4.750  1.00 27.03 ? 602 HOH A O   1 
HETATM 1548 O  O   . HOH G 5 .   ? -7.297  -0.132  -15.188 1.00 18.60 ? 603 HOH A O   1 
HETATM 1549 O  O   . HOH G 5 .   ? -5.078  -14.599 11.811  1.00 24.52 ? 604 HOH A O   1 
HETATM 1550 O  O   . HOH G 5 .   ? 12.740  7.422   -9.603  1.00 24.07 ? 605 HOH A O   1 
HETATM 1551 O  O   . HOH G 5 .   ? -0.352  11.608  -13.925 1.00 24.66 ? 606 HOH A O   1 
HETATM 1552 O  O   . HOH G 5 .   ? -8.606  14.993  9.409   1.00 24.38 ? 607 HOH A O   1 
HETATM 1553 O  O   . HOH G 5 .   ? 14.602  13.597  14.690  1.00 20.90 ? 608 HOH A O   1 
HETATM 1554 O  O   . HOH G 5 .   ? 17.602  -4.295  -15.755 1.00 23.03 ? 609 HOH A O   1 
HETATM 1555 O  O   . HOH G 5 .   ? -12.954 -14.934 -1.688  1.00 23.12 ? 610 HOH A O   1 
HETATM 1556 O  O   . HOH G 5 .   ? 16.977  16.328  3.508   1.00 23.42 ? 611 HOH A O   1 
HETATM 1557 O  O   . HOH G 5 .   ? 14.847  9.019   11.720  1.00 20.26 ? 612 HOH A O   1 
HETATM 1558 O  O   . HOH G 5 .   ? 5.987   12.555  -8.713  1.00 23.21 ? 613 HOH A O   1 
HETATM 1559 O  O   . HOH G 5 .   ? 15.607  12.803  -7.567  1.00 23.32 ? 614 HOH A O   1 
HETATM 1560 O  O   . HOH G 5 .   ? 0.726   -9.203  11.815  1.00 20.95 ? 615 HOH A O   1 
HETATM 1561 O  O   . HOH G 5 .   ? 2.295   15.496  6.985   1.00 29.91 ? 616 HOH A O   1 
HETATM 1562 O  O   . HOH G 5 .   ? -15.834 1.028   12.167  1.00 26.78 ? 617 HOH A O   1 
HETATM 1563 O  O   . HOH G 5 .   ? -12.168 10.317  11.367  1.00 28.93 ? 618 HOH A O   1 
HETATM 1564 O  O   . HOH G 5 .   ? -22.942 3.930   12.096  1.00 34.77 ? 619 HOH A O   1 
HETATM 1565 O  O   . HOH G 5 .   ? -10.789 -14.601 -8.174  1.00 29.08 ? 620 HOH A O   1 
HETATM 1566 O  O   . HOH G 5 .   ? 7.116   -13.051 2.322   1.00 31.64 ? 621 HOH A O   1 
HETATM 1567 O  O   . HOH G 5 .   ? -11.830 -3.006  3.431   1.00 31.86 ? 622 HOH A O   1 
HETATM 1568 O  O   . HOH G 5 .   ? -16.959 1.921   7.956   1.00 28.53 ? 623 HOH A O   1 
HETATM 1569 O  O   . HOH G 5 .   ? 6.422   -9.318  7.659   1.00 33.38 ? 624 HOH A O   1 
HETATM 1570 O  O   . HOH G 5 .   ? -18.654 0.522   11.692  1.00 23.70 ? 625 HOH A O   1 
HETATM 1571 O  O   . HOH G 5 .   ? 13.866  20.000  7.981   1.00 23.81 ? 626 HOH A O   1 
HETATM 1572 O  O   . HOH G 5 .   ? 16.169  7.343   -8.556  1.00 28.05 ? 627 HOH A O   1 
HETATM 1573 O  O   . HOH G 5 .   ? 15.901  -1.282  -15.905 1.00 35.85 ? 628 HOH A O   1 
HETATM 1574 O  O   . HOH G 5 .   ? -4.890  -10.043 15.673  1.00 20.76 ? 629 HOH A O   1 
HETATM 1575 O  O   . HOH G 5 .   ? -13.672 -1.089  5.507   1.00 24.06 ? 630 HOH A O   1 
HETATM 1576 O  O   . HOH G 5 .   ? -8.299  -4.725  -7.704  1.00 22.45 ? 631 HOH A O   1 
HETATM 1577 O  O   . HOH G 5 .   ? -20.772 -5.792  8.138   1.00 52.27 ? 632 HOH A O   1 
HETATM 1578 O  O   . HOH G 5 .   ? -15.195 -10.050 10.681  1.00 30.69 ? 633 HOH A O   1 
HETATM 1579 O  O   . HOH G 5 .   ? -0.691  15.113  -12.853 1.00 28.88 ? 634 HOH A O   1 
HETATM 1580 O  O   . HOH G 5 .   ? -8.574  3.601   -15.639 1.00 37.54 ? 635 HOH A O   1 
HETATM 1581 O  O   . HOH G 5 .   ? -16.505 5.502   17.673  1.00 24.05 ? 636 HOH A O   1 
HETATM 1582 O  O   . HOH G 5 .   ? 19.139  5.738   -1.912  1.00 21.00 ? 637 HOH A O   1 
HETATM 1583 O  O   . HOH G 5 .   ? 10.611  15.216  -8.525  1.00 25.42 ? 638 HOH A O   1 
HETATM 1584 O  O   . HOH G 5 .   ? -4.506  16.314  11.634  1.00 24.85 ? 639 HOH A O   1 
HETATM 1585 O  O   . HOH G 5 .   ? -2.180  -5.713  23.359  1.00 37.20 ? 640 HOH A O   1 
HETATM 1586 O  O   . HOH G 5 .   ? -9.874  -1.914  -10.884 1.00 23.28 ? 641 HOH A O   1 
HETATM 1587 O  O   . HOH G 5 .   ? 8.462   12.644  -9.675  1.00 30.18 ? 642 HOH A O   1 
HETATM 1588 O  O   . HOH G 5 .   ? -14.168 -2.215  2.442   1.00 20.87 ? 643 HOH A O   1 
HETATM 1589 O  O   . HOH G 5 .   ? 17.904  -0.110  -2.103  1.00 32.74 ? 644 HOH A O   1 
HETATM 1590 O  O   . HOH G 5 .   ? 18.158  1.913   2.470   1.00 33.18 ? 645 HOH A O   1 
HETATM 1591 O  O   . HOH G 5 .   ? -2.698  18.133  -3.347  1.00 27.65 ? 646 HOH A O   1 
HETATM 1592 O  O   . HOH G 5 .   ? -7.466  -18.096 -4.393  1.00 32.85 ? 647 HOH A O   1 
HETATM 1593 O  O   . HOH G 5 .   ? 10.483  16.115  3.664   1.00 20.27 ? 648 HOH A O   1 
HETATM 1594 O  O   . HOH G 5 .   ? -5.237  6.860   12.990  1.00 24.36 ? 649 HOH A O   1 
HETATM 1595 O  O   . HOH G 5 .   ? 9.042   -13.059 9.163   1.00 41.71 ? 650 HOH A O   1 
HETATM 1596 O  O   . HOH G 5 .   ? 3.793   16.604  -3.175  1.00 25.82 ? 651 HOH A O   1 
HETATM 1597 O  O   . HOH G 5 .   ? -27.100 11.151  11.774  1.00 36.41 ? 652 HOH A O   1 
HETATM 1598 O  O   . HOH G 5 .   ? -4.928  6.484   -17.474 1.00 29.75 ? 653 HOH A O   1 
HETATM 1599 O  O   . HOH G 5 .   ? -1.787  10.322  9.944   1.00 22.18 ? 654 HOH A O   1 
HETATM 1600 O  O   . HOH G 5 .   ? -16.168 1.281   19.979  1.00 23.66 ? 655 HOH A O   1 
HETATM 1601 O  O   . HOH G 5 .   ? -16.978 -5.399  19.634  1.00 26.83 ? 656 HOH A O   1 
HETATM 1602 O  O   . HOH G 5 .   ? -9.320  -4.351  -3.584  1.00 18.09 ? 657 HOH A O   1 
HETATM 1603 O  O   . HOH G 5 .   ? -14.939 -14.464 1.617   1.00 32.26 ? 658 HOH A O   1 
HETATM 1604 O  O   . HOH G 5 .   ? -7.987  -16.127 1.569   1.00 31.36 ? 659 HOH A O   1 
HETATM 1605 O  O   . HOH G 5 .   ? 1.862   -18.195 -9.818  1.00 23.60 ? 660 HOH A O   1 
HETATM 1606 O  O   . HOH G 5 .   ? 0.507   16.072  -10.311 1.00 33.92 ? 661 HOH A O   1 
HETATM 1607 O  O   . HOH G 5 .   ? 15.911  -1.677  -2.996  1.00 29.86 ? 662 HOH A O   1 
HETATM 1608 O  O   . HOH G 5 .   ? -20.412 12.116  10.174  1.00 31.45 ? 663 HOH A O   1 
HETATM 1609 O  O   . HOH G 5 .   ? -9.257  -18.654 8.495   1.00 43.41 ? 664 HOH A O   1 
HETATM 1610 O  O   . HOH G 5 .   ? -19.031 7.343   17.983  1.00 41.28 ? 665 HOH A O   1 
HETATM 1611 O  O   . HOH G 5 .   ? 4.965   16.170  -6.575  1.00 41.24 ? 666 HOH A O   1 
HETATM 1612 O  O   . HOH G 5 .   ? -4.506  -14.221 -11.600 1.00 36.25 ? 667 HOH A O   1 
HETATM 1613 O  O   . HOH G 5 .   ? -17.093 -11.022 9.048   1.00 37.97 ? 668 HOH A O   1 
HETATM 1614 O  O   . HOH G 5 .   ? 13.735  9.402   -8.467  1.00 30.84 ? 669 HOH A O   1 
HETATM 1615 O  O   . HOH G 5 .   ? 15.780  11.035  13.406  1.00 33.67 ? 670 HOH A O   1 
HETATM 1616 O  O   . HOH G 5 .   ? 2.749   -18.767 -2.137  1.00 32.00 ? 671 HOH A O   1 
HETATM 1617 O  O   . HOH G 5 .   ? -12.870 -15.669 -4.798  1.00 33.80 ? 672 HOH A O   1 
HETATM 1618 O  O   . HOH G 5 .   ? 4.298   9.646   9.702   1.00 33.05 ? 673 HOH A O   1 
HETATM 1619 O  O   . HOH G 5 .   ? -18.618 -1.632  18.625  1.00 30.92 ? 674 HOH A O   1 
HETATM 1620 O  O   . HOH G 5 .   ? -6.636  -3.431  -14.984 1.00 24.85 ? 675 HOH A O   1 
HETATM 1621 O  O   . HOH G 5 .   ? -16.668 -9.493  0.773   1.00 45.00 ? 676 HOH A O   1 
HETATM 1622 O  O   . HOH G 5 .   ? 2.692   -18.519 -14.750 1.00 14.62 ? 677 HOH A O   1 
HETATM 1623 O  O   . HOH G 5 .   ? -15.858 -10.052 4.925   1.00 34.19 ? 678 HOH A O   1 
HETATM 1624 O  O   . HOH G 5 .   ? 23.057  3.671   4.219   1.00 14.20 ? 679 HOH A O   1 
HETATM 1625 O  O   . HOH G 5 .   ? 16.501  5.182   -5.919  1.00 21.63 ? 680 HOH A O   1 
HETATM 1626 O  O   . HOH G 5 .   ? 2.084   -12.452 8.189   1.00 21.12 ? 681 HOH A O   1 
HETATM 1627 O  O   . HOH G 5 .   ? 12.283  11.471  -8.548  1.00 34.83 ? 682 HOH A O   1 
HETATM 1628 O  O   . HOH G 5 .   ? -5.934  -19.277 2.102   1.00 37.45 ? 683 HOH A O   1 
HETATM 1629 O  O   . HOH G 5 .   ? 10.948  -6.359  4.828   1.00 38.21 ? 684 HOH A O   1 
HETATM 1630 O  O   . HOH G 5 .   ? 1.460   -12.972 10.904  1.00 36.14 ? 685 HOH A O   1 
HETATM 1631 O  O   . HOH G 5 .   ? -19.351 11.412  14.678  1.00 40.40 ? 686 HOH A O   1 
HETATM 1632 O  O   . HOH G 5 .   ? 12.919  -8.204  7.622   1.00 45.35 ? 687 HOH A O   1 
HETATM 1633 O  O   . HOH G 5 .   ? -2.639  -22.631 -5.999  1.00 36.63 ? 688 HOH A O   1 
HETATM 1634 O  O   . HOH G 5 .   ? 13.813  -5.677  -22.488 1.00 46.12 ? 689 HOH A O   1 
HETATM 1635 O  O   . HOH G 5 .   ? 22.260  12.537  2.472   1.00 37.80 ? 690 HOH A O   1 
HETATM 1636 O  O   . HOH G 5 .   ? 19.750  1.769   4.567   1.00 28.53 ? 691 HOH A O   1 
HETATM 1637 O  O   . HOH G 5 .   ? 7.241   10.323  -9.791  1.00 26.33 ? 692 HOH A O   1 
HETATM 1638 O  O   . HOH G 5 .   ? 6.446   7.362   9.755   1.00 43.50 ? 693 HOH A O   1 
HETATM 1639 O  O   . HOH G 5 .   ? -13.066 -11.045 11.801  1.00 40.96 ? 694 HOH A O   1 
HETATM 1640 O  O   . HOH G 5 .   ? -15.912 -0.174  9.521   1.00 25.82 ? 695 HOH A O   1 
HETATM 1641 O  O   . HOH G 5 .   ? 1.740   -2.320  22.161  1.00 35.53 ? 696 HOH A O   1 
HETATM 1642 O  O   . HOH G 5 .   ? -4.138  -1.258  19.808  1.00 27.38 ? 697 HOH A O   1 
HETATM 1643 O  O   . HOH G 5 .   ? 0.414   8.546   10.594  1.00 31.10 ? 698 HOH A O   1 
HETATM 1644 O  O   . HOH G 5 .   ? -2.260  6.039   12.624  1.00 35.24 ? 699 HOH A O   1 
HETATM 1645 O  O   . HOH G 5 .   ? -15.430 0.566   3.425   1.00 28.71 ? 700 HOH A O   1 
HETATM 1646 O  O   . HOH G 5 .   ? -12.889 9.867   7.154   1.00 28.32 ? 701 HOH A O   1 
HETATM 1647 O  O   . HOH G 5 .   ? -13.728 11.603  3.771   1.00 34.57 ? 702 HOH A O   1 
HETATM 1648 O  O   . HOH G 5 .   ? -20.149 -2.499  15.679  1.00 34.08 ? 703 HOH A O   1 
HETATM 1649 O  O   . HOH G 5 .   ? -20.433 -0.952  13.676  1.00 35.85 ? 704 HOH A O   1 
HETATM 1650 O  O   . HOH G 5 .   ? -15.914 -7.807  5.088   1.00 36.12 ? 705 HOH A O   1 
HETATM 1651 O  O   . HOH G 5 .   ? -13.790 -4.825  2.718   1.00 33.02 ? 706 HOH A O   1 
HETATM 1652 O  O   . HOH G 5 .   ? -13.493 -7.207  -0.804  1.00 34.03 ? 707 HOH A O   1 
HETATM 1653 O  O   . HOH G 5 .   ? -10.696 -7.893  -1.372  1.00 31.46 ? 708 HOH A O   1 
HETATM 1654 O  O   . HOH G 5 .   ? -11.571 -8.528  -3.308  1.00 34.85 ? 709 HOH A O   1 
HETATM 1655 O  O   . HOH G 5 .   ? -5.881  -16.601 1.578   1.00 16.29 ? 710 HOH A O   1 
HETATM 1656 O  O   . HOH G 5 .   ? -14.267 -16.803 9.774   1.00 38.68 ? 711 HOH A O   1 
HETATM 1657 O  O   . HOH G 5 .   ? 15.905  16.266  -3.598  1.00 28.75 ? 712 HOH A O   1 
HETATM 1658 O  O   . HOH G 5 .   ? 16.104  13.764  -4.264  1.00 23.85 ? 713 HOH A O   1 
# 
loop_
_pdbx_poly_seq_scheme.asym_id 
_pdbx_poly_seq_scheme.entity_id 
_pdbx_poly_seq_scheme.seq_id 
_pdbx_poly_seq_scheme.mon_id 
_pdbx_poly_seq_scheme.ndb_seq_num 
_pdbx_poly_seq_scheme.pdb_seq_num 
_pdbx_poly_seq_scheme.auth_seq_num 
_pdbx_poly_seq_scheme.pdb_mon_id 
_pdbx_poly_seq_scheme.auth_mon_id 
_pdbx_poly_seq_scheme.pdb_strand_id 
_pdbx_poly_seq_scheme.pdb_ins_code 
_pdbx_poly_seq_scheme.hetero 
A 1 1   MET 1   1   1   MET MET A . n 
A 1 2   ILE 2   2   2   ILE ILE A . n 
A 1 3   THR 3   3   3   THR THR A . n 
A 1 4   MET 4   4   4   MET MET A . n 
A 1 5   LYS 5   5   5   LYS LYS A . n 
A 1 6   ASP 6   6   6   ASP ASP A . n 
A 1 7   ILE 7   7   7   ILE ILE A . n 
A 1 8   ILE 8   8   8   ILE ILE A . n 
A 1 9   ARG 9   9   9   ARG ARG A . n 
A 1 10  GLU 10  10  10  GLU GLU A . n 
A 1 11  GLY 11  11  11  GLY GLY A . n 
A 1 12  ASN 12  12  12  ASN ASN A . n 
A 1 13  PRO 13  13  13  PRO PRO A . n 
A 1 14  THR 14  14  14  THR THR A . n 
A 1 15  LEU 15  15  15  LEU LEU A . n 
A 1 16  ARG 16  16  16  ARG ARG A . n 
A 1 17  ALA 17  17  17  ALA ALA A . n 
A 1 18  VAL 18  18  18  VAL VAL A . n 
A 1 19  ALA 19  19  19  ALA ALA A . n 
A 1 20  GLU 20  20  20  GLU GLU A . n 
A 1 21  GLU 21  21  21  GLU GLU A . n 
A 1 22  VAL 22  22  22  VAL VAL A . n 
A 1 23  PRO 23  23  23  PRO PRO A . n 
A 1 24  VAL 24  24  24  VAL VAL A . n 
A 1 25  PRO 25  25  25  PRO PRO A . n 
A 1 26  ILE 26  26  26  ILE ILE A . n 
A 1 27  THR 27  27  27  THR THR A . n 
A 1 28  GLU 28  28  28  GLU GLU A . n 
A 1 29  GLU 29  29  29  GLU GLU A . n 
A 1 30  ASP 30  30  30  ASP ASP A . n 
A 1 31  ARG 31  31  31  ARG ARG A . n 
A 1 32  GLN 32  32  32  GLN GLN A . n 
A 1 33  LEU 33  33  33  LEU LEU A . n 
A 1 34  GLY 34  34  34  GLY GLY A . n 
A 1 35  GLU 35  35  35  GLU GLU A . n 
A 1 36  ASP 36  36  36  ASP ASP A . n 
A 1 37  MET 37  37  37  MET MET A . n 
A 1 38  LEU 38  38  38  LEU LEU A . n 
A 1 39  THR 39  39  39  THR THR A . n 
A 1 40  PHE 40  40  40  PHE PHE A . n 
A 1 41  LEU 41  41  41  LEU LEU A . n 
A 1 42  LYS 42  42  42  LYS LYS A . n 
A 1 43  ASN 43  43  43  ASN ASN A . n 
A 1 44  SER 44  44  44  SER SER A . n 
A 1 45  GLN 45  45  45  GLN GLN A . n 
A 1 46  ASP 46  46  46  ASP ASP A . n 
A 1 47  PRO 47  47  47  PRO PRO A . n 
A 1 48  VAL 48  48  48  VAL VAL A . n 
A 1 49  LYS 49  49  49  LYS LYS A . n 
A 1 50  ALA 50  50  50  ALA ALA A . n 
A 1 51  GLU 51  51  51  GLU GLU A . n 
A 1 52  GLU 52  52  52  GLU GLU A . n 
A 1 53  LEU 53  53  53  LEU LEU A . n 
A 1 54  GLN 54  54  54  GLN GLN A . n 
A 1 55  LEU 55  55  55  LEU LEU A . n 
A 1 56  ARG 56  56  56  ARG ARG A . n 
A 1 57  GLY 57  57  57  GLY GLY A . n 
A 1 58  GLY 58  58  58  GLY GLY A . n 
A 1 59  VAL 59  59  59  VAL VAL A . n 
A 1 60  GLY 60  60  60  GLY GLY A . n 
A 1 61  LEU 61  61  61  LEU LEU A . n 
A 1 62  ALA 62  62  62  ALA ALA A . n 
A 1 63  ALA 63  63  63  ALA ALA A . n 
A 1 64  PRO 64  64  64  PRO PRO A . n 
A 1 65  GLN 65  65  65  GLN GLN A . n 
A 1 66  LEU 66  66  66  LEU LEU A . n 
A 1 67  ASP 67  67  67  ASP ASP A . n 
A 1 68  ILE 68  68  68  ILE ILE A . n 
A 1 69  SER 69  69  69  SER SER A . n 
A 1 70  LYS 70  70  70  LYS LYS A . n 
A 1 71  ARG 71  71  71  ARG ARG A . n 
A 1 72  ILE 72  72  72  ILE ILE A . n 
A 1 73  ILE 73  73  73  ILE ILE A . n 
A 1 74  ALA 74  74  74  ALA ALA A . n 
A 1 75  VAL 75  75  75  VAL VAL A . n 
A 1 76  HIS 76  76  76  HIS HIS A . n 
A 1 77  VAL 77  77  77  VAL VAL A . n 
A 1 78  PRO 78  78  78  PRO PRO A . n 
A 1 79  SER 79  79  ?   ?   ?   A . n 
A 1 80  ASN 80  80  ?   ?   ?   A . n 
A 1 81  ASP 81  81  ?   ?   ?   A . n 
A 1 82  PRO 82  82  ?   ?   ?   A . n 
A 1 83  GLU 83  83  ?   ?   ?   A . n 
A 1 84  ASN 84  84  ?   ?   ?   A . n 
A 1 85  GLU 85  85  ?   ?   ?   A . n 
A 1 86  THR 86  86  ?   ?   ?   A . n 
A 1 87  PRO 87  87  ?   ?   ?   A . n 
A 1 88  SER 88  88  88  SER SER A . n 
A 1 89  LEU 89  89  89  LEU LEU A . n 
A 1 90  SER 90  90  90  SER SER A . n 
A 1 91  THR 91  91  91  THR THR A . n 
A 1 92  VAL 92  92  92  VAL VAL A . n 
A 1 93  MET 93  93  93  MET MET A . n 
A 1 94  TYR 94  94  94  TYR TYR A . n 
A 1 95  ASN 95  95  95  ASN ASN A . n 
A 1 96  PRO 96  96  96  PRO PRO A . n 
A 1 97  LYS 97  97  97  LYS LYS A . n 
A 1 98  ILE 98  98  98  ILE ILE A . n 
A 1 99  LEU 99  99  99  LEU LEU A . n 
A 1 100 SER 100 100 100 SER SER A . n 
A 1 101 HIS 101 101 101 HIS HIS A . n 
A 1 102 SER 102 102 102 SER SER A . n 
A 1 103 VAL 103 103 103 VAL VAL A . n 
A 1 104 GLN 104 104 104 GLN GLN A . n 
A 1 105 ASP 105 105 105 ASP ASP A . n 
A 1 106 VAL 106 106 106 VAL VAL A . n 
A 1 107 CYS 107 107 107 CYS CYS A . n 
A 1 108 LEU 108 108 108 LEU LEU A . n 
A 1 109 GLY 109 109 109 GLY GLY A . n 
A 1 110 GLU 110 110 110 GLU GLU A . n 
A 1 111 GLY 111 111 111 GLY GLY A . n 
A 1 112 GLU 112 112 112 GLU GLU A . n 
A 1 113 GLY 113 113 113 GLY GLY A . n 
A 1 114 CYS 114 114 114 CYS CYS A . n 
A 1 115 LEU 115 115 115 LEU LEU A . n 
A 1 116 SER 116 116 116 SER SER A . n 
A 1 117 VAL 117 117 117 VAL VAL A . n 
A 1 118 ASP 118 118 118 ASP ASP A . n 
A 1 119 ARG 119 119 119 ARG ARG A . n 
A 1 120 ASP 120 120 120 ASP ASP A . n 
A 1 121 VAL 121 121 121 VAL VAL A . n 
A 1 122 PRO 122 122 122 PRO PRO A . n 
A 1 123 GLY 123 123 123 GLY GLY A . n 
A 1 124 TYR 124 124 124 TYR TYR A . n 
A 1 125 VAL 125 125 125 VAL VAL A . n 
A 1 126 VAL 126 126 126 VAL VAL A . n 
A 1 127 ARG 127 127 127 ARG ARG A . n 
A 1 128 HIS 128 128 128 HIS HIS A . n 
A 1 129 ASN 129 129 129 ASN ASN A . n 
A 1 130 LYS 130 130 130 LYS LYS A . n 
A 1 131 ILE 131 131 131 ILE ILE A . n 
A 1 132 THR 132 132 132 THR THR A . n 
A 1 133 VAL 133 133 133 VAL VAL A . n 
A 1 134 SER 134 134 134 SER SER A . n 
A 1 135 TYR 135 135 135 TYR TYR A . n 
A 1 136 PHE 136 136 136 PHE PHE A . n 
A 1 137 ASP 137 137 137 ASP ASP A . n 
A 1 138 MET 138 138 138 MET MET A . n 
A 1 139 ALA 139 139 139 ALA ALA A . n 
A 1 140 GLY 140 140 140 GLY GLY A . n 
A 1 141 GLU 141 141 141 GLU GLU A . n 
A 1 142 LYS 142 142 142 LYS LYS A . n 
A 1 143 HIS 143 143 143 HIS HIS A . n 
A 1 144 LYS 144 144 144 LYS LYS A . n 
A 1 145 VAL 145 145 145 VAL VAL A . n 
A 1 146 ARG 146 146 146 ARG ARG A . n 
A 1 147 LEU 147 147 147 LEU LEU A . n 
A 1 148 LYS 148 148 148 LYS LYS A . n 
A 1 149 ASN 149 149 149 ASN ASN A . n 
A 1 150 TYR 150 150 150 TYR TYR A . n 
A 1 151 GLU 151 151 151 GLU GLU A . n 
A 1 152 ALA 152 152 152 ALA ALA A . n 
A 1 153 ILE 153 153 153 ILE ILE A . n 
A 1 154 VAL 154 154 154 VAL VAL A . n 
A 1 155 VAL 155 155 155 VAL VAL A . n 
A 1 156 GLN 156 156 156 GLN GLN A . n 
A 1 157 HIS 157 157 157 HIS HIS A . n 
A 1 158 GLU 158 158 158 GLU GLU A . n 
A 1 159 ILE 159 159 159 ILE ILE A . n 
A 1 160 ASP 160 160 160 ASP ASP A . n 
A 1 161 HIS 161 161 161 HIS HIS A . n 
A 1 162 ILE 162 162 162 ILE ILE A . n 
A 1 163 ASN 163 163 163 ASN ASN A . n 
A 1 164 GLY 164 164 164 GLY GLY A . n 
A 1 165 ILE 165 165 165 ILE ILE A . n 
A 1 166 MET 166 166 166 MET MET A . n 
A 1 167 PHE 167 167 167 PHE PHE A . n 
A 1 168 TYR 168 168 168 TYR TYR A . n 
A 1 169 ASP 169 169 169 ASP ASP A . n 
A 1 170 HIS 170 170 170 HIS HIS A . n 
A 1 171 ILE 171 171 171 ILE ILE A . n 
A 1 172 ASN 172 172 172 ASN ASN A . n 
A 1 173 LYS 173 173 173 LYS LYS A . n 
A 1 174 GLU 174 174 174 GLU GLU A . n 
A 1 175 ASN 175 175 175 ASN ASN A . n 
A 1 176 PRO 176 176 176 PRO PRO A . n 
A 1 177 PHE 177 177 177 PHE PHE A . n 
A 1 178 ALA 178 178 178 ALA ALA A . n 
A 1 179 LEU 179 179 179 LEU LEU A . n 
A 1 180 LYS 180 180 180 LYS LYS A . n 
A 1 181 GLU 181 181 181 GLU GLU A . n 
A 1 182 GLY 182 182 182 GLY GLY A . n 
A 1 183 VAL 183 183 183 VAL VAL A . n 
A 1 184 LEU 184 184 184 LEU LEU A . n 
A 1 185 VAL 185 185 185 VAL VAL A . n 
A 1 186 ILE 186 186 186 ILE ILE A . n 
A 1 187 GLU 187 187 187 GLU GLU A . n 
A 1 188 LEU 188 188 188 LEU LEU A . n 
# 
loop_
_pdbx_nonpoly_scheme.asym_id 
_pdbx_nonpoly_scheme.entity_id 
_pdbx_nonpoly_scheme.mon_id 
_pdbx_nonpoly_scheme.ndb_seq_num 
_pdbx_nonpoly_scheme.pdb_seq_num 
_pdbx_nonpoly_scheme.auth_seq_num 
_pdbx_nonpoly_scheme.pdb_mon_id 
_pdbx_nonpoly_scheme.auth_mon_id 
_pdbx_nonpoly_scheme.pdb_strand_id 
_pdbx_nonpoly_scheme.pdb_ins_code 
B 2 NI  1   300 300 NI  NI  A . 
C 3 SO4 1   501 501 SO4 SO4 A . 
D 3 SO4 1   502 502 SO4 SO4 A . 
E 3 SO4 1   503 503 SO4 SO4 A . 
F 4 BB2 1   400 400 BB2 BB2 A . 
G 5 HOH 1   504 1   HOH WAT A . 
G 5 HOH 2   505 2   HOH WAT A . 
G 5 HOH 3   506 3   HOH WAT A . 
G 5 HOH 4   507 4   HOH WAT A . 
G 5 HOH 5   508 5   HOH WAT A . 
G 5 HOH 6   509 6   HOH WAT A . 
G 5 HOH 7   510 7   HOH WAT A . 
G 5 HOH 8   511 8   HOH WAT A . 
G 5 HOH 9   512 9   HOH WAT A . 
G 5 HOH 10  513 10  HOH WAT A . 
G 5 HOH 11  514 11  HOH WAT A . 
G 5 HOH 12  515 12  HOH WAT A . 
G 5 HOH 13  516 13  HOH WAT A . 
G 5 HOH 14  517 14  HOH WAT A . 
G 5 HOH 15  518 15  HOH WAT A . 
G 5 HOH 16  519 16  HOH WAT A . 
G 5 HOH 17  520 17  HOH WAT A . 
G 5 HOH 18  521 18  HOH WAT A . 
G 5 HOH 19  522 19  HOH WAT A . 
G 5 HOH 20  523 20  HOH WAT A . 
G 5 HOH 21  524 21  HOH WAT A . 
G 5 HOH 22  525 22  HOH WAT A . 
G 5 HOH 23  526 23  HOH WAT A . 
G 5 HOH 24  527 24  HOH WAT A . 
G 5 HOH 25  528 25  HOH WAT A . 
G 5 HOH 26  529 26  HOH WAT A . 
G 5 HOH 27  530 27  HOH WAT A . 
G 5 HOH 28  531 28  HOH WAT A . 
G 5 HOH 29  532 29  HOH WAT A . 
G 5 HOH 30  533 30  HOH WAT A . 
G 5 HOH 31  534 31  HOH WAT A . 
G 5 HOH 32  535 32  HOH WAT A . 
G 5 HOH 33  536 33  HOH WAT A . 
G 5 HOH 34  537 34  HOH WAT A . 
G 5 HOH 35  538 35  HOH WAT A . 
G 5 HOH 36  539 36  HOH WAT A . 
G 5 HOH 37  540 37  HOH WAT A . 
G 5 HOH 38  541 38  HOH WAT A . 
G 5 HOH 39  542 39  HOH WAT A . 
G 5 HOH 40  543 40  HOH WAT A . 
G 5 HOH 41  544 41  HOH WAT A . 
G 5 HOH 42  545 42  HOH WAT A . 
G 5 HOH 43  546 43  HOH WAT A . 
G 5 HOH 44  547 44  HOH WAT A . 
G 5 HOH 45  548 45  HOH WAT A . 
G 5 HOH 46  549 46  HOH WAT A . 
G 5 HOH 47  550 47  HOH WAT A . 
G 5 HOH 48  551 48  HOH WAT A . 
G 5 HOH 49  552 49  HOH WAT A . 
G 5 HOH 50  553 50  HOH WAT A . 
G 5 HOH 51  554 51  HOH WAT A . 
G 5 HOH 52  555 52  HOH WAT A . 
G 5 HOH 53  556 53  HOH WAT A . 
G 5 HOH 54  557 54  HOH WAT A . 
G 5 HOH 55  558 55  HOH WAT A . 
G 5 HOH 56  559 56  HOH WAT A . 
G 5 HOH 57  560 57  HOH WAT A . 
G 5 HOH 58  561 58  HOH WAT A . 
G 5 HOH 59  562 59  HOH WAT A . 
G 5 HOH 60  563 60  HOH WAT A . 
G 5 HOH 61  564 61  HOH WAT A . 
G 5 HOH 62  565 62  HOH WAT A . 
G 5 HOH 63  566 63  HOH WAT A . 
G 5 HOH 64  567 64  HOH WAT A . 
G 5 HOH 65  568 65  HOH WAT A . 
G 5 HOH 66  569 66  HOH WAT A . 
G 5 HOH 67  570 67  HOH WAT A . 
G 5 HOH 68  571 68  HOH WAT A . 
G 5 HOH 69  572 69  HOH WAT A . 
G 5 HOH 70  573 70  HOH WAT A . 
G 5 HOH 71  574 71  HOH WAT A . 
G 5 HOH 72  575 72  HOH WAT A . 
G 5 HOH 73  576 73  HOH WAT A . 
G 5 HOH 74  577 74  HOH WAT A . 
G 5 HOH 75  578 75  HOH WAT A . 
G 5 HOH 76  579 76  HOH WAT A . 
G 5 HOH 77  580 77  HOH WAT A . 
G 5 HOH 78  581 78  HOH WAT A . 
G 5 HOH 79  582 79  HOH WAT A . 
G 5 HOH 80  583 80  HOH WAT A . 
G 5 HOH 81  584 81  HOH WAT A . 
G 5 HOH 82  585 82  HOH WAT A . 
G 5 HOH 83  586 83  HOH WAT A . 
G 5 HOH 84  587 84  HOH WAT A . 
G 5 HOH 85  588 85  HOH WAT A . 
G 5 HOH 86  589 86  HOH WAT A . 
G 5 HOH 87  590 87  HOH WAT A . 
G 5 HOH 88  591 88  HOH WAT A . 
G 5 HOH 89  592 89  HOH WAT A . 
G 5 HOH 90  593 90  HOH WAT A . 
G 5 HOH 91  594 91  HOH WAT A . 
G 5 HOH 92  595 92  HOH WAT A . 
G 5 HOH 93  596 93  HOH WAT A . 
G 5 HOH 94  597 94  HOH WAT A . 
G 5 HOH 95  598 95  HOH WAT A . 
G 5 HOH 96  599 96  HOH WAT A . 
G 5 HOH 97  600 97  HOH WAT A . 
G 5 HOH 98  601 98  HOH WAT A . 
G 5 HOH 99  602 99  HOH WAT A . 
G 5 HOH 100 603 100 HOH WAT A . 
G 5 HOH 101 604 101 HOH WAT A . 
G 5 HOH 102 605 102 HOH WAT A . 
G 5 HOH 103 606 103 HOH WAT A . 
G 5 HOH 104 607 104 HOH WAT A . 
G 5 HOH 105 608 105 HOH WAT A . 
G 5 HOH 106 609 106 HOH WAT A . 
G 5 HOH 107 610 107 HOH WAT A . 
G 5 HOH 108 611 108 HOH WAT A . 
G 5 HOH 109 612 109 HOH WAT A . 
G 5 HOH 110 613 110 HOH WAT A . 
G 5 HOH 111 614 111 HOH WAT A . 
G 5 HOH 112 615 112 HOH WAT A . 
G 5 HOH 113 616 113 HOH WAT A . 
G 5 HOH 114 617 114 HOH WAT A . 
G 5 HOH 115 618 115 HOH WAT A . 
G 5 HOH 116 619 116 HOH WAT A . 
G 5 HOH 117 620 117 HOH WAT A . 
G 5 HOH 118 621 118 HOH WAT A . 
G 5 HOH 119 622 119 HOH WAT A . 
G 5 HOH 120 623 120 HOH WAT A . 
G 5 HOH 121 624 121 HOH WAT A . 
G 5 HOH 122 625 122 HOH WAT A . 
G 5 HOH 123 626 123 HOH WAT A . 
G 5 HOH 124 627 124 HOH WAT A . 
G 5 HOH 125 628 125 HOH WAT A . 
G 5 HOH 126 629 126 HOH WAT A . 
G 5 HOH 127 630 127 HOH WAT A . 
G 5 HOH 128 631 128 HOH WAT A . 
G 5 HOH 129 632 129 HOH WAT A . 
G 5 HOH 130 633 130 HOH WAT A . 
G 5 HOH 131 634 131 HOH WAT A . 
G 5 HOH 132 635 132 HOH WAT A . 
G 5 HOH 133 636 133 HOH WAT A . 
G 5 HOH 134 637 134 HOH WAT A . 
G 5 HOH 135 638 135 HOH WAT A . 
G 5 HOH 136 639 136 HOH WAT A . 
G 5 HOH 137 640 137 HOH WAT A . 
G 5 HOH 138 641 138 HOH WAT A . 
G 5 HOH 139 642 139 HOH WAT A . 
G 5 HOH 140 643 140 HOH WAT A . 
G 5 HOH 141 644 141 HOH WAT A . 
G 5 HOH 142 645 142 HOH WAT A . 
G 5 HOH 143 646 143 HOH WAT A . 
G 5 HOH 144 647 144 HOH WAT A . 
G 5 HOH 145 648 145 HOH WAT A . 
G 5 HOH 146 649 146 HOH WAT A . 
G 5 HOH 147 650 147 HOH WAT A . 
G 5 HOH 148 651 148 HOH WAT A . 
G 5 HOH 149 652 149 HOH WAT A . 
G 5 HOH 150 653 150 HOH WAT A . 
G 5 HOH 151 654 151 HOH WAT A . 
G 5 HOH 152 655 152 HOH WAT A . 
G 5 HOH 153 656 153 HOH WAT A . 
G 5 HOH 154 657 154 HOH WAT A . 
G 5 HOH 155 658 155 HOH WAT A . 
G 5 HOH 156 659 156 HOH WAT A . 
G 5 HOH 157 660 157 HOH WAT A . 
G 5 HOH 158 661 158 HOH WAT A . 
G 5 HOH 159 662 159 HOH WAT A . 
G 5 HOH 160 663 160 HOH WAT A . 
G 5 HOH 161 664 161 HOH WAT A . 
G 5 HOH 162 665 162 HOH WAT A . 
G 5 HOH 163 666 163 HOH WAT A . 
G 5 HOH 164 667 164 HOH WAT A . 
G 5 HOH 165 668 165 HOH WAT A . 
G 5 HOH 166 669 166 HOH WAT A . 
G 5 HOH 167 670 167 HOH WAT A . 
G 5 HOH 168 671 168 HOH WAT A . 
G 5 HOH 169 672 169 HOH WAT A . 
G 5 HOH 170 673 170 HOH WAT A . 
G 5 HOH 171 674 171 HOH WAT A . 
G 5 HOH 172 675 172 HOH WAT A . 
G 5 HOH 173 676 173 HOH WAT A . 
G 5 HOH 174 677 174 HOH WAT A . 
G 5 HOH 175 678 175 HOH WAT A . 
G 5 HOH 176 679 176 HOH WAT A . 
G 5 HOH 177 680 177 HOH WAT A . 
G 5 HOH 178 681 178 HOH WAT A . 
G 5 HOH 179 682 179 HOH WAT A . 
G 5 HOH 180 683 180 HOH WAT A . 
G 5 HOH 181 684 181 HOH WAT A . 
G 5 HOH 182 685 182 HOH WAT A . 
G 5 HOH 183 686 183 HOH WAT A . 
G 5 HOH 184 687 184 HOH WAT A . 
G 5 HOH 185 688 185 HOH WAT A . 
G 5 HOH 186 689 186 HOH WAT A . 
G 5 HOH 187 690 187 HOH WAT A . 
G 5 HOH 188 691 188 HOH WAT A . 
G 5 HOH 189 692 189 HOH WAT A . 
G 5 HOH 190 693 190 HOH WAT A . 
G 5 HOH 191 694 191 HOH WAT A . 
G 5 HOH 192 695 192 HOH WAT A . 
G 5 HOH 193 696 193 HOH WAT A . 
G 5 HOH 194 697 194 HOH WAT A . 
G 5 HOH 195 698 195 HOH WAT A . 
G 5 HOH 196 699 196 HOH WAT A . 
G 5 HOH 197 700 197 HOH WAT A . 
G 5 HOH 198 701 198 HOH WAT A . 
G 5 HOH 199 702 199 HOH WAT A . 
G 5 HOH 200 703 200 HOH WAT A . 
G 5 HOH 201 704 201 HOH WAT A . 
G 5 HOH 202 705 202 HOH WAT A . 
G 5 HOH 203 706 203 HOH WAT A . 
G 5 HOH 204 707 204 HOH WAT A . 
G 5 HOH 205 708 205 HOH WAT A . 
G 5 HOH 206 709 206 HOH WAT A . 
G 5 HOH 207 710 207 HOH WAT A . 
G 5 HOH 208 711 208 HOH WAT A . 
G 5 HOH 209 712 209 HOH WAT A . 
G 5 HOH 210 713 210 HOH WAT A . 
# 
_pdbx_struct_assembly.id                   1 
_pdbx_struct_assembly.details              author_defined_assembly 
_pdbx_struct_assembly.method_details       ? 
_pdbx_struct_assembly.oligomeric_details   monomeric 
_pdbx_struct_assembly.oligomeric_count     1 
# 
_pdbx_struct_assembly_gen.assembly_id       1 
_pdbx_struct_assembly_gen.oper_expression   1 
_pdbx_struct_assembly_gen.asym_id_list      A,B,C,D,E,F,G 
# 
_pdbx_struct_oper_list.id                   1 
_pdbx_struct_oper_list.type                 'identity operation' 
_pdbx_struct_oper_list.name                 1_555 
_pdbx_struct_oper_list.symmetry_operation   x,y,z 
_pdbx_struct_oper_list.matrix[1][1]         1.0000000000 
_pdbx_struct_oper_list.matrix[1][2]         0.0000000000 
_pdbx_struct_oper_list.matrix[1][3]         0.0000000000 
_pdbx_struct_oper_list.vector[1]            0.0000000000 
_pdbx_struct_oper_list.matrix[2][1]         0.0000000000 
_pdbx_struct_oper_list.matrix[2][2]         1.0000000000 
_pdbx_struct_oper_list.matrix[2][3]         0.0000000000 
_pdbx_struct_oper_list.vector[2]            0.0000000000 
_pdbx_struct_oper_list.matrix[3][1]         0.0000000000 
_pdbx_struct_oper_list.matrix[3][2]         0.0000000000 
_pdbx_struct_oper_list.matrix[3][3]         1.0000000000 
_pdbx_struct_oper_list.vector[3]            0.0000000000 
# 
loop_
_pdbx_struct_conn_angle.id 
_pdbx_struct_conn_angle.ptnr1_label_atom_id 
_pdbx_struct_conn_angle.ptnr1_label_alt_id 
_pdbx_struct_conn_angle.ptnr1_label_asym_id 
_pdbx_struct_conn_angle.ptnr1_label_comp_id 
_pdbx_struct_conn_angle.ptnr1_label_seq_id 
_pdbx_struct_conn_angle.ptnr1_auth_atom_id 
_pdbx_struct_conn_angle.ptnr1_auth_asym_id 
_pdbx_struct_conn_angle.ptnr1_auth_comp_id 
_pdbx_struct_conn_angle.ptnr1_auth_seq_id 
_pdbx_struct_conn_angle.ptnr1_PDB_ins_code 
_pdbx_struct_conn_angle.ptnr1_symmetry 
_pdbx_struct_conn_angle.ptnr2_label_atom_id 
_pdbx_struct_conn_angle.ptnr2_label_alt_id 
_pdbx_struct_conn_angle.ptnr2_label_asym_id 
_pdbx_struct_conn_angle.ptnr2_label_comp_id 
_pdbx_struct_conn_angle.ptnr2_label_seq_id 
_pdbx_struct_conn_angle.ptnr2_auth_atom_id 
_pdbx_struct_conn_angle.ptnr2_auth_asym_id 
_pdbx_struct_conn_angle.ptnr2_auth_comp_id 
_pdbx_struct_conn_angle.ptnr2_auth_seq_id 
_pdbx_struct_conn_angle.ptnr2_PDB_ins_code 
_pdbx_struct_conn_angle.ptnr2_symmetry 
_pdbx_struct_conn_angle.ptnr3_label_atom_id 
_pdbx_struct_conn_angle.ptnr3_label_alt_id 
_pdbx_struct_conn_angle.ptnr3_label_asym_id 
_pdbx_struct_conn_angle.ptnr3_label_comp_id 
_pdbx_struct_conn_angle.ptnr3_label_seq_id 
_pdbx_struct_conn_angle.ptnr3_auth_atom_id 
_pdbx_struct_conn_angle.ptnr3_auth_asym_id 
_pdbx_struct_conn_angle.ptnr3_auth_comp_id 
_pdbx_struct_conn_angle.ptnr3_auth_seq_id 
_pdbx_struct_conn_angle.ptnr3_PDB_ins_code 
_pdbx_struct_conn_angle.ptnr3_symmetry 
_pdbx_struct_conn_angle.value 
_pdbx_struct_conn_angle.value_esd 
1 NE2 ? A HIS 157 ? A HIS 157 ? 1_555 NI ? B NI . ? A NI 300 ? 1_555 NE2 ? A HIS 161 ? A HIS 161 ? 1_555 101.8 ? 
2 NE2 ? A HIS 157 ? A HIS 157 ? 1_555 NI ? B NI . ? A NI 300 ? 1_555 O2  ? F BB2 .   ? A BB2 400 ? 1_555 91.7  ? 
3 NE2 ? A HIS 161 ? A HIS 161 ? 1_555 NI ? B NI . ? A NI 300 ? 1_555 O2  ? F BB2 .   ? A BB2 400 ? 1_555 81.0  ? 
# 
loop_
_pdbx_audit_revision_history.ordinal 
_pdbx_audit_revision_history.data_content_type 
_pdbx_audit_revision_history.major_revision 
_pdbx_audit_revision_history.minor_revision 
_pdbx_audit_revision_history.revision_date 
1 'Structure model' 1 0 2008-03-04 
2 'Structure model' 1 1 2011-07-13 
3 'Structure model' 1 2 2023-10-25 
# 
_pdbx_audit_revision_details.ordinal             1 
_pdbx_audit_revision_details.revision_ordinal    1 
_pdbx_audit_revision_details.data_content_type   'Structure model' 
_pdbx_audit_revision_details.provider            repository 
_pdbx_audit_revision_details.type                'Initial release' 
_pdbx_audit_revision_details.description         ? 
_pdbx_audit_revision_details.details             ? 
# 
loop_
_pdbx_audit_revision_group.ordinal 
_pdbx_audit_revision_group.revision_ordinal 
_pdbx_audit_revision_group.data_content_type 
_pdbx_audit_revision_group.group 
1 2 'Structure model' 'Version format compliance' 
2 3 'Structure model' 'Data collection'           
3 3 'Structure model' 'Database references'       
4 3 'Structure model' 'Derived calculations'      
5 3 'Structure model' 'Refinement description'    
# 
loop_
_pdbx_audit_revision_category.ordinal 
_pdbx_audit_revision_category.revision_ordinal 
_pdbx_audit_revision_category.data_content_type 
_pdbx_audit_revision_category.category 
1 3 'Structure model' chem_comp_atom                
2 3 'Structure model' chem_comp_bond                
3 3 'Structure model' database_2                    
4 3 'Structure model' pdbx_initial_refinement_model 
5 3 'Structure model' struct_ref_seq_dif            
6 3 'Structure model' struct_site                   
# 
loop_
_pdbx_audit_revision_item.ordinal 
_pdbx_audit_revision_item.revision_ordinal 
_pdbx_audit_revision_item.data_content_type 
_pdbx_audit_revision_item.item 
1 3 'Structure model' '_database_2.pdbx_DOI'                
2 3 'Structure model' '_database_2.pdbx_database_accession' 
3 3 'Structure model' '_struct_ref_seq_dif.details'         
4 3 'Structure model' '_struct_site.pdbx_auth_asym_id'      
5 3 'Structure model' '_struct_site.pdbx_auth_comp_id'      
6 3 'Structure model' '_struct_site.pdbx_auth_seq_id'       
# 
loop_
_software.name 
_software.classification 
_software.version 
_software.citation_id 
_software.pdbx_ordinal 
CNS       refinement        1.1 ? 1 
HKL-2000  'data collection' .   ? 2 
HKL-2000  'data reduction'  .   ? 3 
SCALEPACK 'data scaling'    .   ? 4 
CNS       phasing           .   ? 5 
# 
loop_
_pdbx_validate_close_contact.id 
_pdbx_validate_close_contact.PDB_model_num 
_pdbx_validate_close_contact.auth_atom_id_1 
_pdbx_validate_close_contact.auth_asym_id_1 
_pdbx_validate_close_contact.auth_comp_id_1 
_pdbx_validate_close_contact.auth_seq_id_1 
_pdbx_validate_close_contact.PDB_ins_code_1 
_pdbx_validate_close_contact.label_alt_id_1 
_pdbx_validate_close_contact.auth_atom_id_2 
_pdbx_validate_close_contact.auth_asym_id_2 
_pdbx_validate_close_contact.auth_comp_id_2 
_pdbx_validate_close_contact.auth_seq_id_2 
_pdbx_validate_close_contact.PDB_ins_code_2 
_pdbx_validate_close_contact.label_alt_id_2 
_pdbx_validate_close_contact.dist 
1 1 O2 A SO4 501 ? ? O A HOH 647 ? ? 1.99 
2 1 O  A HOH 659 ? ? O A HOH 710 ? ? 2.16 
# 
loop_
_pdbx_validate_symm_contact.id 
_pdbx_validate_symm_contact.PDB_model_num 
_pdbx_validate_symm_contact.auth_atom_id_1 
_pdbx_validate_symm_contact.auth_asym_id_1 
_pdbx_validate_symm_contact.auth_comp_id_1 
_pdbx_validate_symm_contact.auth_seq_id_1 
_pdbx_validate_symm_contact.PDB_ins_code_1 
_pdbx_validate_symm_contact.label_alt_id_1 
_pdbx_validate_symm_contact.site_symmetry_1 
_pdbx_validate_symm_contact.auth_atom_id_2 
_pdbx_validate_symm_contact.auth_asym_id_2 
_pdbx_validate_symm_contact.auth_comp_id_2 
_pdbx_validate_symm_contact.auth_seq_id_2 
_pdbx_validate_symm_contact.PDB_ins_code_2 
_pdbx_validate_symm_contact.label_alt_id_2 
_pdbx_validate_symm_contact.site_symmetry_2 
_pdbx_validate_symm_contact.dist 
1 1 OE2 A GLU 181 ? ? 1_555 O A HOH 707 ? ? 4_465 0.73 
2 1 CD  A GLU 181 ? ? 1_555 O A HOH 707 ? ? 4_465 1.60 
3 1 O1  A SO4 503 ? ? 1_555 O A HOH 590 ? ? 4_565 2.07 
# 
loop_
_pdbx_validate_torsion.id 
_pdbx_validate_torsion.PDB_model_num 
_pdbx_validate_torsion.auth_comp_id 
_pdbx_validate_torsion.auth_asym_id 
_pdbx_validate_torsion.auth_seq_id 
_pdbx_validate_torsion.PDB_ins_code 
_pdbx_validate_torsion.label_alt_id 
_pdbx_validate_torsion.phi 
_pdbx_validate_torsion.psi 
1 1 ASP A 118 ? ? -97.82 46.11   
2 1 ASN A 149 ? ? 55.34  -136.53 
# 
loop_
_pdbx_unobs_or_zero_occ_residues.id 
_pdbx_unobs_or_zero_occ_residues.PDB_model_num 
_pdbx_unobs_or_zero_occ_residues.polymer_flag 
_pdbx_unobs_or_zero_occ_residues.occupancy_flag 
_pdbx_unobs_or_zero_occ_residues.auth_asym_id 
_pdbx_unobs_or_zero_occ_residues.auth_comp_id 
_pdbx_unobs_or_zero_occ_residues.auth_seq_id 
_pdbx_unobs_or_zero_occ_residues.PDB_ins_code 
_pdbx_unobs_or_zero_occ_residues.label_asym_id 
_pdbx_unobs_or_zero_occ_residues.label_comp_id 
_pdbx_unobs_or_zero_occ_residues.label_seq_id 
1 1 Y 1 A SER 79 ? A SER 79 
2 1 Y 1 A ASN 80 ? A ASN 80 
3 1 Y 1 A ASP 81 ? A ASP 81 
4 1 Y 1 A PRO 82 ? A PRO 82 
5 1 Y 1 A GLU 83 ? A GLU 83 
6 1 Y 1 A ASN 84 ? A ASN 84 
7 1 Y 1 A GLU 85 ? A GLU 85 
8 1 Y 1 A THR 86 ? A THR 86 
9 1 Y 1 A PRO 87 ? A PRO 87 
# 
loop_
_chem_comp_atom.comp_id 
_chem_comp_atom.atom_id 
_chem_comp_atom.type_symbol 
_chem_comp_atom.pdbx_aromatic_flag 
_chem_comp_atom.pdbx_stereo_config 
_chem_comp_atom.pdbx_ordinal 
ALA N    N  N N 1   
ALA CA   C  N S 2   
ALA C    C  N N 3   
ALA O    O  N N 4   
ALA CB   C  N N 5   
ALA OXT  O  N N 6   
ALA H    H  N N 7   
ALA H2   H  N N 8   
ALA HA   H  N N 9   
ALA HB1  H  N N 10  
ALA HB2  H  N N 11  
ALA HB3  H  N N 12  
ALA HXT  H  N N 13  
ARG N    N  N N 14  
ARG CA   C  N S 15  
ARG C    C  N N 16  
ARG O    O  N N 17  
ARG CB   C  N N 18  
ARG CG   C  N N 19  
ARG CD   C  N N 20  
ARG NE   N  N N 21  
ARG CZ   C  N N 22  
ARG NH1  N  N N 23  
ARG NH2  N  N N 24  
ARG OXT  O  N N 25  
ARG H    H  N N 26  
ARG H2   H  N N 27  
ARG HA   H  N N 28  
ARG HB2  H  N N 29  
ARG HB3  H  N N 30  
ARG HG2  H  N N 31  
ARG HG3  H  N N 32  
ARG HD2  H  N N 33  
ARG HD3  H  N N 34  
ARG HE   H  N N 35  
ARG HH11 H  N N 36  
ARG HH12 H  N N 37  
ARG HH21 H  N N 38  
ARG HH22 H  N N 39  
ARG HXT  H  N N 40  
ASN N    N  N N 41  
ASN CA   C  N S 42  
ASN C    C  N N 43  
ASN O    O  N N 44  
ASN CB   C  N N 45  
ASN CG   C  N N 46  
ASN OD1  O  N N 47  
ASN ND2  N  N N 48  
ASN OXT  O  N N 49  
ASN H    H  N N 50  
ASN H2   H  N N 51  
ASN HA   H  N N 52  
ASN HB2  H  N N 53  
ASN HB3  H  N N 54  
ASN HD21 H  N N 55  
ASN HD22 H  N N 56  
ASN HXT  H  N N 57  
ASP N    N  N N 58  
ASP CA   C  N S 59  
ASP C    C  N N 60  
ASP O    O  N N 61  
ASP CB   C  N N 62  
ASP CG   C  N N 63  
ASP OD1  O  N N 64  
ASP OD2  O  N N 65  
ASP OXT  O  N N 66  
ASP H    H  N N 67  
ASP H2   H  N N 68  
ASP HA   H  N N 69  
ASP HB2  H  N N 70  
ASP HB3  H  N N 71  
ASP HD2  H  N N 72  
ASP HXT  H  N N 73  
BB2 C5   C  N N 74  
BB2 C3   C  N N 75  
BB2 O4   O  N N 76  
BB2 N1   N  N N 77  
BB2 O2   O  N N 78  
BB2 C6   C  N R 79  
BB2 C12  C  N N 80  
BB2 O13  O  N N 81  
BB2 C7   C  N N 82  
BB2 C8   C  N N 83  
BB2 C9   C  N N 84  
BB2 C10  C  N N 85  
BB2 C11  C  N N 86  
BB2 N14  N  N N 87  
BB2 C15  C  N S 88  
BB2 C16  C  N N 89  
BB2 C18  C  N N 90  
BB2 C17  C  N N 91  
BB2 C19  C  N N 92  
BB2 O20  O  N N 93  
BB2 N21  N  N N 94  
BB2 C22  C  N S 95  
BB2 C23  C  N N 96  
BB2 C24  C  N N 97  
BB2 C25  C  N N 98  
BB2 C26  C  N N 99  
BB2 O27  O  N N 100 
BB2 H51  H  N N 101 
BB2 H52  H  N N 102 
BB2 HN1  H  N N 103 
BB2 HO2  H  N N 104 
BB2 H6   H  N N 105 
BB2 H71  H  N N 106 
BB2 H72  H  N N 107 
BB2 H81  H  N N 108 
BB2 H82  H  N N 109 
BB2 H91  H  N N 110 
BB2 H92  H  N N 111 
BB2 H101 H  N N 112 
BB2 H102 H  N N 113 
BB2 H111 H  N N 114 
BB2 H112 H  N N 115 
BB2 H113 H  N N 116 
BB2 H14  H  N N 117 
BB2 H15  H  N N 118 
BB2 H16  H  N N 119 
BB2 H181 H  N N 120 
BB2 H182 H  N N 121 
BB2 H183 H  N N 122 
BB2 H171 H  N N 123 
BB2 H172 H  N N 124 
BB2 H173 H  N N 125 
BB2 H22  H  N N 126 
BB2 H231 H  N N 127 
BB2 H232 H  N N 128 
BB2 H241 H  N N 129 
BB2 H242 H  N N 130 
BB2 H251 H  N N 131 
BB2 H252 H  N N 132 
BB2 H261 H  N N 133 
BB2 H262 H  N N 134 
BB2 H27  H  N N 135 
CYS N    N  N N 136 
CYS CA   C  N R 137 
CYS C    C  N N 138 
CYS O    O  N N 139 
CYS CB   C  N N 140 
CYS SG   S  N N 141 
CYS OXT  O  N N 142 
CYS H    H  N N 143 
CYS H2   H  N N 144 
CYS HA   H  N N 145 
CYS HB2  H  N N 146 
CYS HB3  H  N N 147 
CYS HG   H  N N 148 
CYS HXT  H  N N 149 
GLN N    N  N N 150 
GLN CA   C  N S 151 
GLN C    C  N N 152 
GLN O    O  N N 153 
GLN CB   C  N N 154 
GLN CG   C  N N 155 
GLN CD   C  N N 156 
GLN OE1  O  N N 157 
GLN NE2  N  N N 158 
GLN OXT  O  N N 159 
GLN H    H  N N 160 
GLN H2   H  N N 161 
GLN HA   H  N N 162 
GLN HB2  H  N N 163 
GLN HB3  H  N N 164 
GLN HG2  H  N N 165 
GLN HG3  H  N N 166 
GLN HE21 H  N N 167 
GLN HE22 H  N N 168 
GLN HXT  H  N N 169 
GLU N    N  N N 170 
GLU CA   C  N S 171 
GLU C    C  N N 172 
GLU O    O  N N 173 
GLU CB   C  N N 174 
GLU CG   C  N N 175 
GLU CD   C  N N 176 
GLU OE1  O  N N 177 
GLU OE2  O  N N 178 
GLU OXT  O  N N 179 
GLU H    H  N N 180 
GLU H2   H  N N 181 
GLU HA   H  N N 182 
GLU HB2  H  N N 183 
GLU HB3  H  N N 184 
GLU HG2  H  N N 185 
GLU HG3  H  N N 186 
GLU HE2  H  N N 187 
GLU HXT  H  N N 188 
GLY N    N  N N 189 
GLY CA   C  N N 190 
GLY C    C  N N 191 
GLY O    O  N N 192 
GLY OXT  O  N N 193 
GLY H    H  N N 194 
GLY H2   H  N N 195 
GLY HA2  H  N N 196 
GLY HA3  H  N N 197 
GLY HXT  H  N N 198 
HIS N    N  N N 199 
HIS CA   C  N S 200 
HIS C    C  N N 201 
HIS O    O  N N 202 
HIS CB   C  N N 203 
HIS CG   C  Y N 204 
HIS ND1  N  Y N 205 
HIS CD2  C  Y N 206 
HIS CE1  C  Y N 207 
HIS NE2  N  Y N 208 
HIS OXT  O  N N 209 
HIS H    H  N N 210 
HIS H2   H  N N 211 
HIS HA   H  N N 212 
HIS HB2  H  N N 213 
HIS HB3  H  N N 214 
HIS HD1  H  N N 215 
HIS HD2  H  N N 216 
HIS HE1  H  N N 217 
HIS HE2  H  N N 218 
HIS HXT  H  N N 219 
HOH O    O  N N 220 
HOH H1   H  N N 221 
HOH H2   H  N N 222 
ILE N    N  N N 223 
ILE CA   C  N S 224 
ILE C    C  N N 225 
ILE O    O  N N 226 
ILE CB   C  N S 227 
ILE CG1  C  N N 228 
ILE CG2  C  N N 229 
ILE CD1  C  N N 230 
ILE OXT  O  N N 231 
ILE H    H  N N 232 
ILE H2   H  N N 233 
ILE HA   H  N N 234 
ILE HB   H  N N 235 
ILE HG12 H  N N 236 
ILE HG13 H  N N 237 
ILE HG21 H  N N 238 
ILE HG22 H  N N 239 
ILE HG23 H  N N 240 
ILE HD11 H  N N 241 
ILE HD12 H  N N 242 
ILE HD13 H  N N 243 
ILE HXT  H  N N 244 
LEU N    N  N N 245 
LEU CA   C  N S 246 
LEU C    C  N N 247 
LEU O    O  N N 248 
LEU CB   C  N N 249 
LEU CG   C  N N 250 
LEU CD1  C  N N 251 
LEU CD2  C  N N 252 
LEU OXT  O  N N 253 
LEU H    H  N N 254 
LEU H2   H  N N 255 
LEU HA   H  N N 256 
LEU HB2  H  N N 257 
LEU HB3  H  N N 258 
LEU HG   H  N N 259 
LEU HD11 H  N N 260 
LEU HD12 H  N N 261 
LEU HD13 H  N N 262 
LEU HD21 H  N N 263 
LEU HD22 H  N N 264 
LEU HD23 H  N N 265 
LEU HXT  H  N N 266 
LYS N    N  N N 267 
LYS CA   C  N S 268 
LYS C    C  N N 269 
LYS O    O  N N 270 
LYS CB   C  N N 271 
LYS CG   C  N N 272 
LYS CD   C  N N 273 
LYS CE   C  N N 274 
LYS NZ   N  N N 275 
LYS OXT  O  N N 276 
LYS H    H  N N 277 
LYS H2   H  N N 278 
LYS HA   H  N N 279 
LYS HB2  H  N N 280 
LYS HB3  H  N N 281 
LYS HG2  H  N N 282 
LYS HG3  H  N N 283 
LYS HD2  H  N N 284 
LYS HD3  H  N N 285 
LYS HE2  H  N N 286 
LYS HE3  H  N N 287 
LYS HZ1  H  N N 288 
LYS HZ2  H  N N 289 
LYS HZ3  H  N N 290 
LYS HXT  H  N N 291 
MET N    N  N N 292 
MET CA   C  N S 293 
MET C    C  N N 294 
MET O    O  N N 295 
MET CB   C  N N 296 
MET CG   C  N N 297 
MET SD   S  N N 298 
MET CE   C  N N 299 
MET OXT  O  N N 300 
MET H    H  N N 301 
MET H2   H  N N 302 
MET HA   H  N N 303 
MET HB2  H  N N 304 
MET HB3  H  N N 305 
MET HG2  H  N N 306 
MET HG3  H  N N 307 
MET HE1  H  N N 308 
MET HE2  H  N N 309 
MET HE3  H  N N 310 
MET HXT  H  N N 311 
NI  NI   NI N N 312 
PHE N    N  N N 313 
PHE CA   C  N S 314 
PHE C    C  N N 315 
PHE O    O  N N 316 
PHE CB   C  N N 317 
PHE CG   C  Y N 318 
PHE CD1  C  Y N 319 
PHE CD2  C  Y N 320 
PHE CE1  C  Y N 321 
PHE CE2  C  Y N 322 
PHE CZ   C  Y N 323 
PHE OXT  O  N N 324 
PHE H    H  N N 325 
PHE H2   H  N N 326 
PHE HA   H  N N 327 
PHE HB2  H  N N 328 
PHE HB3  H  N N 329 
PHE HD1  H  N N 330 
PHE HD2  H  N N 331 
PHE HE1  H  N N 332 
PHE HE2  H  N N 333 
PHE HZ   H  N N 334 
PHE HXT  H  N N 335 
PRO N    N  N N 336 
PRO CA   C  N S 337 
PRO C    C  N N 338 
PRO O    O  N N 339 
PRO CB   C  N N 340 
PRO CG   C  N N 341 
PRO CD   C  N N 342 
PRO OXT  O  N N 343 
PRO H    H  N N 344 
PRO HA   H  N N 345 
PRO HB2  H  N N 346 
PRO HB3  H  N N 347 
PRO HG2  H  N N 348 
PRO HG3  H  N N 349 
PRO HD2  H  N N 350 
PRO HD3  H  N N 351 
PRO HXT  H  N N 352 
SER N    N  N N 353 
SER CA   C  N S 354 
SER C    C  N N 355 
SER O    O  N N 356 
SER CB   C  N N 357 
SER OG   O  N N 358 
SER OXT  O  N N 359 
SER H    H  N N 360 
SER H2   H  N N 361 
SER HA   H  N N 362 
SER HB2  H  N N 363 
SER HB3  H  N N 364 
SER HG   H  N N 365 
SER HXT  H  N N 366 
SO4 S    S  N N 367 
SO4 O1   O  N N 368 
SO4 O2   O  N N 369 
SO4 O3   O  N N 370 
SO4 O4   O  N N 371 
THR N    N  N N 372 
THR CA   C  N S 373 
THR C    C  N N 374 
THR O    O  N N 375 
THR CB   C  N R 376 
THR OG1  O  N N 377 
THR CG2  C  N N 378 
THR OXT  O  N N 379 
THR H    H  N N 380 
THR H2   H  N N 381 
THR HA   H  N N 382 
THR HB   H  N N 383 
THR HG1  H  N N 384 
THR HG21 H  N N 385 
THR HG22 H  N N 386 
THR HG23 H  N N 387 
THR HXT  H  N N 388 
TYR N    N  N N 389 
TYR CA   C  N S 390 
TYR C    C  N N 391 
TYR O    O  N N 392 
TYR CB   C  N N 393 
TYR CG   C  Y N 394 
TYR CD1  C  Y N 395 
TYR CD2  C  Y N 396 
TYR CE1  C  Y N 397 
TYR CE2  C  Y N 398 
TYR CZ   C  Y N 399 
TYR OH   O  N N 400 
TYR OXT  O  N N 401 
TYR H    H  N N 402 
TYR H2   H  N N 403 
TYR HA   H  N N 404 
TYR HB2  H  N N 405 
TYR HB3  H  N N 406 
TYR HD1  H  N N 407 
TYR HD2  H  N N 408 
TYR HE1  H  N N 409 
TYR HE2  H  N N 410 
TYR HH   H  N N 411 
TYR HXT  H  N N 412 
VAL N    N  N N 413 
VAL CA   C  N S 414 
VAL C    C  N N 415 
VAL O    O  N N 416 
VAL CB   C  N N 417 
VAL CG1  C  N N 418 
VAL CG2  C  N N 419 
VAL OXT  O  N N 420 
VAL H    H  N N 421 
VAL H2   H  N N 422 
VAL HA   H  N N 423 
VAL HB   H  N N 424 
VAL HG11 H  N N 425 
VAL HG12 H  N N 426 
VAL HG13 H  N N 427 
VAL HG21 H  N N 428 
VAL HG22 H  N N 429 
VAL HG23 H  N N 430 
VAL HXT  H  N N 431 
# 
loop_
_chem_comp_bond.comp_id 
_chem_comp_bond.atom_id_1 
_chem_comp_bond.atom_id_2 
_chem_comp_bond.value_order 
_chem_comp_bond.pdbx_aromatic_flag 
_chem_comp_bond.pdbx_stereo_config 
_chem_comp_bond.pdbx_ordinal 
ALA N   CA   sing N N 1   
ALA N   H    sing N N 2   
ALA N   H2   sing N N 3   
ALA CA  C    sing N N 4   
ALA CA  CB   sing N N 5   
ALA CA  HA   sing N N 6   
ALA C   O    doub N N 7   
ALA C   OXT  sing N N 8   
ALA CB  HB1  sing N N 9   
ALA CB  HB2  sing N N 10  
ALA CB  HB3  sing N N 11  
ALA OXT HXT  sing N N 12  
ARG N   CA   sing N N 13  
ARG N   H    sing N N 14  
ARG N   H2   sing N N 15  
ARG CA  C    sing N N 16  
ARG CA  CB   sing N N 17  
ARG CA  HA   sing N N 18  
ARG C   O    doub N N 19  
ARG C   OXT  sing N N 20  
ARG CB  CG   sing N N 21  
ARG CB  HB2  sing N N 22  
ARG CB  HB3  sing N N 23  
ARG CG  CD   sing N N 24  
ARG CG  HG2  sing N N 25  
ARG CG  HG3  sing N N 26  
ARG CD  NE   sing N N 27  
ARG CD  HD2  sing N N 28  
ARG CD  HD3  sing N N 29  
ARG NE  CZ   sing N N 30  
ARG NE  HE   sing N N 31  
ARG CZ  NH1  sing N N 32  
ARG CZ  NH2  doub N N 33  
ARG NH1 HH11 sing N N 34  
ARG NH1 HH12 sing N N 35  
ARG NH2 HH21 sing N N 36  
ARG NH2 HH22 sing N N 37  
ARG OXT HXT  sing N N 38  
ASN N   CA   sing N N 39  
ASN N   H    sing N N 40  
ASN N   H2   sing N N 41  
ASN CA  C    sing N N 42  
ASN CA  CB   sing N N 43  
ASN CA  HA   sing N N 44  
ASN C   O    doub N N 45  
ASN C   OXT  sing N N 46  
ASN CB  CG   sing N N 47  
ASN CB  HB2  sing N N 48  
ASN CB  HB3  sing N N 49  
ASN CG  OD1  doub N N 50  
ASN CG  ND2  sing N N 51  
ASN ND2 HD21 sing N N 52  
ASN ND2 HD22 sing N N 53  
ASN OXT HXT  sing N N 54  
ASP N   CA   sing N N 55  
ASP N   H    sing N N 56  
ASP N   H2   sing N N 57  
ASP CA  C    sing N N 58  
ASP CA  CB   sing N N 59  
ASP CA  HA   sing N N 60  
ASP C   O    doub N N 61  
ASP C   OXT  sing N N 62  
ASP CB  CG   sing N N 63  
ASP CB  HB2  sing N N 64  
ASP CB  HB3  sing N N 65  
ASP CG  OD1  doub N N 66  
ASP CG  OD2  sing N N 67  
ASP OD2 HD2  sing N N 68  
ASP OXT HXT  sing N N 69  
BB2 C5  C3   sing N N 70  
BB2 C5  C6   sing N N 71  
BB2 C5  H51  sing N N 72  
BB2 C5  H52  sing N N 73  
BB2 C3  O4   doub N N 74  
BB2 C3  N1   sing N N 75  
BB2 N1  O2   sing N N 76  
BB2 N1  HN1  sing N N 77  
BB2 O2  HO2  sing N N 78  
BB2 C6  C12  sing N N 79  
BB2 C6  C7   sing N N 80  
BB2 C6  H6   sing N N 81  
BB2 C12 O13  doub N N 82  
BB2 C12 N14  sing N N 83  
BB2 C7  C8   sing N N 84  
BB2 C7  H71  sing N N 85  
BB2 C7  H72  sing N N 86  
BB2 C8  C9   sing N N 87  
BB2 C8  H81  sing N N 88  
BB2 C8  H82  sing N N 89  
BB2 C9  C10  sing N N 90  
BB2 C9  H91  sing N N 91  
BB2 C9  H92  sing N N 92  
BB2 C10 C11  sing N N 93  
BB2 C10 H101 sing N N 94  
BB2 C10 H102 sing N N 95  
BB2 C11 H111 sing N N 96  
BB2 C11 H112 sing N N 97  
BB2 C11 H113 sing N N 98  
BB2 N14 C15  sing N N 99  
BB2 N14 H14  sing N N 100 
BB2 C15 C16  sing N N 101 
BB2 C15 C19  sing N N 102 
BB2 C15 H15  sing N N 103 
BB2 C16 C18  sing N N 104 
BB2 C16 C17  sing N N 105 
BB2 C16 H16  sing N N 106 
BB2 C18 H181 sing N N 107 
BB2 C18 H182 sing N N 108 
BB2 C18 H183 sing N N 109 
BB2 C17 H171 sing N N 110 
BB2 C17 H172 sing N N 111 
BB2 C17 H173 sing N N 112 
BB2 C19 O20  doub N N 113 
BB2 C19 N21  sing N N 114 
BB2 N21 C22  sing N N 115 
BB2 N21 C23  sing N N 116 
BB2 C22 C25  sing N N 117 
BB2 C22 C26  sing N N 118 
BB2 C22 H22  sing N N 119 
BB2 C23 C24  sing N N 120 
BB2 C23 H231 sing N N 121 
BB2 C23 H232 sing N N 122 
BB2 C24 C25  sing N N 123 
BB2 C24 H241 sing N N 124 
BB2 C24 H242 sing N N 125 
BB2 C25 H251 sing N N 126 
BB2 C25 H252 sing N N 127 
BB2 C26 O27  sing N N 128 
BB2 C26 H261 sing N N 129 
BB2 C26 H262 sing N N 130 
BB2 O27 H27  sing N N 131 
CYS N   CA   sing N N 132 
CYS N   H    sing N N 133 
CYS N   H2   sing N N 134 
CYS CA  C    sing N N 135 
CYS CA  CB   sing N N 136 
CYS CA  HA   sing N N 137 
CYS C   O    doub N N 138 
CYS C   OXT  sing N N 139 
CYS CB  SG   sing N N 140 
CYS CB  HB2  sing N N 141 
CYS CB  HB3  sing N N 142 
CYS SG  HG   sing N N 143 
CYS OXT HXT  sing N N 144 
GLN N   CA   sing N N 145 
GLN N   H    sing N N 146 
GLN N   H2   sing N N 147 
GLN CA  C    sing N N 148 
GLN CA  CB   sing N N 149 
GLN CA  HA   sing N N 150 
GLN C   O    doub N N 151 
GLN C   OXT  sing N N 152 
GLN CB  CG   sing N N 153 
GLN CB  HB2  sing N N 154 
GLN CB  HB3  sing N N 155 
GLN CG  CD   sing N N 156 
GLN CG  HG2  sing N N 157 
GLN CG  HG3  sing N N 158 
GLN CD  OE1  doub N N 159 
GLN CD  NE2  sing N N 160 
GLN NE2 HE21 sing N N 161 
GLN NE2 HE22 sing N N 162 
GLN OXT HXT  sing N N 163 
GLU N   CA   sing N N 164 
GLU N   H    sing N N 165 
GLU N   H2   sing N N 166 
GLU CA  C    sing N N 167 
GLU CA  CB   sing N N 168 
GLU CA  HA   sing N N 169 
GLU C   O    doub N N 170 
GLU C   OXT  sing N N 171 
GLU CB  CG   sing N N 172 
GLU CB  HB2  sing N N 173 
GLU CB  HB3  sing N N 174 
GLU CG  CD   sing N N 175 
GLU CG  HG2  sing N N 176 
GLU CG  HG3  sing N N 177 
GLU CD  OE1  doub N N 178 
GLU CD  OE2  sing N N 179 
GLU OE2 HE2  sing N N 180 
GLU OXT HXT  sing N N 181 
GLY N   CA   sing N N 182 
GLY N   H    sing N N 183 
GLY N   H2   sing N N 184 
GLY CA  C    sing N N 185 
GLY CA  HA2  sing N N 186 
GLY CA  HA3  sing N N 187 
GLY C   O    doub N N 188 
GLY C   OXT  sing N N 189 
GLY OXT HXT  sing N N 190 
HIS N   CA   sing N N 191 
HIS N   H    sing N N 192 
HIS N   H2   sing N N 193 
HIS CA  C    sing N N 194 
HIS CA  CB   sing N N 195 
HIS CA  HA   sing N N 196 
HIS C   O    doub N N 197 
HIS C   OXT  sing N N 198 
HIS CB  CG   sing N N 199 
HIS CB  HB2  sing N N 200 
HIS CB  HB3  sing N N 201 
HIS CG  ND1  sing Y N 202 
HIS CG  CD2  doub Y N 203 
HIS ND1 CE1  doub Y N 204 
HIS ND1 HD1  sing N N 205 
HIS CD2 NE2  sing Y N 206 
HIS CD2 HD2  sing N N 207 
HIS CE1 NE2  sing Y N 208 
HIS CE1 HE1  sing N N 209 
HIS NE2 HE2  sing N N 210 
HIS OXT HXT  sing N N 211 
HOH O   H1   sing N N 212 
HOH O   H2   sing N N 213 
ILE N   CA   sing N N 214 
ILE N   H    sing N N 215 
ILE N   H2   sing N N 216 
ILE CA  C    sing N N 217 
ILE CA  CB   sing N N 218 
ILE CA  HA   sing N N 219 
ILE C   O    doub N N 220 
ILE C   OXT  sing N N 221 
ILE CB  CG1  sing N N 222 
ILE CB  CG2  sing N N 223 
ILE CB  HB   sing N N 224 
ILE CG1 CD1  sing N N 225 
ILE CG1 HG12 sing N N 226 
ILE CG1 HG13 sing N N 227 
ILE CG2 HG21 sing N N 228 
ILE CG2 HG22 sing N N 229 
ILE CG2 HG23 sing N N 230 
ILE CD1 HD11 sing N N 231 
ILE CD1 HD12 sing N N 232 
ILE CD1 HD13 sing N N 233 
ILE OXT HXT  sing N N 234 
LEU N   CA   sing N N 235 
LEU N   H    sing N N 236 
LEU N   H2   sing N N 237 
LEU CA  C    sing N N 238 
LEU CA  CB   sing N N 239 
LEU CA  HA   sing N N 240 
LEU C   O    doub N N 241 
LEU C   OXT  sing N N 242 
LEU CB  CG   sing N N 243 
LEU CB  HB2  sing N N 244 
LEU CB  HB3  sing N N 245 
LEU CG  CD1  sing N N 246 
LEU CG  CD2  sing N N 247 
LEU CG  HG   sing N N 248 
LEU CD1 HD11 sing N N 249 
LEU CD1 HD12 sing N N 250 
LEU CD1 HD13 sing N N 251 
LEU CD2 HD21 sing N N 252 
LEU CD2 HD22 sing N N 253 
LEU CD2 HD23 sing N N 254 
LEU OXT HXT  sing N N 255 
LYS N   CA   sing N N 256 
LYS N   H    sing N N 257 
LYS N   H2   sing N N 258 
LYS CA  C    sing N N 259 
LYS CA  CB   sing N N 260 
LYS CA  HA   sing N N 261 
LYS C   O    doub N N 262 
LYS C   OXT  sing N N 263 
LYS CB  CG   sing N N 264 
LYS CB  HB2  sing N N 265 
LYS CB  HB3  sing N N 266 
LYS CG  CD   sing N N 267 
LYS CG  HG2  sing N N 268 
LYS CG  HG3  sing N N 269 
LYS CD  CE   sing N N 270 
LYS CD  HD2  sing N N 271 
LYS CD  HD3  sing N N 272 
LYS CE  NZ   sing N N 273 
LYS CE  HE2  sing N N 274 
LYS CE  HE3  sing N N 275 
LYS NZ  HZ1  sing N N 276 
LYS NZ  HZ2  sing N N 277 
LYS NZ  HZ3  sing N N 278 
LYS OXT HXT  sing N N 279 
MET N   CA   sing N N 280 
MET N   H    sing N N 281 
MET N   H2   sing N N 282 
MET CA  C    sing N N 283 
MET CA  CB   sing N N 284 
MET CA  HA   sing N N 285 
MET C   O    doub N N 286 
MET C   OXT  sing N N 287 
MET CB  CG   sing N N 288 
MET CB  HB2  sing N N 289 
MET CB  HB3  sing N N 290 
MET CG  SD   sing N N 291 
MET CG  HG2  sing N N 292 
MET CG  HG3  sing N N 293 
MET SD  CE   sing N N 294 
MET CE  HE1  sing N N 295 
MET CE  HE2  sing N N 296 
MET CE  HE3  sing N N 297 
MET OXT HXT  sing N N 298 
PHE N   CA   sing N N 299 
PHE N   H    sing N N 300 
PHE N   H2   sing N N 301 
PHE CA  C    sing N N 302 
PHE CA  CB   sing N N 303 
PHE CA  HA   sing N N 304 
PHE C   O    doub N N 305 
PHE C   OXT  sing N N 306 
PHE CB  CG   sing N N 307 
PHE CB  HB2  sing N N 308 
PHE CB  HB3  sing N N 309 
PHE CG  CD1  doub Y N 310 
PHE CG  CD2  sing Y N 311 
PHE CD1 CE1  sing Y N 312 
PHE CD1 HD1  sing N N 313 
PHE CD2 CE2  doub Y N 314 
PHE CD2 HD2  sing N N 315 
PHE CE1 CZ   doub Y N 316 
PHE CE1 HE1  sing N N 317 
PHE CE2 CZ   sing Y N 318 
PHE CE2 HE2  sing N N 319 
PHE CZ  HZ   sing N N 320 
PHE OXT HXT  sing N N 321 
PRO N   CA   sing N N 322 
PRO N   CD   sing N N 323 
PRO N   H    sing N N 324 
PRO CA  C    sing N N 325 
PRO CA  CB   sing N N 326 
PRO CA  HA   sing N N 327 
PRO C   O    doub N N 328 
PRO C   OXT  sing N N 329 
PRO CB  CG   sing N N 330 
PRO CB  HB2  sing N N 331 
PRO CB  HB3  sing N N 332 
PRO CG  CD   sing N N 333 
PRO CG  HG2  sing N N 334 
PRO CG  HG3  sing N N 335 
PRO CD  HD2  sing N N 336 
PRO CD  HD3  sing N N 337 
PRO OXT HXT  sing N N 338 
SER N   CA   sing N N 339 
SER N   H    sing N N 340 
SER N   H2   sing N N 341 
SER CA  C    sing N N 342 
SER CA  CB   sing N N 343 
SER CA  HA   sing N N 344 
SER C   O    doub N N 345 
SER C   OXT  sing N N 346 
SER CB  OG   sing N N 347 
SER CB  HB2  sing N N 348 
SER CB  HB3  sing N N 349 
SER OG  HG   sing N N 350 
SER OXT HXT  sing N N 351 
SO4 S   O1   doub N N 352 
SO4 S   O2   doub N N 353 
SO4 S   O3   sing N N 354 
SO4 S   O4   sing N N 355 
THR N   CA   sing N N 356 
THR N   H    sing N N 357 
THR N   H2   sing N N 358 
THR CA  C    sing N N 359 
THR CA  CB   sing N N 360 
THR CA  HA   sing N N 361 
THR C   O    doub N N 362 
THR C   OXT  sing N N 363 
THR CB  OG1  sing N N 364 
THR CB  CG2  sing N N 365 
THR CB  HB   sing N N 366 
THR OG1 HG1  sing N N 367 
THR CG2 HG21 sing N N 368 
THR CG2 HG22 sing N N 369 
THR CG2 HG23 sing N N 370 
THR OXT HXT  sing N N 371 
TYR N   CA   sing N N 372 
TYR N   H    sing N N 373 
TYR N   H2   sing N N 374 
TYR CA  C    sing N N 375 
TYR CA  CB   sing N N 376 
TYR CA  HA   sing N N 377 
TYR C   O    doub N N 378 
TYR C   OXT  sing N N 379 
TYR CB  CG   sing N N 380 
TYR CB  HB2  sing N N 381 
TYR CB  HB3  sing N N 382 
TYR CG  CD1  doub Y N 383 
TYR CG  CD2  sing Y N 384 
TYR CD1 CE1  sing Y N 385 
TYR CD1 HD1  sing N N 386 
TYR CD2 CE2  doub Y N 387 
TYR CD2 HD2  sing N N 388 
TYR CE1 CZ   doub Y N 389 
TYR CE1 HE1  sing N N 390 
TYR CE2 CZ   sing Y N 391 
TYR CE2 HE2  sing N N 392 
TYR CZ  OH   sing N N 393 
TYR OH  HH   sing N N 394 
TYR OXT HXT  sing N N 395 
VAL N   CA   sing N N 396 
VAL N   H    sing N N 397 
VAL N   H2   sing N N 398 
VAL CA  C    sing N N 399 
VAL CA  CB   sing N N 400 
VAL CA  HA   sing N N 401 
VAL C   O    doub N N 402 
VAL C   OXT  sing N N 403 
VAL CB  CG1  sing N N 404 
VAL CB  CG2  sing N N 405 
VAL CB  HB   sing N N 406 
VAL CG1 HG11 sing N N 407 
VAL CG1 HG12 sing N N 408 
VAL CG1 HG13 sing N N 409 
VAL CG2 HG21 sing N N 410 
VAL CG2 HG22 sing N N 411 
VAL CG2 HG23 sing N N 412 
VAL OXT HXT  sing N N 413 
# 
loop_
_pdbx_entity_nonpoly.entity_id 
_pdbx_entity_nonpoly.name 
_pdbx_entity_nonpoly.comp_id 
2 'NICKEL (II) ION' NI  
3 'SULFATE ION'     SO4 
4 ACTINONIN         BB2 
5 water             HOH 
# 
_pdbx_initial_refinement_model.id               1 
_pdbx_initial_refinement_model.entity_id_list   ? 
_pdbx_initial_refinement_model.type             'experimental model' 
_pdbx_initial_refinement_model.source_name      PDB 
_pdbx_initial_refinement_model.accession_code   1LQY 
_pdbx_initial_refinement_model.details          'PDB ENTRY 1LQY' 
# 
